data_4TN4
#
_entry.id   4TN4
#
_cell.length_a   100.412
_cell.length_b   57.989
_cell.length_c   236.955
_cell.angle_alpha   90.000
_cell.angle_beta   89.990
_cell.angle_gamma   90.000
#
_symmetry.space_group_name_H-M   'C 1 2 1'
#
loop_
_entity.id
_entity.type
_entity.pdbx_description
1 polymer 'Serine hydroxymethyltransferase'
2 non-polymer N-GLYCINE-[3-HYDROXY-2-METHYL-5-PHOSPHONOOXYMETHYL-PYRIDIN-4-YL-METHANE]
3 non-polymer BETA-MERCAPTOETHANOL
4 non-polymer "(4S)-6-amino-4-(5-cyano-3'-fluorobiphenyl-3-yl)-4-cyclobutyl-3-methyl-2,4-dihydropyrano[2,3-c]pyrazole-5-carbonitrile"
5 non-polymer 'CHLORIDE ION'
6 water water
#
_entity_poly.entity_id   1
_entity_poly.type   'polypeptide(L)'
_entity_poly.pdbx_seq_one_letter_code
;MFNNEPLEQIDKELHDILADEEKRQRETINLIASENLTNGAVRECLGNRVSNKYSEGYPKKRYYGGNDFIDKIEELCQKR
ALEAFNVSDEEWGVNVQPLSGSAANVQALYALVGVKGKIMGMHLCSGGHLTHGFFDEKKKVSITSDMFESKLYKCNSQGY
VDLDAVREMALSFKPKVIICGYTSYPRDIDYQQFRQICDEVNAYLFADISHISSFVACNILNNPFLHADVVTTTTHKILR
GPRSALIFFNKKRNPGIEQKINSAVFPSFQGGPHNNKIAAVACQLKEVHSPAFKEYTQQVLLNSKALAKALISKQIDLVT
NGTDNHLIVVDLRKFSITGSKLQETCNAINVSLNKNTIPSDVDCVSPSGVRIGTPAMTTRGAKEKDMEFIADVLARAIKI
TVDLQEQYGKKLVDFKKGLPGNAQLQQLKQEVVTWAGALPFP
;
_entity_poly.pdbx_strand_id   A,B,C
#
loop_
_chem_comp.id
_chem_comp.type
_chem_comp.name
_chem_comp.formula
33G non-polymer (4S)-6-amino-4-(5-cyano-3'-fluorobiphenyl-3-yl)-4-cyclobutyl-3-methyl-2,4-dihydropyrano[2,3-c]pyrazole-5-carbonitrile 'C25 H20 F N5 O'
BME non-polymer BETA-MERCAPTOETHANOL 'C2 H6 O S'
CL non-polymer 'CHLORIDE ION' 'Cl -1'
PLG non-polymer N-GLYCINE-[3-HYDROXY-2-METHYL-5-PHOSPHONOOXYMETHYL-PYRIDIN-4-YL-METHANE] 'C10 H15 N2 O7 P'
#
# COMPACT_ATOMS: atom_id res chain seq x y z
N MET A 1 9.57 13.23 -15.78
CA MET A 1 9.44 14.68 -15.50
C MET A 1 10.26 15.04 -14.26
N PHE A 2 11.57 14.97 -14.41
CA PHE A 2 12.52 15.33 -13.35
C PHE A 2 13.80 15.90 -13.98
N ASN A 3 14.70 16.43 -13.14
CA ASN A 3 15.99 16.93 -13.61
C ASN A 3 17.15 16.08 -13.10
N ASN A 4 17.79 15.35 -14.01
CA ASN A 4 18.81 14.36 -13.66
C ASN A 4 20.25 14.79 -13.89
N GLU A 5 20.46 16.08 -14.14
CA GLU A 5 21.81 16.62 -14.30
C GLU A 5 22.57 16.57 -12.98
N PRO A 6 23.87 16.18 -13.03
CA PRO A 6 24.74 16.04 -11.86
C PRO A 6 24.67 17.20 -10.89
N LEU A 7 24.95 16.92 -9.62
CA LEU A 7 24.91 17.91 -8.54
C LEU A 7 25.63 19.22 -8.87
N GLU A 8 26.80 19.10 -9.50
CA GLU A 8 27.62 20.24 -9.89
C GLU A 8 26.85 21.21 -10.81
N GLN A 9 26.23 20.68 -11.86
CA GLN A 9 25.45 21.51 -12.77
C GLN A 9 24.15 22.02 -12.14
N ILE A 10 23.41 21.14 -11.47
CA ILE A 10 22.12 21.48 -10.88
C ILE A 10 22.18 22.51 -9.74
N ASP A 11 23.16 22.37 -8.84
CA ASP A 11 23.27 23.28 -7.71
C ASP A 11 24.74 23.56 -7.38
N LYS A 12 25.44 24.19 -8.32
CA LYS A 12 26.86 24.51 -8.17
C LYS A 12 27.16 25.15 -6.82
N GLU A 13 26.31 26.08 -6.40
CA GLU A 13 26.48 26.76 -5.10
C GLU A 13 26.68 25.81 -3.93
N LEU A 14 25.88 24.73 -3.89
CA LEU A 14 26.00 23.72 -2.85
C LEU A 14 27.28 22.91 -3.09
N HIS A 15 27.51 22.51 -4.33
CA HIS A 15 28.63 21.67 -4.68
C HIS A 15 29.93 22.26 -4.21
N ASP A 16 30.01 23.60 -4.21
CA ASP A 16 31.24 24.32 -3.81
C ASP A 16 31.51 24.19 -2.34
N ILE A 17 30.47 24.44 -1.53
CA ILE A 17 30.57 24.38 -0.09
C ILE A 17 30.93 22.98 0.33
N LEU A 18 30.28 22.02 -0.30
CA LEU A 18 30.59 20.61 -0.10
C LEU A 18 32.01 20.27 -0.48
N ALA A 19 32.49 20.80 -1.60
CA ALA A 19 33.86 20.51 -2.03
C ALA A 19 34.86 21.14 -1.05
N ASP A 20 34.43 22.24 -0.43
CA ASP A 20 35.21 22.92 0.58
C ASP A 20 35.24 22.16 1.88
N GLU A 21 34.09 21.55 2.23
CA GLU A 21 33.98 20.74 3.44
C GLU A 21 34.95 19.60 3.33
N GLU A 22 35.00 19.00 2.14
CA GLU A 22 35.85 17.88 1.86
C GLU A 22 37.34 18.20 1.97
N LYS A 23 37.72 19.39 1.55
CA LYS A 23 39.10 19.84 1.63
C LYS A 23 39.46 20.10 3.11
N ARG A 24 38.57 20.79 3.82
CA ARG A 24 38.79 21.03 5.24
C ARG A 24 38.98 19.70 5.98
N GLN A 25 38.16 18.69 5.70
CA GLN A 25 38.32 17.40 6.36
C GLN A 25 39.65 16.73 6.03
N ARG A 26 40.07 16.85 4.79
CA ARG A 26 41.28 16.19 4.30
C ARG A 26 42.55 16.82 4.86
N GLU A 27 42.44 18.10 5.24
CA GLU A 27 43.57 18.92 5.60
C GLU A 27 43.58 19.22 7.10
N THR A 28 42.80 18.44 7.86
CA THR A 28 42.64 18.63 9.30
C THR A 28 43.23 17.44 10.04
N ILE A 29 43.85 17.70 11.20
CA ILE A 29 44.16 16.63 12.15
C ILE A 29 42.92 16.47 13.03
N ASN A 30 42.11 15.46 12.73
CA ASN A 30 40.82 15.27 13.41
C ASN A 30 40.93 14.40 14.66
N LEU A 31 40.86 15.06 15.82
CA LEU A 31 40.93 14.38 17.09
C LEU A 31 39.59 14.38 17.86
N ILE A 32 38.47 14.64 17.19
CA ILE A 32 37.15 14.52 17.84
C ILE A 32 36.88 13.06 18.16
N ALA A 33 36.67 12.73 19.41
CA ALA A 33 36.68 11.31 19.82
C ALA A 33 35.48 10.53 19.24
N SER A 34 34.43 11.27 18.89
CA SER A 34 33.20 10.69 18.33
C SER A 34 33.15 10.69 16.81
N GLU A 35 34.23 11.07 16.15
CA GLU A 35 34.19 11.20 14.70
C GLU A 35 34.99 10.13 14.00
N ASN A 36 34.63 9.88 12.76
CA ASN A 36 35.36 8.93 11.92
C ASN A 36 35.16 9.27 10.45
N LEU A 37 35.71 8.49 9.52
CA LEU A 37 35.47 8.71 8.10
C LEU A 37 34.93 7.43 7.49
N THR A 38 33.74 7.52 6.89
CA THR A 38 33.10 6.36 6.24
C THR A 38 33.80 6.01 4.94
N ASN A 39 33.85 4.72 4.61
CA ASN A 39 34.39 4.34 3.29
C ASN A 39 33.38 4.61 2.17
N GLY A 40 33.77 4.37 0.92
CA GLY A 40 32.97 4.72 -0.23
C GLY A 40 31.73 3.84 -0.37
N ALA A 41 31.86 2.57 0.01
CA ALA A 41 30.76 1.61 -0.01
C ALA A 41 29.63 2.00 0.94
N VAL A 42 29.98 2.51 2.12
CA VAL A 42 28.97 3.00 3.07
C VAL A 42 28.20 4.19 2.51
N ARG A 43 28.90 5.08 1.80
CA ARG A 43 28.29 6.24 1.17
C ARG A 43 27.49 5.95 -0.12
N GLU A 44 27.84 4.88 -0.84
CA GLU A 44 26.99 4.37 -1.93
C GLU A 44 25.63 3.89 -1.36
N CYS A 45 25.66 3.22 -0.21
CA CYS A 45 24.44 2.78 0.45
C CYS A 45 23.57 3.92 0.96
N LEU A 46 24.22 5.00 1.43
CA LEU A 46 23.45 6.14 1.92
C LEU A 46 22.72 6.86 0.80
N GLY A 47 23.33 6.91 -0.38
CA GLY A 47 22.69 7.50 -1.54
C GLY A 47 22.03 6.50 -2.49
N ASN A 48 21.71 5.29 -2.00
CA ASN A 48 20.97 4.30 -2.81
C ASN A 48 19.47 4.55 -2.82
N ARG A 49 18.80 4.21 -3.92
CA ARG A 49 17.33 4.43 -4.09
C ARG A 49 16.46 3.65 -3.10
N VAL A 50 17.07 2.79 -2.30
CA VAL A 50 16.31 2.03 -1.30
C VAL A 50 15.54 2.94 -0.33
N SER A 51 15.96 4.19 -0.17
CA SER A 51 15.27 5.14 0.69
C SER A 51 13.98 5.74 0.06
N ASN A 52 13.74 5.49 -1.23
CA ASN A 52 12.42 5.75 -1.84
C ASN A 52 11.28 4.95 -1.19
N LYS A 53 11.62 3.95 -0.40
CA LYS A 53 10.67 2.94 0.02
C LYS A 53 10.06 3.19 1.40
N TYR A 54 8.72 3.20 1.49
CA TYR A 54 8.07 3.19 2.81
C TYR A 54 8.00 1.76 3.34
N SER A 55 8.36 1.58 4.61
CA SER A 55 8.59 0.26 5.18
C SER A 55 8.20 0.16 6.64
N GLU A 56 7.16 0.89 7.05
CA GLU A 56 6.71 0.92 8.46
C GLU A 56 6.42 -0.48 9.02
N GLY A 57 6.72 -0.69 10.29
CA GLY A 57 6.64 -2.04 10.86
C GLY A 57 7.98 -2.77 10.87
N TYR A 58 7.92 -4.10 10.75
CA TYR A 58 9.09 -4.97 10.86
C TYR A 58 9.05 -6.03 9.78
N PRO A 59 10.19 -6.67 9.50
CA PRO A 59 10.22 -7.66 8.41
C PRO A 59 9.15 -8.73 8.61
N LYS A 60 8.50 -9.14 7.53
CA LYS A 60 7.39 -10.11 7.57
C LYS A 60 6.21 -9.63 8.43
N LYS A 61 6.23 -8.35 8.79
CA LYS A 61 5.16 -7.70 9.56
C LYS A 61 5.05 -6.22 9.11
N ARG A 62 5.10 -5.99 7.79
CA ARG A 62 5.06 -4.65 7.24
C ARG A 62 3.63 -4.22 7.05
N TYR A 63 3.35 -2.93 7.18
CA TYR A 63 2.04 -2.40 6.82
C TYR A 63 1.83 -2.39 5.32
N TYR A 64 2.85 -1.99 4.57
CA TYR A 64 2.72 -1.95 3.11
C TYR A 64 3.37 -3.19 2.49
N GLY A 65 3.05 -3.45 1.23
CA GLY A 65 3.68 -4.53 0.49
C GLY A 65 4.83 -4.08 -0.38
N GLY A 66 5.29 -4.96 -1.27
CA GLY A 66 6.49 -4.68 -2.05
C GLY A 66 7.78 -4.55 -1.25
N ASN A 67 7.77 -5.09 -0.04
CA ASN A 67 8.82 -4.88 0.96
C ASN A 67 9.72 -6.08 1.23
N ASP A 68 9.71 -7.03 0.29
CA ASP A 68 10.46 -8.27 0.40
C ASP A 68 11.97 -8.03 0.33
N PHE A 69 12.41 -7.17 -0.60
CA PHE A 69 13.83 -6.82 -0.70
C PHE A 69 14.35 -6.01 0.50
N ILE A 70 13.55 -5.03 0.94
CA ILE A 70 13.77 -4.29 2.19
C ILE A 70 13.87 -5.25 3.38
N ASP A 71 12.97 -6.23 3.41
CA ASP A 71 12.98 -7.25 4.47
C ASP A 71 14.28 -8.02 4.47
N LYS A 72 14.80 -8.31 3.28
CA LYS A 72 16.04 -9.05 3.17
C LYS A 72 17.19 -8.18 3.70
N ILE A 73 17.22 -6.92 3.25
CA ILE A 73 18.16 -5.92 3.81
C ILE A 73 18.08 -5.80 5.33
N GLU A 74 16.89 -5.62 5.92
CA GLU A 74 16.81 -5.41 7.38
C GLU A 74 17.21 -6.64 8.20
N GLU A 75 16.93 -7.83 7.67
CA GLU A 75 17.19 -9.07 8.42
C GLU A 75 18.69 -9.40 8.37
N LEU A 76 19.30 -9.18 7.22
CA LEU A 76 20.74 -9.20 7.08
C LEU A 76 21.45 -8.24 8.07
N CYS A 77 20.85 -7.08 8.33
CA CYS A 77 21.47 -6.09 9.22
C CYS A 77 21.33 -6.51 10.68
N GLN A 78 20.19 -7.07 11.05
CA GLN A 78 20.02 -7.61 12.38
C GLN A 78 20.98 -8.79 12.64
N LYS A 79 21.22 -9.59 11.61
CA LYS A 79 22.06 -10.79 11.71
C LYS A 79 23.53 -10.39 11.82
N ARG A 80 24.02 -9.63 10.85
CA ARG A 80 25.38 -9.07 10.89
C ARG A 80 25.64 -8.29 12.18
N ALA A 81 24.61 -7.75 12.81
CA ALA A 81 24.75 -6.98 14.06
C ALA A 81 24.98 -7.84 15.29
N LEU A 82 24.10 -8.81 15.47
CA LEU A 82 24.17 -9.74 16.59
C LEU A 82 25.49 -10.53 16.60
N GLU A 83 25.93 -11.01 15.45
CA GLU A 83 27.19 -11.74 15.37
C GLU A 83 28.44 -10.89 15.62
N ALA A 84 28.47 -9.68 15.03
CA ALA A 84 29.56 -8.74 15.25
C ALA A 84 29.81 -8.51 16.73
N PHE A 85 28.74 -8.48 17.51
CA PHE A 85 28.85 -8.31 18.94
C PHE A 85 28.81 -9.63 19.73
N ASN A 86 29.09 -10.72 19.01
CA ASN A 86 29.26 -12.06 19.59
C ASN A 86 28.13 -12.45 20.55
N VAL A 87 26.90 -12.40 20.05
CA VAL A 87 25.76 -12.87 20.82
C VAL A 87 24.84 -13.69 19.91
N SER A 88 24.06 -14.57 20.53
CA SER A 88 23.31 -15.58 19.78
C SER A 88 21.95 -15.05 19.36
N ASP A 89 21.52 -15.34 18.11
CA ASP A 89 20.13 -15.10 17.65
C ASP A 89 19.13 -15.42 18.74
N GLU A 90 19.50 -16.39 19.59
CA GLU A 90 18.58 -17.00 20.55
C GLU A 90 18.52 -16.29 21.90
N GLU A 91 19.58 -15.59 22.28
CA GLU A 91 19.58 -14.92 23.58
C GLU A 91 19.40 -13.39 23.45
N TRP A 92 19.87 -12.84 22.35
CA TRP A 92 19.81 -11.38 22.15
C TRP A 92 19.02 -11.02 20.94
N GLY A 93 18.27 -9.92 21.05
CA GLY A 93 17.71 -9.31 19.88
C GLY A 93 18.23 -7.89 19.70
N VAL A 94 17.99 -7.38 18.51
CA VAL A 94 18.47 -6.08 18.11
C VAL A 94 17.40 -5.43 17.27
N ASN A 95 17.15 -4.15 17.54
CA ASN A 95 16.38 -3.25 16.66
C ASN A 95 17.37 -2.31 15.91
N VAL A 96 17.30 -2.31 14.58
CA VAL A 96 18.20 -1.56 13.73
C VAL A 96 17.53 -0.33 13.10
N GLN A 97 16.37 0.06 13.61
CA GLN A 97 15.61 1.18 13.02
C GLN A 97 15.91 2.60 13.58
N PRO A 98 16.27 2.74 14.88
CA PRO A 98 16.57 4.07 15.44
C PRO A 98 17.44 4.96 14.52
N LEU A 99 16.95 6.16 14.25
CA LEU A 99 17.63 7.08 13.32
C LEU A 99 18.93 7.64 13.87
N SER A 100 19.07 7.69 15.19
CA SER A 100 20.29 8.18 15.83
C SER A 100 20.43 7.80 17.33
N GLY A 101 21.62 8.07 17.89
CA GLY A 101 21.93 7.65 19.25
C GLY A 101 20.94 8.14 20.26
N SER A 102 20.60 9.42 20.13
CA SER A 102 19.66 10.06 21.04
C SER A 102 18.26 9.43 20.93
N ALA A 103 17.77 9.22 19.72
CA ALA A 103 16.49 8.56 19.51
C ALA A 103 16.48 7.13 20.13
N ALA A 104 17.51 6.34 19.84
CA ALA A 104 17.70 5.01 20.40
C ALA A 104 17.63 4.99 21.92
N ASN A 105 18.40 5.87 22.58
CA ASN A 105 18.34 5.96 24.04
C ASN A 105 16.94 6.33 24.59
N VAL A 106 16.32 7.35 24.02
CA VAL A 106 15.01 7.80 24.45
C VAL A 106 13.96 6.68 24.26
N GLN A 107 14.02 6.02 23.12
CA GLN A 107 13.12 4.93 22.79
C GLN A 107 13.31 3.76 23.75
N ALA A 108 14.55 3.30 23.87
CA ALA A 108 14.85 2.18 24.77
C ALA A 108 14.51 2.49 26.23
N LEU A 109 14.79 3.70 26.69
CA LEU A 109 14.46 4.07 28.07
C LEU A 109 12.94 4.11 28.27
N TYR A 110 12.22 4.64 27.27
CA TYR A 110 10.77 4.62 27.29
C TYR A 110 10.23 3.20 27.45
N ALA A 111 10.74 2.28 26.62
CA ALA A 111 10.31 0.90 26.60
C ALA A 111 10.38 0.25 27.97
N LEU A 112 11.42 0.60 28.74
CA LEU A 112 11.71 -0.03 30.02
C LEU A 112 10.96 0.63 31.16
N VAL A 113 10.78 1.95 31.13
CA VAL A 113 10.28 2.63 32.30
C VAL A 113 8.98 3.41 32.14
N GLY A 114 8.60 3.69 30.89
CA GLY A 114 7.41 4.49 30.62
C GLY A 114 7.53 5.95 31.01
N VAL A 115 6.48 6.72 30.74
CA VAL A 115 6.40 8.12 31.09
C VAL A 115 6.42 8.27 32.62
N LYS A 116 7.16 9.27 33.09
CA LYS A 116 7.41 9.58 34.52
C LYS A 116 8.20 8.50 35.31
N GLY A 117 8.75 7.51 34.60
CA GLY A 117 9.63 6.50 35.18
C GLY A 117 10.99 7.03 35.64
N LYS A 118 11.61 6.34 36.60
CA LYS A 118 12.85 6.78 37.25
C LYS A 118 14.10 6.19 36.58
N ILE A 119 15.05 7.06 36.22
CA ILE A 119 16.32 6.60 35.62
C ILE A 119 17.56 7.23 36.26
N MET A 120 18.69 6.55 36.13
CA MET A 120 19.93 6.99 36.71
C MET A 120 21.00 6.97 35.64
N GLY A 121 21.69 8.10 35.50
CA GLY A 121 22.81 8.19 34.57
C GLY A 121 23.91 9.10 35.10
N MET A 122 25.04 9.11 34.39
CA MET A 122 26.15 9.99 34.70
C MET A 122 25.84 11.41 34.26
N HIS A 123 26.14 12.36 35.15
CA HIS A 123 26.07 13.78 34.84
C HIS A 123 26.85 14.07 33.61
N LEU A 124 26.35 15.02 32.82
CA LEU A 124 27.00 15.48 31.60
C LEU A 124 28.39 16.08 31.84
N CYS A 125 28.47 16.96 32.85
CA CYS A 125 29.73 17.62 33.19
C CYS A 125 30.75 16.61 33.68
N SER A 126 30.28 15.43 34.06
CA SER A 126 31.16 14.33 34.45
C SER A 126 31.53 13.48 33.26
N GLY A 127 30.69 13.43 32.24
CA GLY A 127 31.04 12.65 31.05
C GLY A 127 29.94 11.77 30.52
N GLY A 128 28.74 11.91 31.08
CA GLY A 128 27.59 11.21 30.56
C GLY A 128 27.00 11.93 29.37
N HIS A 129 26.08 11.27 28.67
CA HIS A 129 25.42 11.87 27.55
C HIS A 129 24.21 12.63 27.98
N LEU A 130 23.74 13.50 27.10
CA LEU A 130 22.52 14.29 27.30
C LEU A 130 21.31 13.42 27.57
N THR A 131 21.19 12.32 26.82
CA THR A 131 20.05 11.40 26.94
C THR A 131 20.16 10.45 28.14
N HIS A 132 21.16 10.68 28.99
CA HIS A 132 21.29 9.88 30.20
C HIS A 132 20.60 10.53 31.35
N GLY A 133 19.73 11.49 31.06
CA GLY A 133 18.92 12.13 32.09
C GLY A 133 19.34 13.54 32.46
N PHE A 134 20.04 14.23 31.56
CA PHE A 134 20.61 15.52 31.92
C PHE A 134 19.59 16.61 32.22
N PHE A 135 19.84 17.35 33.30
CA PHE A 135 19.11 18.57 33.57
C PHE A 135 19.98 19.63 34.25
N ASP A 136 19.39 20.80 34.44
CA ASP A 136 20.09 21.96 34.94
C ASP A 136 19.35 22.40 36.18
N GLU A 137 20.02 23.19 37.01
CA GLU A 137 19.30 23.91 38.04
C GLU A 137 18.38 24.85 37.27
N LYS A 138 17.07 24.62 37.39
CA LYS A 138 16.03 25.47 36.78
C LYS A 138 15.56 25.04 35.38
N LYS A 139 16.23 24.08 34.76
CA LYS A 139 15.81 23.63 33.41
C LYS A 139 16.07 22.17 33.08
N LYS A 140 15.01 21.48 32.65
CA LYS A 140 15.12 20.10 32.19
C LYS A 140 15.61 20.07 30.73
N VAL A 141 16.91 19.95 30.56
CA VAL A 141 17.59 20.20 29.28
C VAL A 141 17.31 19.09 28.26
N SER A 142 17.43 17.83 28.69
CA SER A 142 17.08 16.69 27.87
C SER A 142 15.68 16.23 28.22
N ILE A 143 15.00 15.66 27.23
CA ILE A 143 13.68 15.08 27.45
C ILE A 143 13.78 13.98 28.52
N THR A 144 14.98 13.38 28.64
CA THR A 144 15.21 12.28 29.56
C THR A 144 15.10 12.68 31.04
N SER A 145 15.13 13.98 31.29
CA SER A 145 14.90 14.46 32.64
C SER A 145 13.49 15.03 32.82
N ASP A 146 12.72 15.05 31.72
CA ASP A 146 11.37 15.62 31.74
C ASP A 146 10.28 14.57 31.54
N MET A 147 10.45 13.73 30.51
CA MET A 147 9.51 12.66 30.29
C MET A 147 9.76 11.55 31.31
N PHE A 148 10.99 11.50 31.83
CA PHE A 148 11.37 10.60 32.92
C PHE A 148 11.82 11.41 34.13
N GLU A 149 11.93 10.74 35.28
CA GLU A 149 12.45 11.40 36.48
C GLU A 149 13.81 10.83 36.76
N SER A 150 14.81 11.70 36.75
CA SER A 150 16.21 11.27 36.71
C SER A 150 17.08 11.82 37.84
N LYS A 151 18.11 11.06 38.19
CA LYS A 151 19.12 11.52 39.13
C LYS A 151 20.47 11.17 38.53
N LEU A 152 21.44 12.05 38.75
CA LEU A 152 22.70 12.02 38.04
C LEU A 152 23.87 11.78 38.99
N TYR A 153 24.60 10.69 38.76
CA TYR A 153 25.80 10.41 39.55
C TYR A 153 27.01 11.12 38.96
N LYS A 154 28.07 11.23 39.77
CA LYS A 154 29.28 11.92 39.38
C LYS A 154 30.50 11.01 39.46
N CYS A 155 31.62 11.48 38.90
CA CYS A 155 32.89 10.79 39.05
CA CYS A 155 32.90 10.81 39.05
C CYS A 155 33.53 11.30 40.33
N ASN A 156 34.45 10.51 40.88
CA ASN A 156 35.21 10.96 42.04
C ASN A 156 36.31 11.96 41.66
N SER A 157 37.13 12.29 42.65
CA SER A 157 38.17 13.30 42.53
C SER A 157 39.32 12.93 41.58
N GLN A 158 39.51 11.63 41.32
CA GLN A 158 40.54 11.14 40.42
C GLN A 158 40.04 10.85 38.99
N GLY A 159 38.75 11.16 38.74
CA GLY A 159 38.12 10.94 37.43
C GLY A 159 37.54 9.55 37.16
N TYR A 160 37.18 8.82 38.21
CA TYR A 160 36.63 7.47 38.05
C TYR A 160 35.18 7.43 38.51
N VAL A 161 34.38 6.56 37.89
CA VAL A 161 33.02 6.35 38.39
C VAL A 161 33.10 5.95 39.87
N ASP A 162 32.45 6.74 40.71
CA ASP A 162 32.42 6.46 42.14
C ASP A 162 31.33 5.43 42.41
N LEU A 163 31.67 4.14 42.28
CA LEU A 163 30.64 3.08 42.43
C LEU A 163 29.89 3.14 43.76
N ASP A 164 30.62 3.46 44.83
CA ASP A 164 30.01 3.65 46.14
C ASP A 164 28.95 4.75 46.16
N ALA A 165 29.19 5.83 45.41
CA ALA A 165 28.20 6.90 45.30
C ALA A 165 26.98 6.46 44.49
N VAL A 166 27.21 5.61 43.51
CA VAL A 166 26.12 5.04 42.72
C VAL A 166 25.16 4.28 43.64
N ARG A 167 25.71 3.38 44.46
CA ARG A 167 24.90 2.59 45.40
C ARG A 167 24.12 3.47 46.39
N GLU A 168 24.81 4.34 47.11
CA GLU A 168 24.15 5.26 48.05
C GLU A 168 22.97 5.97 47.38
N MET A 169 23.15 6.40 46.13
CA MET A 169 22.13 7.10 45.39
C MET A 169 21.01 6.17 44.95
N ALA A 170 21.36 5.08 44.28
CA ALA A 170 20.40 4.08 43.83
C ALA A 170 19.45 3.60 44.95
N LEU A 171 20.02 3.14 46.08
CA LEU A 171 19.23 2.66 47.22
C LEU A 171 18.31 3.72 47.78
N SER A 172 18.77 4.97 47.76
CA SER A 172 17.94 6.10 48.15
C SER A 172 16.87 6.41 47.10
N PHE A 173 17.28 6.44 45.83
CA PHE A 173 16.42 6.90 44.74
C PHE A 173 15.53 5.83 44.12
N LYS A 174 15.97 4.57 44.14
CA LYS A 174 15.19 3.41 43.66
C LYS A 174 14.79 3.52 42.19
N PRO A 175 15.78 3.60 41.30
CA PRO A 175 15.52 3.76 39.87
C PRO A 175 15.07 2.44 39.25
N LYS A 176 14.46 2.51 38.08
CA LYS A 176 14.15 1.30 37.34
C LYS A 176 15.19 1.09 36.24
N VAL A 177 15.98 2.14 35.97
CA VAL A 177 17.12 2.03 35.04
C VAL A 177 18.34 2.80 35.52
N ILE A 178 19.50 2.14 35.47
CA ILE A 178 20.78 2.80 35.70
C ILE A 178 21.56 2.66 34.43
N ILE A 179 22.00 3.80 33.89
CA ILE A 179 22.72 3.80 32.63
C ILE A 179 24.22 3.92 32.92
N CYS A 180 25.03 3.14 32.21
CA CYS A 180 26.49 3.31 32.23
C CYS A 180 26.94 3.29 30.77
N GLY A 181 28.20 3.63 30.52
CA GLY A 181 28.68 3.83 29.15
C GLY A 181 28.54 5.32 28.81
N TYR A 182 29.64 5.96 28.44
CA TYR A 182 29.72 7.40 28.54
C TYR A 182 30.21 8.14 27.29
N THR A 183 30.03 9.46 27.30
CA THR A 183 30.45 10.32 26.22
C THR A 183 31.94 10.65 26.31
N SER A 184 32.40 10.94 27.52
CA SER A 184 33.78 11.27 27.72
C SER A 184 34.32 10.57 28.94
N TYR A 185 34.86 9.37 28.75
CA TYR A 185 35.36 8.59 29.87
C TYR A 185 36.50 7.77 29.32
N PRO A 186 37.72 8.04 29.83
CA PRO A 186 38.93 7.48 29.25
C PRO A 186 39.24 6.06 29.74
N ARG A 187 38.42 5.57 30.68
CA ARG A 187 38.66 4.24 31.26
C ARG A 187 37.53 3.25 31.01
N ASP A 188 37.87 1.96 31.05
CA ASP A 188 36.89 0.91 30.93
C ASP A 188 35.95 0.87 32.16
N ILE A 189 34.90 0.07 32.04
CA ILE A 189 33.77 0.08 32.94
C ILE A 189 33.60 -1.27 33.59
N ASP A 190 33.32 -1.27 34.88
CA ASP A 190 33.03 -2.51 35.58
C ASP A 190 31.54 -2.79 35.56
N TYR A 191 31.09 -3.47 34.52
CA TYR A 191 29.66 -3.71 34.32
C TYR A 191 29.13 -4.68 35.36
N GLN A 192 30.01 -5.58 35.82
CA GLN A 192 29.64 -6.56 36.86
C GLN A 192 29.21 -5.86 38.16
N GLN A 193 29.92 -4.82 38.58
CA GLN A 193 29.53 -4.11 39.79
C GLN A 193 28.26 -3.27 39.56
N PHE A 194 28.00 -2.90 38.31
CA PHE A 194 26.77 -2.19 37.99
C PHE A 194 25.59 -3.15 38.02
N ARG A 195 25.76 -4.32 37.42
CA ARG A 195 24.80 -5.41 37.47
C ARG A 195 24.38 -5.73 38.92
N GLN A 196 25.36 -5.76 39.82
CA GLN A 196 25.14 -6.02 41.23
C GLN A 196 24.37 -4.90 41.96
N ILE A 197 24.54 -3.65 41.52
CA ILE A 197 23.81 -2.54 42.13
C ILE A 197 22.36 -2.57 41.70
N CYS A 198 22.14 -2.83 40.41
CA CYS A 198 20.79 -2.89 39.88
C CYS A 198 19.99 -3.97 40.61
N ASP A 199 20.60 -5.16 40.73
CA ASP A 199 20.04 -6.29 41.46
C ASP A 199 19.53 -5.98 42.87
N GLU A 200 20.23 -5.12 43.59
CA GLU A 200 19.78 -4.74 44.94
C GLU A 200 18.54 -3.87 44.93
N VAL A 201 18.23 -3.26 43.79
CA VAL A 201 17.02 -2.42 43.65
C VAL A 201 16.04 -2.99 42.62
N ASN A 202 16.47 -4.03 41.88
CA ASN A 202 15.69 -4.60 40.76
C ASN A 202 15.57 -3.66 39.54
N ALA A 203 16.51 -2.73 39.40
CA ALA A 203 16.56 -1.87 38.19
C ALA A 203 17.16 -2.63 37.00
N TYR A 204 16.88 -2.17 35.79
CA TYR A 204 17.57 -2.68 34.59
C TYR A 204 18.95 -2.04 34.47
N LEU A 205 19.86 -2.72 33.77
CA LEU A 205 21.20 -2.21 33.48
C LEU A 205 21.32 -1.83 32.01
N PHE A 206 21.51 -0.53 31.80
CA PHE A 206 21.54 0.05 30.46
C PHE A 206 23.00 0.38 30.15
N ALA A 207 23.53 -0.21 29.09
CA ALA A 207 24.90 0.10 28.64
C ALA A 207 24.94 0.81 27.29
N ASP A 208 25.31 2.10 27.30
CA ASP A 208 25.48 2.89 26.08
C ASP A 208 26.93 2.89 25.68
N ILE A 209 27.26 2.08 24.68
CA ILE A 209 28.65 1.84 24.31
C ILE A 209 29.03 2.47 22.96
N SER A 210 28.32 3.55 22.61
CA SER A 210 28.50 4.25 21.34
C SER A 210 29.95 4.64 21.05
N HIS A 211 30.71 4.92 22.12
CA HIS A 211 32.09 5.40 22.01
C HIS A 211 33.10 4.30 21.95
N ILE A 212 32.74 3.15 22.53
CA ILE A 212 33.67 2.04 22.64
C ILE A 212 33.22 0.77 21.89
N SER A 213 32.19 0.92 21.05
CA SER A 213 31.54 -0.23 20.42
C SER A 213 32.49 -1.24 19.78
N SER A 214 33.47 -0.75 19.02
CA SER A 214 34.42 -1.62 18.35
C SER A 214 35.24 -2.43 19.36
N PHE A 215 35.72 -1.76 20.41
CA PHE A 215 36.44 -2.44 21.48
C PHE A 215 35.64 -3.63 22.06
N VAL A 216 34.35 -3.42 22.27
CA VAL A 216 33.47 -4.44 22.81
C VAL A 216 33.31 -5.59 21.81
N ALA A 217 32.93 -5.24 20.59
CA ALA A 217 32.83 -6.22 19.50
C ALA A 217 34.09 -7.04 19.36
N CYS A 218 35.25 -6.38 19.34
CA CYS A 218 36.52 -7.03 19.06
C CYS A 218 37.11 -7.76 20.26
N ASN A 219 36.37 -7.81 21.35
CA ASN A 219 36.81 -8.44 22.58
C ASN A 219 38.17 -7.88 23.08
N ILE A 220 38.27 -6.54 23.08
CA ILE A 220 39.43 -5.81 23.58
C ILE A 220 39.14 -5.17 24.94
N LEU A 221 37.91 -4.71 25.15
CA LEU A 221 37.52 -4.16 26.45
C LEU A 221 36.47 -5.07 27.13
N ASN A 222 36.00 -4.70 28.32
CA ASN A 222 34.98 -5.46 29.03
C ASN A 222 33.70 -5.66 28.22
N ASN A 223 33.04 -6.81 28.44
CA ASN A 223 31.79 -7.14 27.75
C ASN A 223 30.55 -6.76 28.55
N PRO A 224 29.82 -5.73 28.08
CA PRO A 224 28.58 -5.34 28.74
C PRO A 224 27.47 -6.37 28.53
N PHE A 225 27.54 -7.13 27.43
CA PHE A 225 26.50 -8.07 27.06
C PHE A 225 26.39 -9.20 28.08
N LEU A 226 27.51 -9.47 28.76
CA LEU A 226 27.51 -10.45 29.82
C LEU A 226 26.56 -10.11 30.95
N HIS A 227 26.33 -8.80 31.17
CA HIS A 227 25.62 -8.33 32.39
C HIS A 227 24.42 -7.45 32.13
N ALA A 228 24.32 -6.87 30.94
CA ALA A 228 23.30 -5.83 30.71
C ALA A 228 21.96 -6.33 30.20
N ASP A 229 20.89 -5.64 30.60
CA ASP A 229 19.57 -5.86 30.02
C ASP A 229 19.45 -5.23 28.65
N VAL A 230 19.93 -3.97 28.52
CA VAL A 230 19.89 -3.24 27.25
C VAL A 230 21.27 -2.67 26.92
N VAL A 231 21.68 -2.80 25.66
CA VAL A 231 22.87 -2.14 25.18
C VAL A 231 22.50 -1.31 23.94
N THR A 232 22.81 -0.02 23.96
CA THR A 232 22.72 0.83 22.76
C THR A 232 24.11 1.17 22.24
N THR A 233 24.18 1.47 20.95
CA THR A 233 25.39 2.01 20.37
C THR A 233 25.01 2.76 19.11
N THR A 234 25.68 3.87 18.87
CA THR A 234 25.59 4.48 17.56
C THR A 234 26.42 3.64 16.59
N THR A 235 26.17 3.81 15.30
CA THR A 235 26.96 3.10 14.30
C THR A 235 28.05 3.99 13.67
N HIS A 236 28.12 5.27 14.08
CA HIS A 236 29.02 6.28 13.45
C HIS A 236 30.31 6.67 14.10
N LYS A 237 30.53 6.27 15.33
CA LYS A 237 31.76 6.71 15.97
C LYS A 237 32.87 5.70 15.63
N ILE A 238 33.47 5.10 16.64
CA ILE A 238 34.57 4.15 16.44
C ILE A 238 34.16 2.98 15.56
N LEU A 239 32.86 2.63 15.57
CA LEU A 239 32.35 1.55 14.71
C LEU A 239 32.47 1.84 13.22
N ARG A 240 32.54 3.12 12.89
CA ARG A 240 32.83 3.60 11.55
C ARG A 240 31.68 3.42 10.55
N GLY A 241 30.45 3.38 11.04
CA GLY A 241 29.27 3.28 10.18
C GLY A 241 28.60 4.61 9.87
N PRO A 242 27.37 4.54 9.39
CA PRO A 242 26.60 5.72 9.09
C PRO A 242 26.06 6.28 10.36
N ARG A 243 25.42 7.44 10.25
CA ARG A 243 24.78 8.00 11.42
C ARG A 243 23.49 7.21 11.67
N SER A 244 23.56 6.27 12.62
CA SER A 244 22.43 5.43 12.96
C SER A 244 22.65 4.86 14.33
N ALA A 245 21.68 4.11 14.86
CA ALA A 245 21.91 3.43 16.11
C ALA A 245 21.27 2.04 16.22
N LEU A 246 21.72 1.28 17.24
CA LEU A 246 21.18 -0.04 17.54
C LEU A 246 20.70 -0.13 18.98
N ILE A 247 19.56 -0.77 19.18
CA ILE A 247 19.18 -1.15 20.51
C ILE A 247 19.33 -2.67 20.62
N PHE A 248 20.12 -3.11 21.60
CA PHE A 248 20.23 -4.53 21.94
C PHE A 248 19.45 -4.84 23.21
N PHE A 249 18.74 -5.96 23.20
CA PHE A 249 17.93 -6.32 24.36
C PHE A 249 18.11 -7.81 24.66
N ASN A 250 18.30 -8.11 25.93
CA ASN A 250 18.52 -9.46 26.40
C ASN A 250 17.20 -10.21 26.64
N LYS A 251 16.84 -11.08 25.70
CA LYS A 251 15.57 -11.83 25.74
C LYS A 251 15.56 -12.87 26.89
N LYS A 252 16.68 -13.59 27.05
CA LYS A 252 16.82 -14.65 28.06
C LYS A 252 16.65 -14.15 29.49
N ARG A 253 17.12 -12.94 29.74
CA ARG A 253 16.95 -12.32 31.06
C ARG A 253 15.59 -11.63 31.15
N ASN A 254 15.04 -11.23 30.01
CA ASN A 254 13.75 -10.54 30.00
C ASN A 254 12.85 -11.01 28.86
N PRO A 255 12.02 -12.03 29.14
CA PRO A 255 10.91 -12.31 28.22
C PRO A 255 9.93 -11.12 28.22
N GLY A 256 9.44 -10.76 27.03
CA GLY A 256 8.59 -9.58 26.86
C GLY A 256 9.31 -8.35 26.31
N ILE A 257 10.59 -8.20 26.64
CA ILE A 257 11.41 -7.04 26.25
C ILE A 257 11.43 -6.79 24.73
N GLU A 258 11.50 -7.86 23.95
CA GLU A 258 11.52 -7.75 22.49
C GLU A 258 10.34 -6.99 21.88
N GLN A 259 9.14 -7.21 22.42
CA GLN A 259 7.99 -6.47 21.92
C GLN A 259 8.04 -5.04 22.48
N LYS A 260 8.44 -4.92 23.75
CA LYS A 260 8.52 -3.61 24.43
C LYS A 260 9.44 -2.62 23.69
N ILE A 261 10.58 -3.12 23.21
CA ILE A 261 11.53 -2.30 22.51
C ILE A 261 11.13 -2.05 21.06
N ASN A 262 10.76 -3.10 20.34
CA ASN A 262 10.29 -2.95 18.97
C ASN A 262 9.09 -2.01 18.83
N SER A 263 8.23 -2.00 19.84
CA SER A 263 7.05 -1.15 19.83
C SER A 263 7.35 0.30 20.23
N ALA A 264 8.34 0.48 21.10
CA ALA A 264 8.88 1.79 21.47
C ALA A 264 9.39 2.54 20.24
N VAL A 265 10.21 1.85 19.45
CA VAL A 265 10.77 2.41 18.24
C VAL A 265 9.66 2.79 17.26
N PHE A 266 8.82 1.81 16.89
CA PHE A 266 7.64 2.00 16.05
C PHE A 266 6.48 1.11 16.52
N PRO A 267 5.31 1.70 16.76
CA PRO A 267 4.93 3.03 16.32
C PRO A 267 4.93 4.12 17.39
N SER A 268 5.52 3.93 18.56
CA SER A 268 5.53 5.00 19.57
C SER A 268 6.25 6.29 19.09
N PHE A 269 7.49 6.13 18.62
CA PHE A 269 8.40 7.26 18.32
C PHE A 269 8.62 7.50 16.82
N GLN A 270 8.94 6.47 16.06
CA GLN A 270 9.25 6.63 14.63
C GLN A 270 8.13 6.26 13.69
N GLY A 271 8.26 6.71 12.44
CA GLY A 271 7.42 6.28 11.34
C GLY A 271 8.25 5.36 10.45
N GLY A 272 8.34 5.69 9.16
CA GLY A 272 9.09 4.87 8.23
C GLY A 272 10.56 4.80 8.57
N PRO A 273 11.15 3.59 8.53
CA PRO A 273 12.61 3.52 8.73
C PRO A 273 13.35 4.14 7.56
N HIS A 274 14.60 4.55 7.77
CA HIS A 274 15.43 4.97 6.65
C HIS A 274 16.27 3.82 6.20
N ASN A 275 15.81 3.19 5.11
CA ASN A 275 16.40 1.94 4.62
C ASN A 275 17.79 2.10 4.05
N ASN A 276 18.12 3.31 3.60
CA ASN A 276 19.51 3.60 3.19
C ASN A 276 20.47 3.52 4.38
N LYS A 277 20.01 4.02 5.53
CA LYS A 277 20.76 3.89 6.79
C LYS A 277 20.95 2.41 7.18
N ILE A 278 19.88 1.64 7.09
CA ILE A 278 19.90 0.22 7.40
C ILE A 278 20.85 -0.56 6.46
N ALA A 279 20.73 -0.30 5.16
CA ALA A 279 21.65 -0.82 4.19
C ALA A 279 23.11 -0.43 4.52
N ALA A 280 23.34 0.83 4.89
CA ALA A 280 24.71 1.28 5.18
C ALA A 280 25.22 0.60 6.43
N VAL A 281 24.34 0.42 7.40
CA VAL A 281 24.72 -0.23 8.63
C VAL A 281 25.14 -1.68 8.32
N ALA A 282 24.40 -2.35 7.42
CA ALA A 282 24.67 -3.76 7.10
C ALA A 282 26.05 -3.88 6.49
N CYS A 283 26.31 -3.01 5.53
CA CYS A 283 27.59 -2.90 4.86
C CYS A 283 28.76 -2.74 5.84
N GLN A 284 28.60 -1.87 6.84
CA GLN A 284 29.70 -1.65 7.77
C GLN A 284 29.90 -2.83 8.71
N LEU A 285 28.79 -3.44 9.12
CA LEU A 285 28.81 -4.50 10.13
C LEU A 285 29.48 -5.75 9.58
N LYS A 286 29.48 -5.88 8.26
CA LYS A 286 30.17 -6.97 7.62
C LYS A 286 31.63 -6.72 7.88
N GLU A 287 32.09 -5.52 7.50
CA GLU A 287 33.46 -5.12 7.74
C GLU A 287 33.87 -5.29 9.20
N VAL A 288 32.97 -4.99 10.12
CA VAL A 288 33.31 -5.07 11.54
C VAL A 288 33.72 -6.48 11.90
N HIS A 289 33.16 -7.48 11.21
CA HIS A 289 33.42 -8.88 11.56
C HIS A 289 34.68 -9.47 11.00
N SER A 290 35.38 -8.72 10.15
CA SER A 290 36.65 -9.18 9.61
C SER A 290 37.78 -8.95 10.62
N PRO A 291 38.88 -9.73 10.53
CA PRO A 291 40.00 -9.53 11.46
C PRO A 291 40.80 -8.25 11.12
N ALA A 292 40.71 -7.82 9.86
CA ALA A 292 41.22 -6.51 9.44
C ALA A 292 40.64 -5.36 10.30
N PHE A 293 39.36 -5.45 10.65
CA PHE A 293 38.75 -4.48 11.54
C PHE A 293 39.25 -4.66 12.96
N LYS A 294 39.54 -5.90 13.35
CA LYS A 294 40.13 -6.10 14.68
C LYS A 294 41.50 -5.42 14.71
N GLU A 295 42.24 -5.54 13.63
CA GLU A 295 43.54 -4.88 13.57
C GLU A 295 43.39 -3.35 13.71
N TYR A 296 42.45 -2.77 12.96
CA TYR A 296 42.21 -1.33 13.00
C TYR A 296 41.89 -0.89 14.42
N THR A 297 40.99 -1.62 15.06
CA THR A 297 40.58 -1.30 16.42
C THR A 297 41.75 -1.40 17.40
N GLN A 298 42.64 -2.37 17.19
CA GLN A 298 43.87 -2.52 18.00
C GLN A 298 44.74 -1.29 17.78
N GLN A 299 44.86 -0.90 16.52
CA GLN A 299 45.63 0.26 16.15
C GLN A 299 45.10 1.53 16.82
N VAL A 300 43.77 1.67 16.90
CA VAL A 300 43.14 2.77 17.64
C VAL A 300 43.67 2.83 19.08
N LEU A 301 43.67 1.70 19.78
CA LEU A 301 44.08 1.70 21.17
C LEU A 301 45.59 1.93 21.31
N LEU A 302 46.37 1.39 20.39
CA LEU A 302 47.81 1.54 20.39
C LEU A 302 48.11 3.03 20.24
N ASN A 303 47.45 3.67 19.29
CA ASN A 303 47.65 5.09 19.04
C ASN A 303 47.29 5.93 20.23
N SER A 304 46.19 5.56 20.87
CA SER A 304 45.72 6.26 22.05
C SER A 304 46.68 6.12 23.24
N LYS A 305 47.23 4.91 23.42
CA LYS A 305 48.28 4.66 24.41
C LYS A 305 49.53 5.49 24.09
N ALA A 306 49.95 5.49 22.83
CA ALA A 306 51.15 6.23 22.46
C ALA A 306 50.96 7.74 22.62
N LEU A 307 49.75 8.21 22.37
CA LEU A 307 49.50 9.64 22.38
C LEU A 307 49.51 10.12 23.82
N ALA A 308 48.86 9.36 24.69
CA ALA A 308 48.81 9.67 26.13
C ALA A 308 50.22 9.69 26.72
N LYS A 309 50.99 8.67 26.38
CA LYS A 309 52.37 8.54 26.80
C LYS A 309 53.21 9.70 26.29
N ALA A 310 53.00 10.12 25.04
CA ALA A 310 53.81 11.23 24.48
C ALA A 310 53.47 12.54 25.18
N LEU A 311 52.19 12.73 25.48
CA LEU A 311 51.74 13.95 26.12
C LEU A 311 52.32 14.03 27.52
N ILE A 312 52.26 12.90 28.24
CA ILE A 312 52.85 12.76 29.56
C ILE A 312 54.34 13.13 29.54
N SER A 313 55.07 12.61 28.57
CA SER A 313 56.50 12.92 28.42
C SER A 313 56.75 14.42 28.23
N LYS A 314 55.75 15.13 27.70
CA LYS A 314 55.81 16.59 27.52
C LYS A 314 55.22 17.30 28.71
N GLN A 315 55.08 16.58 29.81
CA GLN A 315 54.60 17.09 31.10
C GLN A 315 53.19 17.67 31.07
N ILE A 316 52.35 17.14 30.18
CA ILE A 316 50.93 17.46 30.19
C ILE A 316 50.18 16.41 31.00
N ASP A 317 49.27 16.85 31.88
CA ASP A 317 48.40 15.97 32.69
C ASP A 317 47.19 15.39 31.96
N LEU A 318 46.84 14.14 32.30
CA LEU A 318 45.65 13.51 31.74
C LEU A 318 44.77 13.07 32.88
N VAL A 319 43.47 13.32 32.77
CA VAL A 319 42.48 12.78 33.72
C VAL A 319 42.63 11.27 33.73
N THR A 320 42.79 10.74 34.94
CA THR A 320 43.13 9.34 35.24
C THR A 320 44.54 8.93 34.81
N ASN A 321 45.37 9.90 34.42
CA ASN A 321 46.78 9.68 34.04
C ASN A 321 47.02 8.72 32.89
N GLY A 322 45.99 8.51 32.09
CA GLY A 322 46.03 7.51 31.05
C GLY A 322 44.66 7.22 30.49
N THR A 323 44.62 6.25 29.59
CA THR A 323 43.42 5.83 28.92
C THR A 323 43.38 4.29 28.84
N ASP A 324 42.19 3.69 28.91
CA ASP A 324 42.04 2.28 28.53
C ASP A 324 41.48 2.15 27.14
N ASN A 325 41.04 3.28 26.57
CA ASN A 325 40.30 3.24 25.31
C ASN A 325 40.89 4.21 24.28
N HIS A 326 40.00 4.83 23.49
CA HIS A 326 40.35 5.54 22.25
C HIS A 326 40.51 7.02 22.50
N LEU A 327 40.18 7.44 23.72
CA LEU A 327 40.07 8.85 24.09
C LEU A 327 40.81 9.23 25.38
N ILE A 328 41.25 10.47 25.39
CA ILE A 328 42.11 11.04 26.42
C ILE A 328 41.44 12.32 26.83
N VAL A 329 41.39 12.63 28.12
CA VAL A 329 40.94 13.95 28.53
C VAL A 329 42.16 14.64 29.15
N VAL A 330 42.61 15.69 28.48
CA VAL A 330 43.74 16.51 28.92
C VAL A 330 43.27 17.51 29.96
N ASP A 331 43.98 17.54 31.10
CA ASP A 331 43.76 18.47 32.20
C ASP A 331 44.77 19.63 32.08
N LEU A 332 44.24 20.83 31.87
CA LEU A 332 45.04 22.01 31.55
C LEU A 332 45.37 22.95 32.73
N ARG A 333 44.91 22.64 33.95
CA ARG A 333 45.07 23.57 35.10
C ARG A 333 46.50 24.07 35.32
N LYS A 334 47.49 23.20 35.18
CA LYS A 334 48.89 23.60 35.38
C LYS A 334 49.39 24.68 34.40
N PHE A 335 48.59 25.05 33.41
CA PHE A 335 48.91 26.10 32.45
C PHE A 335 47.97 27.28 32.57
N SER A 336 46.97 27.12 33.44
CA SER A 336 45.93 28.13 33.69
C SER A 336 45.28 28.62 32.40
N ILE A 337 44.94 27.69 31.52
CA ILE A 337 44.16 28.02 30.33
C ILE A 337 42.91 27.15 30.26
N THR A 338 41.83 27.69 29.74
CA THR A 338 40.60 26.89 29.60
C THR A 338 40.66 26.01 28.36
N GLY A 339 39.82 24.98 28.34
CA GLY A 339 39.59 24.20 27.12
C GLY A 339 39.06 25.05 25.99
N SER A 340 38.18 26.00 26.31
CA SER A 340 37.61 26.92 25.31
C SER A 340 38.73 27.56 24.50
N LYS A 341 39.69 28.16 25.20
CA LYS A 341 40.84 28.80 24.54
C LYS A 341 41.60 27.83 23.64
N LEU A 342 42.01 26.68 24.20
CA LEU A 342 42.81 25.72 23.42
C LEU A 342 42.03 25.25 22.18
N GLN A 343 40.73 25.02 22.36
CA GLN A 343 39.87 24.64 21.23
C GLN A 343 39.97 25.69 20.11
N GLU A 344 39.87 26.95 20.52
CA GLU A 344 40.03 28.09 19.60
C GLU A 344 41.37 28.09 18.88
N THR A 345 42.45 27.93 19.66
CA THR A 345 43.79 27.83 19.11
C THR A 345 43.94 26.64 18.16
N CYS A 346 43.31 25.52 18.50
CA CYS A 346 43.45 24.33 17.67
C CYS A 346 42.65 24.53 16.37
N ASN A 347 41.46 25.13 16.49
CA ASN A 347 40.65 25.49 15.31
C ASN A 347 41.53 26.26 14.31
N ALA A 348 42.22 27.31 14.78
CA ALA A 348 43.12 28.09 13.92
C ALA A 348 44.25 27.29 13.21
N ILE A 349 44.59 26.09 13.71
CA ILE A 349 45.68 25.34 13.09
C ILE A 349 45.25 24.05 12.44
N ASN A 350 43.95 23.93 12.18
CA ASN A 350 43.36 22.76 11.55
C ASN A 350 43.50 21.50 12.42
N VAL A 351 43.37 21.69 13.73
CA VAL A 351 43.38 20.59 14.67
C VAL A 351 42.01 20.58 15.34
N SER A 352 41.23 19.55 15.04
CA SER A 352 39.88 19.41 15.60
C SER A 352 39.88 18.65 16.94
N LEU A 353 39.43 19.33 18.00
CA LEU A 353 39.24 18.72 19.30
C LEU A 353 38.15 19.53 20.01
N ASN A 354 37.68 19.09 21.17
CA ASN A 354 36.70 19.88 21.89
C ASN A 354 36.99 20.01 23.35
N LYS A 355 36.45 21.08 23.95
CA LYS A 355 36.61 21.32 25.38
C LYS A 355 35.84 20.26 26.17
N ASN A 356 36.23 20.07 27.43
CA ASN A 356 35.67 19.01 28.26
C ASN A 356 35.96 19.31 29.72
N THR A 357 35.06 18.87 30.58
CA THR A 357 35.23 19.08 32.02
C THR A 357 36.23 18.11 32.66
N ILE A 358 36.77 18.53 33.80
CA ILE A 358 37.59 17.67 34.66
C ILE A 358 36.93 17.59 36.05
N PRO A 359 37.26 16.57 36.87
CA PRO A 359 36.56 16.42 38.15
C PRO A 359 36.45 17.72 38.95
N SER A 360 37.53 18.51 38.97
CA SER A 360 37.66 19.71 39.81
C SER A 360 36.91 20.95 39.32
N ASP A 361 36.32 20.86 38.14
CA ASP A 361 35.32 21.83 37.70
C ASP A 361 34.02 21.44 38.38
N VAL A 362 33.14 22.40 38.61
CA VAL A 362 31.78 22.09 39.07
C VAL A 362 30.78 22.64 38.05
N ASP A 363 30.99 23.89 37.62
CA ASP A 363 30.21 24.48 36.52
C ASP A 363 30.69 24.01 35.14
N CYS A 364 29.91 24.27 34.11
CA CYS A 364 30.18 23.75 32.76
C CYS A 364 30.59 24.83 31.76
N VAL A 365 30.64 26.08 32.21
CA VAL A 365 31.04 27.18 31.36
C VAL A 365 32.54 27.44 31.54
N SER A 366 33.15 26.69 32.45
CA SER A 366 34.55 26.89 32.84
C SER A 366 35.56 25.79 32.44
N PRO A 367 35.21 24.88 31.48
CA PRO A 367 35.89 23.58 31.42
C PRO A 367 37.42 23.67 31.38
N SER A 368 38.08 22.84 32.16
CA SER A 368 39.53 22.92 32.28
C SER A 368 40.30 21.88 31.48
N GLY A 369 39.60 21.13 30.62
CA GLY A 369 40.24 20.10 29.82
C GLY A 369 39.82 20.11 28.36
N VAL A 370 40.40 19.20 27.58
CA VAL A 370 40.00 18.96 26.21
C VAL A 370 39.95 17.46 25.96
N ARG A 371 38.98 17.03 25.16
CA ARG A 371 38.85 15.64 24.78
C ARG A 371 39.47 15.42 23.41
N ILE A 372 40.30 14.40 23.30
CA ILE A 372 40.86 13.98 22.03
C ILE A 372 40.66 12.48 21.85
N GLY A 373 40.65 12.01 20.60
CA GLY A 373 40.46 10.58 20.35
C GLY A 373 41.19 10.21 19.09
N THR A 374 41.46 8.92 18.94
CA THR A 374 42.28 8.42 17.84
C THR A 374 41.62 7.65 16.68
N PRO A 375 40.28 7.42 16.68
CA PRO A 375 39.71 6.65 15.56
C PRO A 375 39.85 7.29 14.17
N ALA A 376 39.53 8.57 14.07
CA ALA A 376 39.59 9.28 12.79
C ALA A 376 41.01 9.24 12.20
N MET A 377 41.98 9.76 12.94
CA MET A 377 43.38 9.72 12.51
C MET A 377 43.91 8.30 12.25
N THR A 378 43.48 7.33 13.05
CA THR A 378 43.83 5.91 12.78
C THR A 378 43.30 5.44 11.45
N THR A 379 42.05 5.81 11.16
CA THR A 379 41.44 5.49 9.87
C THR A 379 42.32 6.05 8.76
N ARG A 380 42.86 7.23 8.98
CA ARG A 380 43.63 7.91 7.95
C ARG A 380 45.05 7.35 7.81
N GLY A 381 45.38 6.39 8.67
CA GLY A 381 46.63 5.67 8.52
C GLY A 381 47.75 5.95 9.51
N ALA A 382 47.54 6.90 10.41
CA ALA A 382 48.59 7.23 11.36
C ALA A 382 48.89 6.03 12.29
N LYS A 383 50.18 5.84 12.58
CA LYS A 383 50.63 4.75 13.41
C LYS A 383 51.18 5.33 14.71
N GLU A 384 51.65 4.47 15.62
CA GLU A 384 52.18 4.94 16.89
C GLU A 384 53.23 6.04 16.77
N LYS A 385 54.15 5.88 15.82
CA LYS A 385 55.22 6.87 15.62
C LYS A 385 54.68 8.27 15.33
N ASP A 386 53.49 8.34 14.73
CA ASP A 386 52.86 9.62 14.38
C ASP A 386 52.26 10.31 15.57
N MET A 387 52.10 9.56 16.66
CA MET A 387 51.49 10.15 17.81
C MET A 387 52.42 11.19 18.42
N GLU A 388 53.75 11.00 18.26
CA GLU A 388 54.72 12.01 18.71
C GLU A 388 54.44 13.39 18.09
N PHE A 389 54.36 13.44 16.76
CA PHE A 389 54.02 14.68 16.05
C PHE A 389 52.73 15.33 16.55
N ILE A 390 51.69 14.51 16.71
CA ILE A 390 50.40 15.00 17.21
C ILE A 390 50.54 15.55 18.61
N ALA A 391 51.24 14.83 19.49
CA ALA A 391 51.56 15.38 20.81
C ALA A 391 52.38 16.68 20.72
N ASP A 392 53.38 16.71 19.83
CA ASP A 392 54.19 17.94 19.63
C ASP A 392 53.36 19.13 19.16
N VAL A 393 52.45 18.92 18.22
CA VAL A 393 51.51 19.94 17.79
C VAL A 393 50.62 20.42 18.94
N LEU A 394 50.10 19.49 19.72
CA LEU A 394 49.23 19.90 20.85
C LEU A 394 49.97 20.68 21.94
N ALA A 395 51.19 20.23 22.27
CA ALA A 395 52.08 20.97 23.20
C ALA A 395 52.38 22.39 22.70
N ARG A 396 52.65 22.52 21.41
CA ARG A 396 52.94 23.82 20.80
C ARG A 396 51.72 24.72 20.82
N ALA A 397 50.53 24.14 20.62
CA ALA A 397 49.28 24.89 20.70
C ALA A 397 48.97 25.35 22.10
N ILE A 398 49.29 24.52 23.08
CA ILE A 398 49.04 24.88 24.45
C ILE A 398 49.95 26.05 24.82
N LYS A 399 51.20 25.95 24.37
CA LYS A 399 52.20 26.98 24.53
C LYS A 399 51.75 28.34 23.95
N ILE A 400 51.30 28.32 22.70
CA ILE A 400 50.83 29.54 22.04
C ILE A 400 49.60 30.09 22.75
N THR A 401 48.76 29.18 23.26
CA THR A 401 47.55 29.59 24.00
C THR A 401 47.89 30.31 25.31
N VAL A 402 48.96 29.87 25.95
CA VAL A 402 49.42 30.48 27.20
C VAL A 402 49.96 31.89 26.87
N ASP A 403 50.77 31.97 25.82
CA ASP A 403 51.37 33.24 25.40
C ASP A 403 50.35 34.28 24.95
N LEU A 404 49.39 33.86 24.11
CA LEU A 404 48.34 34.77 23.66
C LEU A 404 47.46 35.27 24.80
N GLN A 405 47.29 34.45 25.84
CA GLN A 405 46.49 34.85 26.98
C GLN A 405 47.20 35.93 27.83
N GLU A 406 48.51 35.79 28.04
CA GLU A 406 49.25 36.80 28.80
C GLU A 406 49.27 38.14 28.06
N GLN A 407 49.29 38.08 26.73
CA GLN A 407 49.26 39.26 25.89
C GLN A 407 47.89 39.96 25.84
N TYR A 408 46.83 39.17 25.79
CA TYR A 408 45.49 39.71 25.52
C TYR A 408 44.48 39.63 26.65
N GLY A 409 44.81 38.92 27.73
CA GLY A 409 43.93 38.83 28.90
C GLY A 409 43.15 37.51 29.04
N LYS A 410 42.48 37.38 30.18
CA LYS A 410 41.79 36.15 30.59
C LYS A 410 40.35 36.02 30.05
N LYS A 411 39.93 36.98 29.22
CA LYS A 411 38.58 36.96 28.67
C LYS A 411 38.58 36.52 27.22
N LEU A 412 37.77 35.51 26.93
CA LEU A 412 37.79 34.83 25.63
C LEU A 412 37.59 35.77 24.45
N VAL A 413 36.74 36.78 24.61
CA VAL A 413 36.49 37.78 23.54
C VAL A 413 37.80 38.46 23.11
N ASP A 414 38.62 38.81 24.11
CA ASP A 414 39.91 39.41 23.89
C ASP A 414 40.92 38.40 23.35
N PHE A 415 41.02 37.24 24.00
CA PHE A 415 41.95 36.18 23.63
C PHE A 415 41.90 35.91 22.13
N LYS A 416 40.69 35.76 21.60
CA LYS A 416 40.45 35.41 20.19
C LYS A 416 41.11 36.38 19.22
N LYS A 417 41.19 37.66 19.61
CA LYS A 417 41.74 38.70 18.72
C LYS A 417 43.22 38.46 18.42
N GLY A 418 43.89 37.71 19.29
CA GLY A 418 45.30 37.37 19.08
C GLY A 418 45.56 36.34 18.00
N LEU A 419 44.51 35.62 17.58
CA LEU A 419 44.65 34.45 16.72
C LEU A 419 44.88 34.74 15.25
N PRO A 420 44.07 35.62 14.64
CA PRO A 420 44.25 35.83 13.21
C PRO A 420 45.60 36.52 12.92
N GLY A 421 46.29 36.05 11.89
CA GLY A 421 47.56 36.64 11.49
C GLY A 421 48.77 36.34 12.35
N ASN A 422 48.57 35.55 13.41
CA ASN A 422 49.66 35.10 14.28
C ASN A 422 50.66 34.26 13.50
N ALA A 423 51.91 34.73 13.51
CA ALA A 423 53.02 34.10 12.77
C ALA A 423 53.21 32.62 13.11
N GLN A 424 53.15 32.30 14.40
CA GLN A 424 53.37 30.93 14.89
C GLN A 424 52.23 29.96 14.56
N LEU A 425 50.99 30.43 14.65
CA LEU A 425 49.84 29.59 14.30
C LEU A 425 49.85 29.26 12.80
N GLN A 426 50.18 30.24 11.97
CA GLN A 426 50.22 30.05 10.53
C GLN A 426 51.31 29.09 10.16
N GLN A 427 52.43 29.18 10.87
CA GLN A 427 53.53 28.24 10.72
C GLN A 427 53.06 26.83 11.11
N LEU A 428 52.39 26.72 12.25
CA LEU A 428 51.94 25.44 12.76
C LEU A 428 50.85 24.84 11.86
N LYS A 429 49.88 25.67 11.45
CA LYS A 429 48.87 25.27 10.46
C LYS A 429 49.44 24.60 9.20
N GLN A 430 50.51 25.19 8.64
CA GLN A 430 51.11 24.65 7.41
C GLN A 430 51.71 23.28 7.63
N GLU A 431 52.37 23.11 8.77
CA GLU A 431 52.92 21.80 9.13
C GLU A 431 51.77 20.80 9.21
N VAL A 432 50.67 21.19 9.86
CA VAL A 432 49.49 20.32 9.97
C VAL A 432 48.90 19.99 8.60
N VAL A 433 48.62 21.01 7.78
CA VAL A 433 48.02 20.80 6.46
C VAL A 433 48.86 19.85 5.59
N THR A 434 50.18 20.03 5.63
CA THR A 434 51.12 19.27 4.81
C THR A 434 51.16 17.83 5.26
N TRP A 435 51.12 17.62 6.57
CA TRP A 435 51.04 16.25 7.03
C TRP A 435 49.67 15.68 6.80
N ALA A 436 48.63 16.43 7.18
CA ALA A 436 47.22 15.95 7.08
C ALA A 436 46.78 15.74 5.64
N GLY A 437 47.02 16.76 4.80
CA GLY A 437 46.58 16.76 3.41
C GLY A 437 47.03 15.53 2.65
N ALA A 438 48.16 14.95 3.07
CA ALA A 438 48.81 13.89 2.32
C ALA A 438 48.48 12.50 2.86
N LEU A 439 47.78 12.46 4.00
CA LEU A 439 47.36 11.18 4.58
C LEU A 439 46.25 10.52 3.75
N PRO A 440 46.23 9.17 3.72
CA PRO A 440 45.13 8.41 3.13
C PRO A 440 43.76 8.95 3.56
N PHE A 441 42.83 8.95 2.63
CA PHE A 441 41.56 9.65 2.81
C PHE A 441 40.45 8.88 2.08
N PRO A 442 39.53 8.27 2.85
CA PRO A 442 38.39 7.63 2.21
C PRO A 442 37.30 8.63 1.84
N MET B 1 44.14 3.36 6.57
CA MET B 1 43.75 2.02 7.11
C MET B 1 42.25 1.78 7.00
N PHE B 2 41.81 1.51 5.78
CA PHE B 2 40.39 1.28 5.46
C PHE B 2 40.24 0.43 4.18
N ASN B 3 39.00 0.08 3.85
CA ASN B 3 38.70 -0.60 2.57
C ASN B 3 37.93 0.29 1.60
N ASN B 4 38.60 0.62 0.50
CA ASN B 4 38.09 1.55 -0.50
C ASN B 4 37.57 0.85 -1.77
N GLU B 5 37.30 -0.45 -1.64
CA GLU B 5 36.71 -1.24 -2.71
C GLU B 5 35.26 -0.81 -2.99
N PRO B 6 34.86 -0.78 -4.28
CA PRO B 6 33.46 -0.54 -4.63
C PRO B 6 32.49 -1.47 -3.91
N LEU B 7 31.28 -0.97 -3.70
CA LEU B 7 30.20 -1.71 -3.04
C LEU B 7 29.98 -3.10 -3.65
N GLU B 8 30.11 -3.19 -4.97
CA GLU B 8 29.96 -4.45 -5.70
C GLU B 8 30.91 -5.53 -5.16
N GLN B 9 32.20 -5.20 -5.05
CA GLN B 9 33.19 -6.16 -4.59
C GLN B 9 33.15 -6.39 -3.08
N ILE B 10 33.18 -5.30 -2.32
CA ILE B 10 33.24 -5.39 -0.85
C ILE B 10 32.07 -6.17 -0.24
N ASP B 11 30.87 -6.00 -0.79
CA ASP B 11 29.70 -6.64 -0.22
C ASP B 11 28.70 -7.05 -1.31
N LYS B 12 29.07 -8.06 -2.09
CA LYS B 12 28.28 -8.52 -3.22
C LYS B 12 26.85 -8.87 -2.80
N GLU B 13 26.74 -9.56 -1.67
CA GLU B 13 25.45 -10.00 -1.17
C GLU B 13 24.42 -8.89 -1.03
N LEU B 14 24.85 -7.76 -0.45
CA LEU B 14 23.96 -6.61 -0.23
C LEU B 14 23.66 -5.93 -1.57
N HIS B 15 24.70 -5.69 -2.36
CA HIS B 15 24.58 -5.06 -3.68
C HIS B 15 23.60 -5.76 -4.56
N ASP B 16 23.46 -7.08 -4.38
CA ASP B 16 22.54 -7.90 -5.19
C ASP B 16 21.09 -7.65 -4.82
N ILE B 17 20.83 -7.54 -3.53
CA ILE B 17 19.49 -7.22 -3.03
C ILE B 17 19.14 -5.82 -3.47
N LEU B 18 20.10 -4.90 -3.32
CA LEU B 18 19.91 -3.53 -3.77
C LEU B 18 19.64 -3.45 -5.26
N ALA B 19 20.29 -4.32 -6.04
CA ALA B 19 20.11 -4.31 -7.50
C ALA B 19 18.69 -4.75 -7.83
N ASP B 20 18.15 -5.57 -6.95
CA ASP B 20 16.82 -6.11 -7.09
C ASP B 20 15.76 -5.09 -6.74
N GLU B 21 15.96 -4.37 -5.62
CA GLU B 21 15.03 -3.33 -5.16
C GLU B 21 14.81 -2.36 -6.31
N GLU B 22 15.94 -1.90 -6.85
CA GLU B 22 15.98 -1.00 -7.97
C GLU B 22 15.17 -1.47 -9.17
N LYS B 23 15.12 -2.79 -9.37
CA LYS B 23 14.37 -3.37 -10.47
C LYS B 23 12.88 -3.41 -10.09
N ARG B 24 12.59 -3.78 -8.86
CA ARG B 24 11.22 -3.78 -8.38
C ARG B 24 10.63 -2.35 -8.52
N GLN B 25 11.39 -1.33 -8.13
CA GLN B 25 10.93 0.05 -8.28
C GLN B 25 10.72 0.44 -9.74
N ARG B 26 11.61 -0.03 -10.62
CA ARG B 26 11.60 0.29 -12.03
C ARG B 26 10.39 -0.33 -12.72
N GLU B 27 9.95 -1.47 -12.20
CA GLU B 27 8.93 -2.26 -12.86
C GLU B 27 7.61 -2.26 -12.10
N THR B 28 7.36 -1.20 -11.32
CA THR B 28 6.14 -1.13 -10.51
C THR B 28 5.33 0.09 -10.89
N ILE B 29 4.00 -0.05 -10.93
CA ILE B 29 3.13 1.13 -10.90
C ILE B 29 2.97 1.50 -9.41
N ASN B 30 3.70 2.53 -9.00
CA ASN B 30 3.76 2.98 -7.61
C ASN B 30 2.71 4.06 -7.32
N LEU B 31 1.65 3.66 -6.62
CA LEU B 31 0.56 4.57 -6.22
C LEU B 31 0.53 4.78 -4.69
N ILE B 32 1.64 4.58 -4.01
CA ILE B 32 1.70 4.88 -2.58
C ILE B 32 1.70 6.39 -2.47
N ALA B 33 0.69 6.95 -1.83
CA ALA B 33 0.49 8.42 -1.89
C ALA B 33 1.69 9.16 -1.28
N SER B 34 2.36 8.52 -0.33
CA SER B 34 3.50 9.12 0.38
C SER B 34 4.85 8.86 -0.24
N GLU B 35 4.91 8.24 -1.41
CA GLU B 35 6.21 7.89 -1.95
C GLU B 35 6.57 8.70 -3.16
N ASN B 36 7.85 8.75 -3.44
CA ASN B 36 8.32 9.49 -4.60
C ASN B 36 9.66 8.89 -5.04
N LEU B 37 10.34 9.55 -5.97
CA LEU B 37 11.63 9.08 -6.42
C LEU B 37 12.56 10.27 -6.44
N THR B 38 13.64 10.18 -5.65
CA THR B 38 14.65 11.25 -5.57
C THR B 38 15.46 11.32 -6.85
N ASN B 39 15.91 12.50 -7.24
CA ASN B 39 16.82 12.61 -8.37
C ASN B 39 18.28 12.32 -7.94
N GLY B 40 19.17 12.14 -8.91
CA GLY B 40 20.54 11.73 -8.65
C GLY B 40 21.30 12.73 -7.79
N ALA B 41 20.99 14.01 -7.93
CA ALA B 41 21.68 15.06 -7.18
C ALA B 41 21.39 14.97 -5.69
N VAL B 42 20.12 14.76 -5.35
CA VAL B 42 19.70 14.53 -3.96
C VAL B 42 20.43 13.34 -3.36
N ARG B 43 20.55 12.26 -4.14
CA ARG B 43 21.26 11.06 -3.69
C ARG B 43 22.79 11.19 -3.57
N GLU B 44 23.37 12.06 -4.38
CA GLU B 44 24.78 12.43 -4.22
C GLU B 44 25.00 13.13 -2.89
N CYS B 45 24.11 14.06 -2.53
CA CYS B 45 24.16 14.75 -1.25
C CYS B 45 24.04 13.77 -0.09
N LEU B 46 23.06 12.86 -0.17
CA LEU B 46 22.90 11.83 0.86
C LEU B 46 24.17 11.01 1.07
N GLY B 47 24.91 10.72 -0.01
CA GLY B 47 26.15 9.95 0.08
C GLY B 47 27.43 10.77 0.21
N ASN B 48 27.30 12.03 0.66
CA ASN B 48 28.41 12.95 0.81
C ASN B 48 29.09 12.84 2.18
N ARG B 49 30.41 13.04 2.21
CA ARG B 49 31.23 13.02 3.46
C ARG B 49 30.86 14.10 4.48
N VAL B 50 29.95 14.99 4.12
CA VAL B 50 29.50 16.00 5.08
C VAL B 50 28.88 15.37 6.37
N SER B 51 28.43 14.12 6.27
CA SER B 51 27.90 13.40 7.45
C SER B 51 29.00 12.88 8.40
N ASN B 52 30.27 13.01 8.02
CA ASN B 52 31.38 12.71 8.93
C ASN B 52 31.41 13.70 10.10
N LYS B 53 30.84 14.88 9.90
CA LYS B 53 31.02 15.99 10.84
C LYS B 53 30.00 16.02 11.95
N TYR B 54 30.45 16.17 13.19
CA TYR B 54 29.57 16.50 14.34
C TYR B 54 29.35 18.00 14.46
N SER B 55 28.09 18.40 14.53
CA SER B 55 27.68 19.79 14.42
C SER B 55 26.57 20.14 15.39
N GLU B 56 26.58 19.53 16.57
CA GLU B 56 25.55 19.84 17.60
C GLU B 56 25.37 21.32 17.88
N GLY B 57 24.13 21.77 17.93
CA GLY B 57 23.83 23.19 18.04
C GLY B 57 23.22 23.77 16.77
N TYR B 58 23.41 25.07 16.60
CA TYR B 58 22.80 25.81 15.51
C TYR B 58 23.89 26.65 14.90
N PRO B 59 23.67 27.16 13.67
CA PRO B 59 24.78 27.87 13.01
C PRO B 59 25.30 29.06 13.83
N LYS B 60 26.61 29.31 13.79
CA LYS B 60 27.25 30.38 14.56
C LYS B 60 26.99 30.23 16.07
N LYS B 61 26.52 29.03 16.47
CA LYS B 61 26.15 28.71 17.85
C LYS B 61 26.45 27.21 18.13
N ARG B 62 27.51 26.70 17.50
CA ARG B 62 27.91 25.29 17.63
C ARG B 62 28.67 25.02 18.90
N TYR B 63 28.61 23.78 19.38
CA TYR B 63 29.47 23.32 20.46
C TYR B 63 30.89 23.04 19.98
N TYR B 64 31.02 22.50 18.78
CA TYR B 64 32.36 22.22 18.23
C TYR B 64 32.70 23.24 17.15
N GLY B 65 33.99 23.33 16.81
CA GLY B 65 34.45 24.21 15.76
C GLY B 65 34.72 23.45 14.49
N GLY B 66 35.36 24.11 13.53
CA GLY B 66 35.51 23.53 12.19
C GLY B 66 34.19 23.32 11.46
N ASN B 67 33.16 24.06 11.87
CA ASN B 67 31.78 23.93 11.40
C ASN B 67 31.29 25.04 10.46
N ASP B 68 32.23 25.82 9.91
CA ASP B 68 31.85 26.97 9.10
C ASP B 68 31.18 26.60 7.78
N PHE B 69 31.74 25.62 7.09
CA PHE B 69 31.15 25.10 5.85
C PHE B 69 29.81 24.41 6.08
N ILE B 70 29.69 23.71 7.20
CA ILE B 70 28.43 23.13 7.70
C ILE B 70 27.42 24.23 8.00
N ASP B 71 27.89 25.33 8.59
CA ASP B 71 27.02 26.45 8.95
C ASP B 71 26.45 27.12 7.72
N LYS B 72 27.25 27.17 6.66
CA LYS B 72 26.76 27.75 5.42
C LYS B 72 25.63 26.85 4.88
N ILE B 73 25.91 25.55 4.83
CA ILE B 73 24.95 24.56 4.37
C ILE B 73 23.63 24.64 5.12
N GLU B 74 23.67 24.73 6.44
CA GLU B 74 22.43 24.79 7.20
C GLU B 74 21.65 26.07 6.97
N GLU B 75 22.38 27.18 6.78
CA GLU B 75 21.76 28.49 6.64
C GLU B 75 21.18 28.64 5.24
N LEU B 76 21.90 28.11 4.25
CA LEU B 76 21.36 27.98 2.91
C LEU B 76 20.02 27.25 2.93
N CYS B 77 19.96 26.16 3.71
CA CYS B 77 18.78 25.29 3.75
C CYS B 77 17.59 25.98 4.39
N GLN B 78 17.84 26.72 5.47
CA GLN B 78 16.79 27.50 6.14
C GLN B 78 16.23 28.60 5.21
N LYS B 79 17.12 29.14 4.37
CA LYS B 79 16.80 30.23 3.48
C LYS B 79 15.96 29.70 2.32
N ARG B 80 16.48 28.70 1.62
CA ARG B 80 15.72 28.03 0.57
C ARG B 80 14.36 27.50 1.06
N ALA B 81 14.27 27.12 2.33
CA ALA B 81 13.03 26.62 2.94
C ALA B 81 11.94 27.68 3.02
N LEU B 82 12.29 28.81 3.64
CA LEU B 82 11.39 29.96 3.78
C LEU B 82 10.97 30.58 2.44
N GLU B 83 11.93 30.77 1.52
CA GLU B 83 11.62 31.16 0.13
C GLU B 83 10.59 30.22 -0.52
N ALA B 84 10.83 28.90 -0.47
CA ALA B 84 9.94 27.92 -1.10
C ALA B 84 8.50 28.04 -0.59
N PHE B 85 8.36 28.24 0.70
CA PHE B 85 7.03 28.34 1.27
C PHE B 85 6.53 29.77 1.39
N ASN B 86 7.10 30.64 0.55
CA ASN B 86 6.65 32.03 0.38
C ASN B 86 6.41 32.77 1.69
N VAL B 87 7.41 32.74 2.57
CA VAL B 87 7.34 33.45 3.85
C VAL B 87 8.63 34.25 4.08
N SER B 88 8.49 35.33 4.83
CA SER B 88 9.59 36.26 5.07
C SER B 88 10.40 35.77 6.27
N ASP B 89 11.74 35.84 6.17
CA ASP B 89 12.66 35.51 7.29
C ASP B 89 12.26 36.24 8.55
N GLU B 90 11.42 37.26 8.39
CA GLU B 90 11.12 38.19 9.47
C GLU B 90 9.92 37.75 10.28
N GLU B 91 8.98 37.03 9.66
CA GLU B 91 7.78 36.57 10.37
C GLU B 91 7.87 35.10 10.80
N TRP B 92 8.57 34.31 10.00
CA TRP B 92 8.68 32.85 10.19
C TRP B 92 10.10 32.42 10.33
N GLY B 93 10.30 31.39 11.14
CA GLY B 93 11.54 30.65 11.10
C GLY B 93 11.27 29.18 10.86
N VAL B 94 12.35 28.48 10.52
CA VAL B 94 12.32 27.06 10.25
C VAL B 94 13.50 26.44 11.00
N ASN B 95 13.28 25.22 11.51
CA ASN B 95 14.33 24.32 12.00
C ASN B 95 14.43 23.12 11.00
N VAL B 96 15.63 22.87 10.50
CA VAL B 96 15.86 21.92 9.42
C VAL B 96 16.58 20.64 9.88
N GLN B 97 16.66 20.44 11.20
CA GLN B 97 17.42 19.34 11.77
C GLN B 97 16.63 18.06 12.05
N PRO B 98 15.28 18.16 12.26
CA PRO B 98 14.48 16.97 12.58
C PRO B 98 14.73 15.83 11.58
N LEU B 99 15.01 14.64 12.12
CA LEU B 99 15.45 13.53 11.27
C LEU B 99 14.31 12.97 10.43
N SER B 100 13.09 13.15 10.88
CA SER B 100 11.93 12.63 10.15
C SER B 100 10.61 13.23 10.67
N GLY B 101 9.54 12.99 9.92
CA GLY B 101 8.26 13.65 10.20
C GLY B 101 7.73 13.37 11.58
N SER B 102 7.87 12.12 12.01
CA SER B 102 7.41 11.72 13.34
C SER B 102 8.24 12.45 14.41
N ALA B 103 9.56 12.50 14.25
CA ALA B 103 10.43 13.25 15.17
C ALA B 103 10.03 14.76 15.26
N ALA B 104 9.92 15.43 14.12
CA ALA B 104 9.48 16.83 14.01
C ALA B 104 8.20 17.08 14.78
N ASN B 105 7.17 16.28 14.53
CA ASN B 105 5.90 16.46 15.21
C ASN B 105 6.00 16.37 16.73
N VAL B 106 6.68 15.33 17.21
CA VAL B 106 6.92 15.12 18.65
C VAL B 106 7.68 16.30 19.26
N GLN B 107 8.77 16.67 18.61
CA GLN B 107 9.59 17.81 18.99
C GLN B 107 8.77 19.10 19.03
N ALA B 108 8.12 19.44 17.91
CA ALA B 108 7.27 20.65 17.86
C ALA B 108 6.12 20.64 18.87
N LEU B 109 5.45 19.50 19.06
CA LEU B 109 4.35 19.45 20.04
C LEU B 109 4.84 19.60 21.47
N TYR B 110 5.98 18.99 21.76
CA TYR B 110 6.61 19.17 23.06
C TYR B 110 6.97 20.64 23.33
N ALA B 111 7.55 21.29 22.32
CA ALA B 111 7.92 22.68 22.39
C ALA B 111 6.75 23.55 22.82
N LEU B 112 5.59 23.25 22.26
CA LEU B 112 4.38 24.05 22.51
C LEU B 112 3.69 23.72 23.82
N VAL B 113 3.65 22.45 24.20
CA VAL B 113 2.77 22.06 25.29
C VAL B 113 3.41 21.37 26.48
N GLY B 114 4.67 20.94 26.34
CA GLY B 114 5.34 20.17 27.40
C GLY B 114 4.74 18.80 27.70
N VAL B 115 5.38 18.07 28.63
CA VAL B 115 4.91 16.74 29.04
C VAL B 115 3.61 16.88 29.82
N LYS B 116 2.71 15.90 29.70
CA LYS B 116 1.33 15.96 30.21
C LYS B 116 0.44 17.07 29.55
N GLY B 117 0.95 17.70 28.50
CA GLY B 117 0.18 18.71 27.75
C GLY B 117 -0.96 18.15 26.91
N LYS B 118 -1.97 18.98 26.66
CA LYS B 118 -3.20 18.57 25.97
C LYS B 118 -3.18 18.92 24.48
N ILE B 119 -3.44 17.92 23.63
CA ILE B 119 -3.47 18.12 22.16
C ILE B 119 -4.68 17.47 21.49
N MET B 120 -5.11 18.05 20.37
CA MET B 120 -6.21 17.50 19.58
C MET B 120 -5.70 17.16 18.19
N GLY B 121 -6.05 15.97 17.72
CA GLY B 121 -5.72 15.55 16.37
C GLY B 121 -6.81 14.69 15.78
N MET B 122 -6.75 14.51 14.46
CA MET B 122 -7.66 13.60 13.74
C MET B 122 -7.31 12.15 14.05
N HIS B 123 -8.33 11.32 14.27
CA HIS B 123 -8.14 9.89 14.49
C HIS B 123 -7.40 9.26 13.34
N LEU B 124 -6.61 8.24 13.66
CA LEU B 124 -5.82 7.52 12.66
C LEU B 124 -6.70 6.80 11.63
N CYS B 125 -7.75 6.14 12.13
CA CYS B 125 -8.69 5.40 11.29
C CYS B 125 -9.50 6.34 10.42
N SER B 126 -9.32 7.63 10.62
CA SER B 126 -10.02 8.65 9.87
C SER B 126 -9.05 9.41 8.97
N GLY B 127 -7.75 9.14 9.11
CA GLY B 127 -6.78 9.80 8.25
C GLY B 127 -5.75 10.70 8.92
N GLY B 128 -5.76 10.76 10.24
CA GLY B 128 -4.71 11.44 10.96
C GLY B 128 -3.46 10.56 11.04
N HIS B 129 -2.32 11.19 11.29
CA HIS B 129 -1.08 10.46 11.47
C HIS B 129 -0.98 9.97 12.88
N LEU B 130 -0.17 8.94 13.06
CA LEU B 130 0.11 8.37 14.38
C LEU B 130 0.54 9.40 15.40
N THR B 131 1.36 10.36 14.97
CA THR B 131 1.87 11.42 15.85
C THR B 131 0.91 12.60 16.08
N HIS B 132 -0.35 12.43 15.67
CA HIS B 132 -1.39 13.39 15.99
C HIS B 132 -2.14 12.95 17.22
N GLY B 133 -1.55 12.04 18.00
CA GLY B 133 -2.12 11.65 19.28
C GLY B 133 -2.76 10.28 19.30
N PHE B 134 -2.34 9.39 18.41
CA PHE B 134 -3.03 8.10 18.32
C PHE B 134 -2.93 7.18 19.54
N PHE B 135 -4.11 6.78 20.04
CA PHE B 135 -4.23 5.71 21.03
C PHE B 135 -5.40 4.77 20.72
N ASP B 136 -5.39 3.59 21.33
CA ASP B 136 -6.42 2.58 21.11
C ASP B 136 -7.29 2.48 22.35
N GLU B 137 -8.29 1.60 22.30
CA GLU B 137 -9.05 1.17 23.48
C GLU B 137 -8.08 0.65 24.54
N LYS B 138 -7.12 -0.17 24.09
CA LYS B 138 -6.25 -0.93 24.98
C LYS B 138 -4.88 -0.31 25.25
N LYS B 139 -4.39 0.55 24.35
CA LYS B 139 -3.02 1.02 24.44
C LYS B 139 -2.79 2.45 23.95
N LYS B 140 -1.83 3.13 24.58
CA LYS B 140 -1.38 4.43 24.11
C LYS B 140 -0.34 4.21 23.02
N VAL B 141 -0.82 4.01 21.81
CA VAL B 141 -0.02 3.49 20.69
C VAL B 141 1.13 4.43 20.29
N SER B 142 0.84 5.72 20.24
CA SER B 142 1.87 6.71 19.93
C SER B 142 2.28 7.41 21.18
N ILE B 143 3.55 7.79 21.26
CA ILE B 143 4.06 8.56 22.39
C ILE B 143 3.23 9.82 22.54
N THR B 144 2.60 10.27 21.44
CA THR B 144 1.87 11.53 21.45
C THR B 144 0.58 11.45 22.24
N SER B 145 0.15 10.21 22.51
CA SER B 145 -0.97 10.00 23.40
C SER B 145 -0.51 9.63 24.81
N ASP B 146 0.80 9.42 24.98
CA ASP B 146 1.34 9.02 26.29
C ASP B 146 2.11 10.15 26.97
N MET B 147 3.02 10.77 26.23
CA MET B 147 3.74 11.88 26.81
C MET B 147 2.84 13.11 26.88
N PHE B 148 1.80 13.13 26.03
CA PHE B 148 0.77 14.18 26.01
C PHE B 148 -0.59 13.54 26.34
N GLU B 149 -1.58 14.37 26.68
CA GLU B 149 -2.95 13.91 26.84
C GLU B 149 -3.71 14.33 25.59
N SER B 150 -4.20 13.35 24.83
CA SER B 150 -4.75 13.66 23.53
C SER B 150 -6.22 13.30 23.40
N LYS B 151 -6.89 14.01 22.51
CA LYS B 151 -8.24 13.65 22.13
C LYS B 151 -8.26 13.64 20.61
N LEU B 152 -9.03 12.72 20.03
CA LEU B 152 -9.05 12.53 18.59
C LEU B 152 -10.40 12.87 17.98
N TYR B 153 -10.40 13.76 16.98
CA TYR B 153 -11.62 14.05 16.22
C TYR B 153 -11.75 13.17 14.98
N LYS B 154 -12.96 13.13 14.43
CA LYS B 154 -13.25 12.26 13.30
C LYS B 154 -13.76 12.98 12.06
N CYS B 155 -14.00 12.23 10.99
CA CYS B 155 -14.60 12.81 9.79
CA CYS B 155 -14.60 12.76 9.76
C CYS B 155 -16.08 12.45 9.80
N ASN B 156 -16.88 13.19 9.06
CA ASN B 156 -18.31 12.87 9.01
C ASN B 156 -18.60 11.71 8.05
N SER B 157 -19.88 11.47 7.81
CA SER B 157 -20.34 10.36 6.99
C SER B 157 -19.96 10.49 5.50
N GLN B 158 -19.61 11.70 5.06
CA GLN B 158 -19.24 11.93 3.68
C GLN B 158 -17.73 11.96 3.46
N GLY B 159 -16.96 11.78 4.54
CA GLY B 159 -15.50 11.79 4.49
C GLY B 159 -14.83 13.15 4.66
N TYR B 160 -15.56 14.11 5.22
CA TYR B 160 -15.05 15.48 5.44
C TYR B 160 -14.83 15.70 6.94
N VAL B 161 -13.83 16.51 7.28
CA VAL B 161 -13.63 16.95 8.66
C VAL B 161 -14.90 17.61 9.19
N ASP B 162 -15.40 17.11 10.31
CA ASP B 162 -16.60 17.67 10.90
C ASP B 162 -16.21 18.83 11.80
N LEU B 163 -16.13 20.04 11.24
CA LEU B 163 -15.69 21.21 12.02
C LEU B 163 -16.56 21.47 13.25
N ASP B 164 -17.86 21.22 13.13
CA ASP B 164 -18.75 21.36 14.27
C ASP B 164 -18.43 20.36 15.39
N ALA B 165 -17.92 19.19 15.03
CA ALA B 165 -17.44 18.25 16.03
C ALA B 165 -16.11 18.72 16.61
N VAL B 166 -15.26 19.30 15.77
CA VAL B 166 -13.99 19.82 16.24
C VAL B 166 -14.24 20.86 17.35
N ARG B 167 -15.22 21.74 17.13
CA ARG B 167 -15.59 22.77 18.10
C ARG B 167 -16.12 22.18 19.42
N GLU B 168 -17.09 21.28 19.31
CA GLU B 168 -17.71 20.66 20.48
C GLU B 168 -16.65 20.07 21.40
N MET B 169 -15.70 19.34 20.81
CA MET B 169 -14.63 18.71 21.54
C MET B 169 -13.63 19.72 22.13
N ALA B 170 -13.18 20.66 21.31
CA ALA B 170 -12.23 21.70 21.72
C ALA B 170 -12.65 22.57 22.93
N LEU B 171 -13.92 22.97 22.98
CA LEU B 171 -14.44 23.75 24.10
C LEU B 171 -14.61 22.85 25.32
N SER B 172 -15.03 21.62 25.07
CA SER B 172 -15.23 20.61 26.13
C SER B 172 -13.93 20.03 26.71
N PHE B 173 -12.89 19.94 25.88
CA PHE B 173 -11.65 19.27 26.27
C PHE B 173 -10.48 20.25 26.48
N LYS B 174 -10.56 21.42 25.86
CA LYS B 174 -9.65 22.55 26.13
C LYS B 174 -8.16 22.30 25.84
N PRO B 175 -7.83 21.93 24.58
CA PRO B 175 -6.43 21.65 24.24
C PRO B 175 -5.60 22.90 24.13
N LYS B 176 -4.27 22.75 24.16
CA LYS B 176 -3.39 23.87 23.92
C LYS B 176 -2.79 23.77 22.52
N VAL B 177 -3.03 22.63 21.84
CA VAL B 177 -2.72 22.49 20.41
C VAL B 177 -3.83 21.72 19.71
N ILE B 178 -4.23 22.20 18.53
CA ILE B 178 -5.12 21.46 17.64
C ILE B 178 -4.36 21.20 16.37
N ILE B 179 -4.27 19.93 15.99
CA ILE B 179 -3.50 19.60 14.79
C ILE B 179 -4.42 19.37 13.60
N CYS B 180 -4.06 19.94 12.46
CA CYS B 180 -4.75 19.64 11.21
C CYS B 180 -3.69 19.39 10.14
N GLY B 181 -4.10 18.82 9.01
CA GLY B 181 -3.15 18.32 8.00
C GLY B 181 -2.98 16.82 8.25
N TYR B 182 -3.12 16.02 7.18
CA TYR B 182 -3.44 14.60 7.36
C TYR B 182 -2.64 13.61 6.55
N THR B 183 -2.71 12.35 6.96
CA THR B 183 -2.02 11.29 6.27
C THR B 183 -2.82 10.87 5.06
N SER B 184 -4.12 10.77 5.25
CA SER B 184 -5.00 10.31 4.19
C SER B 184 -6.23 11.16 4.14
N TYR B 185 -6.19 12.22 3.34
CA TYR B 185 -7.33 13.11 3.26
C TYR B 185 -7.32 13.69 1.87
N PRO B 186 -8.36 13.37 1.07
CA PRO B 186 -8.38 13.74 -0.34
C PRO B 186 -8.78 15.18 -0.61
N ARG B 187 -9.20 15.91 0.42
CA ARG B 187 -9.67 17.29 0.20
C ARG B 187 -8.81 18.33 0.90
N ASP B 188 -8.86 19.56 0.40
CA ASP B 188 -8.20 20.70 1.01
C ASP B 188 -8.81 20.99 2.39
N ILE B 189 -8.11 21.80 3.17
CA ILE B 189 -8.44 22.02 4.57
C ILE B 189 -8.84 23.45 4.80
N ASP B 190 -9.84 23.65 5.65
CA ASP B 190 -10.28 24.99 6.00
C ASP B 190 -9.52 25.48 7.23
N TYR B 191 -8.34 26.05 7.00
CA TYR B 191 -7.44 26.43 8.08
C TYR B 191 -7.96 27.65 8.81
N GLN B 192 -8.64 28.54 8.07
CA GLN B 192 -9.26 29.72 8.64
C GLN B 192 -10.23 29.33 9.76
N GLN B 193 -11.10 28.38 9.48
CA GLN B 193 -12.02 27.87 10.50
C GLN B 193 -11.29 27.16 11.63
N PHE B 194 -10.15 26.55 11.36
CA PHE B 194 -9.34 25.98 12.42
C PHE B 194 -8.76 27.08 13.30
N ARG B 195 -8.14 28.06 12.66
CA ARG B 195 -7.64 29.28 13.32
C ARG B 195 -8.67 29.99 14.23
N GLN B 196 -9.93 30.03 13.80
CA GLN B 196 -11.05 30.59 14.57
C GLN B 196 -11.46 29.74 15.78
N ILE B 197 -11.43 28.41 15.62
CA ILE B 197 -11.76 27.48 16.72
C ILE B 197 -10.71 27.55 17.82
N CYS B 198 -9.45 27.61 17.42
CA CYS B 198 -8.34 27.65 18.36
C CYS B 198 -8.46 28.90 19.22
N ASP B 199 -8.67 30.05 18.57
CA ASP B 199 -8.87 31.33 19.25
C ASP B 199 -9.90 31.34 20.39
N GLU B 200 -11.01 30.63 20.24
CA GLU B 200 -12.04 30.53 21.30
C GLU B 200 -11.59 29.74 22.54
N VAL B 201 -10.58 28.90 22.34
CA VAL B 201 -10.05 28.02 23.39
C VAL B 201 -8.63 28.49 23.77
N ASN B 202 -8.10 29.42 22.98
CA ASN B 202 -6.71 29.93 23.09
C ASN B 202 -5.61 28.94 22.64
N ALA B 203 -6.00 27.88 21.93
CA ALA B 203 -5.04 26.87 21.46
C ALA B 203 -4.11 27.34 20.33
N TYR B 204 -2.97 26.67 20.19
CA TYR B 204 -2.11 26.82 19.04
C TYR B 204 -2.70 26.07 17.83
N LEU B 205 -2.39 26.51 16.62
CA LEU B 205 -2.80 25.83 15.39
C LEU B 205 -1.60 25.20 14.70
N PHE B 206 -1.63 23.87 14.65
CA PHE B 206 -0.56 23.07 14.10
C PHE B 206 -1.04 22.46 12.76
N ALA B 207 -0.35 22.82 11.69
CA ALA B 207 -0.61 22.27 10.35
C ALA B 207 0.50 21.31 9.84
N ASP B 208 0.21 20.02 9.81
CA ASP B 208 1.14 19.01 9.28
C ASP B 208 0.81 18.80 7.83
N ILE B 209 1.58 19.42 6.93
CA ILE B 209 1.30 19.41 5.47
C ILE B 209 2.26 18.51 4.65
N SER B 210 2.79 17.47 5.30
CA SER B 210 3.72 16.51 4.68
C SER B 210 3.21 15.93 3.35
N HIS B 211 1.88 15.73 3.23
CA HIS B 211 1.27 15.11 2.04
C HIS B 211 0.97 16.06 0.95
N ILE B 212 0.83 17.34 1.30
CA ILE B 212 0.38 18.34 0.33
C ILE B 212 1.36 19.51 0.23
N SER B 213 2.60 19.27 0.67
CA SER B 213 3.56 20.34 0.85
C SER B 213 3.80 21.11 -0.45
N SER B 214 3.95 20.41 -1.57
CA SER B 214 4.20 21.07 -2.85
C SER B 214 3.03 21.95 -3.27
N PHE B 215 1.81 21.46 -3.05
CA PHE B 215 0.61 22.24 -3.29
C PHE B 215 0.61 23.56 -2.50
N VAL B 216 1.12 23.52 -1.28
CA VAL B 216 1.20 24.71 -0.46
C VAL B 216 2.25 25.68 -1.02
N ALA B 217 3.48 25.20 -1.19
CA ALA B 217 4.55 26.02 -1.76
C ALA B 217 4.21 26.61 -3.12
N CYS B 218 3.38 25.92 -3.90
CA CYS B 218 3.09 26.36 -5.27
C CYS B 218 1.82 27.16 -5.40
N ASN B 219 1.25 27.51 -4.26
CA ASN B 219 0.00 28.30 -4.23
C ASN B 219 -1.13 27.68 -5.10
N ILE B 220 -1.31 26.35 -4.95
CA ILE B 220 -2.38 25.61 -5.62
C ILE B 220 -3.48 25.23 -4.63
N LEU B 221 -3.12 25.05 -3.35
CA LEU B 221 -4.08 24.75 -2.30
C LEU B 221 -4.13 25.87 -1.23
N ASN B 222 -5.02 25.77 -0.24
CA ASN B 222 -5.10 26.77 0.84
C ASN B 222 -3.77 26.96 1.55
N ASN B 223 -3.45 28.22 1.88
CA ASN B 223 -2.20 28.52 2.60
C ASN B 223 -2.33 28.41 4.12
N PRO B 224 -1.68 27.40 4.71
CA PRO B 224 -1.76 27.28 6.16
C PRO B 224 -0.90 28.34 6.88
N PHE B 225 0.12 28.88 6.19
CA PHE B 225 1.03 29.84 6.81
C PHE B 225 0.30 31.15 7.14
N LEU B 226 -0.86 31.34 6.53
CA LEU B 226 -1.70 32.49 6.80
C LEU B 226 -2.31 32.44 8.19
N HIS B 227 -2.49 31.26 8.74
CA HIS B 227 -3.26 31.12 9.99
C HIS B 227 -2.54 30.44 11.12
N ALA B 228 -1.61 29.54 10.79
CA ALA B 228 -1.09 28.61 11.78
C ALA B 228 0.10 29.14 12.57
N ASP B 229 0.21 28.66 13.80
CA ASP B 229 1.38 28.92 14.63
C ASP B 229 2.61 28.06 14.22
N VAL B 230 2.40 26.73 14.08
CA VAL B 230 3.46 25.82 13.64
C VAL B 230 3.02 25.06 12.37
N VAL B 231 3.90 24.99 11.38
CA VAL B 231 3.68 24.10 10.24
C VAL B 231 4.83 23.08 10.15
N THR B 232 4.50 21.79 10.11
CA THR B 232 5.51 20.74 9.82
C THR B 232 5.28 20.08 8.48
N THR B 233 6.35 19.59 7.90
CA THR B 233 6.27 18.81 6.67
C THR B 233 7.48 17.89 6.60
N THR B 234 7.26 16.69 6.09
CA THR B 234 8.39 15.88 5.68
C THR B 234 8.93 16.47 4.39
N THR B 235 10.15 16.08 4.02
CA THR B 235 10.75 16.54 2.78
C THR B 235 10.74 15.46 1.67
N HIS B 236 10.21 14.26 1.96
CA HIS B 236 10.29 13.10 1.05
C HIS B 236 9.06 12.66 0.29
N LYS B 237 7.90 13.19 0.62
CA LYS B 237 6.70 12.78 -0.05
C LYS B 237 6.58 13.60 -1.34
N ILE B 238 5.44 14.28 -1.53
CA ILE B 238 5.20 15.05 -2.77
C ILE B 238 6.30 16.08 -3.01
N LEU B 239 6.97 16.51 -1.94
CA LEU B 239 8.06 17.47 -2.06
C LEU B 239 9.29 16.92 -2.78
N ARG B 240 9.43 15.60 -2.77
CA ARG B 240 10.43 14.89 -3.57
C ARG B 240 11.87 15.07 -3.07
N GLY B 241 12.02 15.31 -1.77
CA GLY B 241 13.33 15.46 -1.14
C GLY B 241 13.79 14.20 -0.42
N PRO B 242 14.85 14.32 0.39
CA PRO B 242 15.32 13.17 1.11
C PRO B 242 14.37 12.87 2.22
N ARG B 243 14.62 11.77 2.90
CA ARG B 243 13.87 11.48 4.09
C ARG B 243 14.35 12.43 5.22
N SER B 244 13.53 13.44 5.52
CA SER B 244 13.85 14.42 6.56
C SER B 244 12.60 15.20 6.90
N ALA B 245 12.70 16.18 7.79
CA ALA B 245 11.57 17.04 8.05
C ALA B 245 11.90 18.50 8.40
N LEU B 246 10.89 19.35 8.23
CA LEU B 246 10.93 20.78 8.57
C LEU B 246 9.92 21.16 9.67
N ILE B 247 10.35 22.01 10.60
CA ILE B 247 9.43 22.64 11.53
C ILE B 247 9.40 24.14 11.23
N PHE B 248 8.21 24.66 10.89
CA PHE B 248 8.04 26.10 10.69
C PHE B 248 7.34 26.69 11.91
N PHE B 249 7.72 27.92 12.25
CA PHE B 249 7.15 28.56 13.41
C PHE B 249 6.90 30.06 13.17
N ASN B 250 5.73 30.49 13.61
CA ASN B 250 5.30 31.89 13.43
C ASN B 250 5.83 32.76 14.60
N LYS B 251 6.98 33.40 14.36
CA LYS B 251 7.57 34.32 15.37
C LYS B 251 6.61 35.47 15.67
N LYS B 252 6.06 36.08 14.61
CA LYS B 252 5.18 37.26 14.78
C LYS B 252 4.00 37.02 15.71
N ARG B 253 3.31 35.91 15.52
CA ARG B 253 2.20 35.56 16.40
C ARG B 253 2.72 35.11 17.76
N ASN B 254 3.92 34.56 17.79
CA ASN B 254 4.50 34.06 19.03
C ASN B 254 5.98 34.41 19.14
N PRO B 255 6.28 35.57 19.75
CA PRO B 255 7.65 35.70 20.26
C PRO B 255 7.88 34.65 21.36
N GLY B 256 9.14 34.22 21.50
CA GLY B 256 9.49 33.11 22.40
C GLY B 256 9.36 31.71 21.80
N ILE B 257 8.73 31.61 20.63
CA ILE B 257 8.55 30.31 19.98
C ILE B 257 9.82 29.82 19.29
N GLU B 258 10.61 30.73 18.74
CA GLU B 258 11.85 30.30 18.08
C GLU B 258 12.76 29.48 19.00
N GLN B 259 13.12 30.05 20.15
CA GLN B 259 13.99 29.32 21.06
C GLN B 259 13.30 28.04 21.57
N LYS B 260 11.98 28.09 21.74
CA LYS B 260 11.20 26.94 22.22
C LYS B 260 11.27 25.73 21.25
N ILE B 261 11.15 26.02 19.96
CA ILE B 261 11.24 25.01 18.95
C ILE B 261 12.67 24.52 18.73
N ASN B 262 13.62 25.45 18.60
CA ASN B 262 15.03 25.07 18.41
C ASN B 262 15.58 24.26 19.57
N SER B 263 15.11 24.57 20.76
CA SER B 263 15.55 23.88 21.98
C SER B 263 14.91 22.49 22.12
N ALA B 264 13.65 22.37 21.71
CA ALA B 264 12.96 21.09 21.65
C ALA B 264 13.71 20.09 20.78
N VAL B 265 14.22 20.56 19.63
CA VAL B 265 14.87 19.71 18.65
C VAL B 265 16.24 19.30 19.18
N PHE B 266 17.03 20.30 19.56
CA PHE B 266 18.27 20.10 20.27
C PHE B 266 18.40 21.14 21.39
N PRO B 267 18.73 20.71 22.62
CA PRO B 267 19.17 19.37 22.97
C PRO B 267 18.16 18.48 23.70
N SER B 268 16.86 18.81 23.68
CA SER B 268 15.87 17.95 24.35
C SER B 268 15.75 16.53 23.75
N PHE B 269 15.58 16.47 22.42
CA PHE B 269 15.32 15.22 21.69
C PHE B 269 16.52 14.71 20.88
N GLN B 270 17.10 15.56 20.04
CA GLN B 270 18.19 15.12 19.16
C GLN B 270 19.61 15.42 19.64
N GLY B 271 20.57 14.74 19.02
CA GLY B 271 21.98 15.04 19.17
C GLY B 271 22.50 15.72 17.91
N GLY B 272 23.57 15.17 17.35
CA GLY B 272 24.17 15.71 16.15
C GLY B 272 23.21 15.67 15.00
N PRO B 273 23.16 16.73 14.18
CA PRO B 273 22.31 16.69 12.98
C PRO B 273 22.93 15.79 11.92
N HIS B 274 22.11 15.30 10.99
CA HIS B 274 22.64 14.58 9.85
C HIS B 274 22.75 15.55 8.71
N ASN B 275 23.97 16.05 8.52
CA ASN B 275 24.26 17.13 7.59
C ASN B 275 24.10 16.75 6.15
N ASN B 276 24.27 15.45 5.85
CA ASN B 276 23.98 14.98 4.49
C ASN B 276 22.49 15.13 4.16
N LYS B 277 21.64 14.92 5.15
CA LYS B 277 20.19 15.16 5.02
C LYS B 277 19.89 16.63 4.77
N ILE B 278 20.52 17.50 5.56
CA ILE B 278 20.35 18.93 5.48
C ILE B 278 20.80 19.45 4.10
N ALA B 279 21.94 18.94 3.64
CA ALA B 279 22.43 19.20 2.32
C ALA B 279 21.43 18.75 1.24
N ALA B 280 20.88 17.53 1.37
CA ALA B 280 19.98 17.00 0.34
C ALA B 280 18.70 17.81 0.25
N VAL B 281 18.23 18.26 1.40
CA VAL B 281 17.08 19.11 1.44
C VAL B 281 17.42 20.38 0.64
N ALA B 282 18.58 20.97 0.94
CA ALA B 282 19.00 22.21 0.27
C ALA B 282 18.91 22.05 -1.23
N CYS B 283 19.47 20.95 -1.72
CA CYS B 283 19.47 20.65 -3.13
C CYS B 283 18.07 20.59 -3.71
N GLN B 284 17.16 19.94 -3.01
CA GLN B 284 15.80 19.80 -3.50
C GLN B 284 14.96 21.06 -3.36
N LEU B 285 15.09 21.74 -2.22
CA LEU B 285 14.31 22.96 -1.97
C LEU B 285 14.60 24.01 -3.05
N LYS B 286 15.80 23.96 -3.65
CA LYS B 286 16.14 24.84 -4.75
C LYS B 286 15.31 24.43 -5.93
N GLU B 287 15.33 23.14 -6.28
CA GLU B 287 14.46 22.63 -7.34
C GLU B 287 13.01 23.05 -7.13
N VAL B 288 12.58 23.10 -5.88
CA VAL B 288 11.18 23.36 -5.57
C VAL B 288 10.75 24.76 -6.04
N HIS B 289 11.63 25.73 -5.86
CA HIS B 289 11.29 27.12 -6.18
C HIS B 289 11.14 27.41 -7.65
N SER B 290 11.70 26.56 -8.49
CA SER B 290 11.69 26.73 -9.95
C SER B 290 10.31 26.50 -10.57
N PRO B 291 9.98 27.23 -11.66
CA PRO B 291 8.67 27.09 -12.31
C PRO B 291 8.47 25.67 -12.88
N ALA B 292 9.57 25.02 -13.26
CA ALA B 292 9.57 23.60 -13.61
C ALA B 292 8.94 22.69 -12.52
N PHE B 293 9.26 22.95 -11.25
CA PHE B 293 8.63 22.20 -10.16
C PHE B 293 7.15 22.55 -10.03
N LYS B 294 6.79 23.79 -10.38
CA LYS B 294 5.37 24.17 -10.41
C LYS B 294 4.65 23.39 -11.50
N GLU B 295 5.29 23.24 -12.67
CA GLU B 295 4.76 22.36 -13.71
C GLU B 295 4.43 20.98 -13.11
N TYR B 296 5.41 20.38 -12.45
CA TYR B 296 5.32 19.03 -11.94
C TYR B 296 4.18 18.90 -10.96
N THR B 297 4.14 19.79 -9.97
CA THR B 297 3.07 19.79 -8.99
C THR B 297 1.70 19.94 -9.65
N GLN B 298 1.62 20.77 -10.71
CA GLN B 298 0.35 20.93 -11.46
C GLN B 298 0.03 19.61 -12.12
N GLN B 299 1.05 19.00 -12.73
CA GLN B 299 0.89 17.72 -13.39
C GLN B 299 0.39 16.66 -12.40
N VAL B 300 0.94 16.65 -11.18
CA VAL B 300 0.44 15.81 -10.09
C VAL B 300 -1.07 15.96 -9.92
N LEU B 301 -1.57 17.19 -9.83
CA LEU B 301 -2.99 17.36 -9.58
C LEU B 301 -3.85 16.94 -10.77
N LEU B 302 -3.37 17.24 -11.98
CA LEU B 302 -4.07 16.90 -13.21
C LEU B 302 -4.22 15.36 -13.29
N ASN B 303 -3.12 14.63 -13.03
CA ASN B 303 -3.19 13.17 -13.05
C ASN B 303 -4.16 12.65 -12.03
N SER B 304 -4.19 13.31 -10.88
CA SER B 304 -5.04 12.90 -9.77
C SER B 304 -6.54 13.10 -10.11
N LYS B 305 -6.86 14.21 -10.76
CA LYS B 305 -8.20 14.46 -11.29
C LYS B 305 -8.53 13.46 -12.43
N ALA B 306 -7.60 13.29 -13.37
CA ALA B 306 -7.90 12.40 -14.48
C ALA B 306 -8.13 10.98 -13.96
N LEU B 307 -7.42 10.63 -12.89
CA LEU B 307 -7.51 9.28 -12.35
C LEU B 307 -8.82 9.04 -11.60
N ALA B 308 -9.21 10.02 -10.79
CA ALA B 308 -10.45 9.97 -10.02
C ALA B 308 -11.64 9.88 -10.98
N LYS B 309 -11.54 10.66 -12.04
CA LYS B 309 -12.55 10.71 -13.06
C LYS B 309 -12.69 9.37 -13.79
N ALA B 310 -11.56 8.76 -14.17
CA ALA B 310 -11.56 7.50 -14.92
C ALA B 310 -12.11 6.38 -14.06
N LEU B 311 -11.77 6.39 -12.78
CA LEU B 311 -12.26 5.39 -11.87
C LEU B 311 -13.79 5.48 -11.76
N ILE B 312 -14.31 6.71 -11.62
CA ILE B 312 -15.76 6.93 -11.53
C ILE B 312 -16.44 6.48 -12.81
N SER B 313 -15.88 6.84 -13.96
CA SER B 313 -16.40 6.37 -15.24
C SER B 313 -16.51 4.83 -15.34
N LYS B 314 -15.75 4.12 -14.50
CA LYS B 314 -15.79 2.65 -14.36
C LYS B 314 -16.62 2.23 -13.17
N GLN B 315 -17.48 3.13 -12.72
CA GLN B 315 -18.39 2.92 -11.59
C GLN B 315 -17.67 2.33 -10.37
N ILE B 316 -16.52 2.91 -10.05
CA ILE B 316 -15.84 2.69 -8.78
C ILE B 316 -16.07 3.92 -7.91
N ASP B 317 -16.49 3.70 -6.66
CA ASP B 317 -16.73 4.77 -5.66
C ASP B 317 -15.48 5.38 -4.98
N LEU B 318 -15.49 6.71 -4.81
CA LEU B 318 -14.39 7.41 -4.12
C LEU B 318 -14.88 8.13 -2.87
N VAL B 319 -14.13 8.07 -1.78
CA VAL B 319 -14.50 8.85 -0.58
C VAL B 319 -14.47 10.33 -0.91
N THR B 320 -15.63 10.96 -0.69
CA THR B 320 -15.94 12.36 -1.02
C THR B 320 -16.18 12.52 -2.50
N ASN B 321 -16.25 11.39 -3.21
CA ASN B 321 -16.50 11.36 -4.68
C ASN B 321 -15.53 12.17 -5.52
N GLY B 322 -14.37 12.45 -4.95
CA GLY B 322 -13.34 13.18 -5.68
C GLY B 322 -12.10 13.47 -4.86
N THR B 323 -11.23 14.27 -5.44
CA THR B 323 -9.99 14.69 -4.80
C THR B 323 -9.73 16.19 -5.11
N ASP B 324 -9.17 16.94 -4.15
CA ASP B 324 -8.65 18.29 -4.47
C ASP B 324 -7.13 18.23 -4.56
N ASN B 325 -6.55 17.09 -4.19
CA ASN B 325 -5.11 17.00 -4.10
C ASN B 325 -4.57 15.80 -4.86
N HIS B 326 -3.49 15.21 -4.36
CA HIS B 326 -2.71 14.20 -5.06
C HIS B 326 -3.22 12.80 -4.74
N LEU B 327 -4.18 12.71 -3.82
CA LEU B 327 -4.60 11.42 -3.33
C LEU B 327 -6.10 11.14 -3.40
N ILE B 328 -6.40 9.86 -3.66
CA ILE B 328 -7.76 9.37 -3.82
C ILE B 328 -7.93 8.24 -2.82
N VAL B 329 -9.09 8.15 -2.20
CA VAL B 329 -9.40 6.99 -1.38
C VAL B 329 -10.60 6.29 -2.03
N VAL B 330 -10.33 5.11 -2.58
CA VAL B 330 -11.33 4.25 -3.20
C VAL B 330 -12.16 3.50 -2.17
N ASP B 331 -13.49 3.57 -2.32
CA ASP B 331 -14.47 2.87 -1.47
C ASP B 331 -14.93 1.55 -2.13
N LEU B 332 -14.57 0.43 -1.50
CA LEU B 332 -14.79 -0.88 -2.12
C LEU B 332 -16.10 -1.57 -1.77
N ARG B 333 -16.92 -0.97 -0.90
CA ARG B 333 -18.17 -1.60 -0.43
C ARG B 333 -19.03 -2.24 -1.51
N LYS B 334 -19.26 -1.54 -2.62
CA LYS B 334 -20.14 -2.05 -3.68
C LYS B 334 -19.65 -3.36 -4.31
N PHE B 335 -18.41 -3.78 -4.00
CA PHE B 335 -17.83 -5.02 -4.53
C PHE B 335 -17.70 -6.07 -3.43
N SER B 336 -18.02 -5.67 -2.20
CA SER B 336 -17.90 -6.54 -1.03
C SER B 336 -16.51 -7.13 -0.83
N ILE B 337 -15.48 -6.38 -1.17
CA ILE B 337 -14.10 -6.83 -0.89
C ILE B 337 -13.40 -5.85 0.05
N THR B 338 -12.42 -6.33 0.81
CA THR B 338 -11.68 -5.42 1.69
C THR B 338 -10.48 -4.84 0.98
N GLY B 339 -9.91 -3.77 1.55
CA GLY B 339 -8.69 -3.15 1.04
C GLY B 339 -7.48 -4.05 1.17
N SER B 340 -7.40 -4.84 2.24
CA SER B 340 -6.30 -5.80 2.40
C SER B 340 -6.30 -6.83 1.26
N LYS B 341 -7.48 -7.35 0.93
CA LYS B 341 -7.57 -8.27 -0.22
C LYS B 341 -7.05 -7.59 -1.48
N LEU B 342 -7.55 -6.39 -1.79
CA LEU B 342 -7.10 -5.71 -3.00
C LEU B 342 -5.62 -5.32 -2.91
N GLN B 343 -5.15 -4.95 -1.72
CA GLN B 343 -3.71 -4.73 -1.55
C GLN B 343 -2.92 -5.98 -1.97
N GLU B 344 -3.38 -7.13 -1.49
CA GLU B 344 -2.75 -8.42 -1.83
C GLU B 344 -2.74 -8.68 -3.34
N THR B 345 -3.86 -8.39 -4.01
CA THR B 345 -3.99 -8.57 -5.47
C THR B 345 -3.08 -7.62 -6.27
N CYS B 346 -3.01 -6.38 -5.81
CA CYS B 346 -2.17 -5.36 -6.45
C CYS B 346 -0.69 -5.68 -6.25
N ASN B 347 -0.35 -6.19 -5.07
CA ASN B 347 1.00 -6.69 -4.83
C ASN B 347 1.43 -7.66 -5.95
N ALA B 348 0.60 -8.67 -6.26
CA ALA B 348 0.91 -9.67 -7.30
C ALA B 348 1.08 -9.12 -8.73
N ILE B 349 0.61 -7.91 -9.00
CA ILE B 349 0.73 -7.35 -10.34
C ILE B 349 1.69 -6.17 -10.44
N ASN B 350 2.56 -6.02 -9.45
CA ASN B 350 3.46 -4.89 -9.36
C ASN B 350 2.74 -3.53 -9.30
N VAL B 351 1.62 -3.49 -8.58
CA VAL B 351 0.91 -2.22 -8.31
C VAL B 351 1.00 -1.96 -6.81
N SER B 352 1.71 -0.93 -6.42
CA SER B 352 1.85 -0.59 -5.00
C SER B 352 0.76 0.40 -4.56
N LEU B 353 -0.07 -0.02 -3.61
CA LEU B 353 -1.06 0.87 -3.00
C LEU B 353 -1.26 0.34 -1.59
N ASN B 354 -2.06 1.01 -0.76
CA ASN B 354 -2.29 0.48 0.57
C ASN B 354 -3.74 0.53 1.00
N LYS B 355 -4.13 -0.37 1.89
CA LYS B 355 -5.48 -0.39 2.43
C LYS B 355 -5.73 0.87 3.25
N ASN B 356 -7.00 1.20 3.41
CA ASN B 356 -7.38 2.45 4.06
C ASN B 356 -8.83 2.41 4.50
N THR B 357 -9.08 2.93 5.70
CA THR B 357 -10.43 3.07 6.25
C THR B 357 -11.35 4.00 5.42
N ILE B 358 -12.65 3.79 5.57
CA ILE B 358 -13.67 4.70 5.04
C ILE B 358 -14.56 5.10 6.23
N PRO B 359 -15.38 6.16 6.10
CA PRO B 359 -16.09 6.57 7.33
C PRO B 359 -16.92 5.42 7.93
N SER B 360 -17.67 4.73 7.07
CA SER B 360 -18.55 3.61 7.47
C SER B 360 -17.84 2.43 8.14
N ASP B 361 -16.50 2.44 8.17
CA ASP B 361 -15.74 1.44 8.90
C ASP B 361 -15.79 1.80 10.38
N VAL B 362 -16.19 0.84 11.20
CA VAL B 362 -16.25 1.03 12.65
C VAL B 362 -14.82 1.12 13.18
N ASP B 363 -14.05 0.08 12.93
CA ASP B 363 -12.69 -0.05 13.43
C ASP B 363 -11.68 -0.10 12.30
N CYS B 364 -10.40 -0.01 12.68
CA CYS B 364 -9.29 -0.19 11.74
C CYS B 364 -9.10 -1.65 11.35
N VAL B 365 -9.99 -2.51 11.87
CA VAL B 365 -9.91 -3.96 11.68
C VAL B 365 -10.04 -4.38 10.21
N SER B 366 -11.13 -3.95 9.56
CA SER B 366 -11.40 -4.39 8.19
C SER B 366 -11.56 -3.20 7.24
N PRO B 367 -10.43 -2.58 6.82
CA PRO B 367 -10.49 -1.38 5.97
C PRO B 367 -11.28 -1.67 4.69
N SER B 368 -12.18 -0.77 4.33
CA SER B 368 -13.01 -0.98 3.14
C SER B 368 -12.51 -0.20 1.93
N GLY B 369 -11.32 0.38 2.05
CA GLY B 369 -10.81 1.23 0.99
C GLY B 369 -9.35 1.03 0.71
N VAL B 370 -8.87 1.68 -0.35
CA VAL B 370 -7.46 1.73 -0.65
C VAL B 370 -7.10 3.17 -0.97
N ARG B 371 -5.87 3.54 -0.65
CA ARG B 371 -5.37 4.87 -0.90
C ARG B 371 -4.38 4.79 -2.03
N ILE B 372 -4.61 5.60 -3.04
CA ILE B 372 -3.67 5.76 -4.13
C ILE B 372 -3.30 7.23 -4.29
N GLY B 373 -2.13 7.47 -4.86
CA GLY B 373 -1.67 8.83 -5.09
C GLY B 373 -0.83 8.89 -6.32
N THR B 374 -0.76 10.08 -6.91
CA THR B 374 -0.10 10.30 -8.18
C THR B 374 1.33 10.90 -8.19
N PRO B 375 1.91 11.30 -7.03
CA PRO B 375 3.25 11.92 -7.11
C PRO B 375 4.37 11.04 -7.76
N ALA B 376 4.51 9.80 -7.28
CA ALA B 376 5.52 8.89 -7.82
C ALA B 376 5.38 8.68 -9.36
N MET B 377 4.19 8.29 -9.82
CA MET B 377 3.94 8.12 -11.26
C MET B 377 4.11 9.38 -12.11
N THR B 378 3.76 10.54 -11.54
CA THR B 378 4.00 11.80 -12.25
C THR B 378 5.49 12.02 -12.48
N THR B 379 6.30 11.77 -11.45
CA THR B 379 7.74 11.85 -11.56
C THR B 379 8.23 10.92 -12.68
N ARG B 380 7.61 9.76 -12.80
CA ARG B 380 8.03 8.82 -13.81
C ARG B 380 7.49 9.11 -15.21
N GLY B 381 6.80 10.23 -15.36
CA GLY B 381 6.40 10.71 -16.69
C GLY B 381 4.94 10.56 -17.10
N ALA B 382 4.15 9.79 -16.35
CA ALA B 382 2.75 9.59 -16.70
C ALA B 382 1.99 10.92 -16.86
N LYS B 383 1.18 11.00 -17.92
CA LYS B 383 0.38 12.18 -18.15
C LYS B 383 -1.08 11.78 -17.96
N GLU B 384 -1.99 12.75 -18.12
CA GLU B 384 -3.40 12.49 -17.85
C GLU B 384 -3.95 11.31 -18.63
N LYS B 385 -3.56 11.21 -19.90
CA LYS B 385 -4.00 10.10 -20.77
C LYS B 385 -3.61 8.73 -20.22
N ASP B 386 -2.60 8.68 -19.35
CA ASP B 386 -2.08 7.42 -18.83
C ASP B 386 -2.86 6.98 -17.62
N MET B 387 -3.70 7.88 -17.12
CA MET B 387 -4.52 7.55 -15.98
C MET B 387 -5.58 6.52 -16.35
N GLU B 388 -6.04 6.55 -17.61
CA GLU B 388 -6.99 5.55 -18.13
C GLU B 388 -6.47 4.12 -17.88
N PHE B 389 -5.27 3.83 -18.36
CA PHE B 389 -4.61 2.53 -18.17
C PHE B 389 -4.51 2.14 -16.71
N ILE B 390 -4.00 3.05 -15.88
CA ILE B 390 -3.90 2.80 -14.45
C ILE B 390 -5.27 2.50 -13.85
N ALA B 391 -6.26 3.33 -14.14
CA ALA B 391 -7.64 3.04 -13.74
C ALA B 391 -8.13 1.70 -14.30
N ASP B 392 -7.78 1.44 -15.56
CA ASP B 392 -8.11 0.17 -16.25
C ASP B 392 -7.50 -1.04 -15.51
N VAL B 393 -6.23 -0.92 -15.12
CA VAL B 393 -5.56 -1.91 -14.30
C VAL B 393 -6.18 -2.10 -12.90
N LEU B 394 -6.55 -1.02 -12.22
CA LEU B 394 -7.17 -1.18 -10.88
C LEU B 394 -8.57 -1.81 -10.94
N ALA B 395 -9.35 -1.42 -11.95
CA ALA B 395 -10.66 -2.04 -12.23
C ALA B 395 -10.50 -3.56 -12.46
N ARG B 396 -9.49 -3.91 -13.27
CA ARG B 396 -9.23 -5.32 -13.59
C ARG B 396 -8.84 -6.07 -12.34
N ALA B 397 -7.95 -5.48 -11.53
CA ALA B 397 -7.54 -6.04 -10.23
C ALA B 397 -8.70 -6.20 -9.24
N ILE B 398 -9.63 -5.24 -9.26
CA ILE B 398 -10.78 -5.37 -8.37
C ILE B 398 -11.66 -6.55 -8.80
N LYS B 399 -11.87 -6.68 -10.11
CA LYS B 399 -12.67 -7.76 -10.63
C LYS B 399 -12.04 -9.15 -10.32
N ILE B 400 -10.73 -9.27 -10.54
CA ILE B 400 -10.01 -10.50 -10.20
C ILE B 400 -10.10 -10.81 -8.71
N THR B 401 -10.00 -9.76 -7.88
CA THR B 401 -10.13 -9.89 -6.42
C THR B 401 -11.51 -10.43 -6.05
N VAL B 402 -12.55 -9.96 -6.75
CA VAL B 402 -13.93 -10.37 -6.47
C VAL B 402 -14.10 -11.85 -6.84
N ASP B 403 -13.52 -12.24 -7.96
CA ASP B 403 -13.57 -13.63 -8.45
C ASP B 403 -12.83 -14.60 -7.52
N LEU B 404 -11.62 -14.22 -7.11
CA LEU B 404 -10.82 -15.05 -6.22
C LEU B 404 -11.50 -15.25 -4.87
N GLN B 405 -12.24 -14.25 -4.42
CA GLN B 405 -12.94 -14.34 -3.16
C GLN B 405 -14.13 -15.31 -3.23
N GLU B 406 -14.87 -15.29 -4.34
CA GLU B 406 -15.97 -16.25 -4.52
C GLU B 406 -15.45 -17.69 -4.63
N GLN B 407 -14.24 -17.85 -5.17
CA GLN B 407 -13.63 -19.16 -5.33
C GLN B 407 -13.00 -19.72 -4.03
N TYR B 408 -12.38 -18.85 -3.24
CA TYR B 408 -11.60 -19.29 -2.08
C TYR B 408 -12.12 -18.87 -0.71
N GLY B 409 -13.17 -18.04 -0.67
CA GLY B 409 -13.82 -17.69 0.59
C GLY B 409 -13.46 -16.33 1.20
N LYS B 410 -13.99 -16.07 2.39
CA LYS B 410 -13.96 -14.74 3.03
C LYS B 410 -12.72 -14.43 3.89
N LYS B 411 -12.08 -15.48 4.41
CA LYS B 411 -10.88 -15.32 5.25
C LYS B 411 -9.66 -15.00 4.39
N LEU B 412 -8.81 -14.10 4.87
CA LEU B 412 -7.66 -13.65 4.07
C LEU B 412 -6.66 -14.76 3.75
N VAL B 413 -6.33 -15.59 4.74
CA VAL B 413 -5.38 -16.70 4.50
C VAL B 413 -5.93 -17.58 3.39
N ASP B 414 -7.22 -17.89 3.49
CA ASP B 414 -7.94 -18.62 2.45
C ASP B 414 -7.88 -17.88 1.12
N PHE B 415 -8.30 -16.60 1.10
CA PHE B 415 -8.27 -15.79 -0.12
C PHE B 415 -6.92 -15.85 -0.82
N LYS B 416 -5.85 -15.82 -0.03
CA LYS B 416 -4.51 -15.60 -0.56
C LYS B 416 -3.92 -16.75 -1.39
N LYS B 417 -4.39 -17.98 -1.19
CA LYS B 417 -3.89 -19.10 -2.01
C LYS B 417 -4.24 -19.01 -3.50
N GLY B 418 -5.21 -18.16 -3.85
CA GLY B 418 -5.61 -17.98 -5.25
C GLY B 418 -4.63 -17.25 -6.15
N LEU B 419 -3.72 -16.49 -5.55
CA LEU B 419 -2.91 -15.52 -6.28
C LEU B 419 -1.78 -16.13 -7.07
N PRO B 420 -0.99 -17.03 -6.43
CA PRO B 420 0.18 -17.55 -7.14
C PRO B 420 -0.20 -18.32 -8.41
N GLY B 421 0.45 -17.98 -9.52
CA GLY B 421 0.22 -18.66 -10.80
C GLY B 421 -1.11 -18.37 -11.50
N ASN B 422 -1.84 -17.37 -11.03
CA ASN B 422 -3.09 -16.97 -11.67
C ASN B 422 -2.80 -16.38 -13.04
N ALA B 423 -3.33 -17.07 -14.07
CA ALA B 423 -3.11 -16.72 -15.46
C ALA B 423 -3.44 -15.26 -15.73
N GLN B 424 -4.52 -14.80 -15.13
CA GLN B 424 -4.99 -13.42 -15.31
C GLN B 424 -4.03 -12.40 -14.67
N LEU B 425 -3.63 -12.64 -13.42
CA LEU B 425 -2.67 -11.76 -12.74
C LEU B 425 -1.32 -11.72 -13.45
N GLN B 426 -0.86 -12.87 -13.94
CA GLN B 426 0.39 -12.95 -14.70
C GLN B 426 0.30 -12.17 -16.00
N GLN B 427 -0.84 -12.29 -16.69
CA GLN B 427 -1.05 -11.46 -17.88
C GLN B 427 -1.05 -9.98 -17.47
N LEU B 428 -1.76 -9.66 -16.38
CA LEU B 428 -1.90 -8.27 -15.92
C LEU B 428 -0.56 -7.68 -15.46
N LYS B 429 0.12 -8.41 -14.57
CA LYS B 429 1.50 -8.11 -14.18
C LYS B 429 2.41 -7.80 -15.37
N GLN B 430 2.30 -8.61 -16.43
CA GLN B 430 3.12 -8.45 -17.61
C GLN B 430 2.84 -7.14 -18.30
N GLU B 431 1.56 -6.81 -18.45
CA GLU B 431 1.15 -5.53 -18.99
C GLU B 431 1.75 -4.39 -18.16
N VAL B 432 1.68 -4.53 -16.83
CA VAL B 432 2.19 -3.52 -15.91
C VAL B 432 3.70 -3.35 -16.00
N VAL B 433 4.43 -4.46 -15.83
CA VAL B 433 5.89 -4.46 -15.91
C VAL B 433 6.36 -3.85 -17.23
N THR B 434 5.64 -4.17 -18.30
CA THR B 434 6.00 -3.75 -19.65
C THR B 434 5.81 -2.27 -19.79
N TRP B 435 4.70 -1.75 -19.23
CA TRP B 435 4.52 -0.29 -19.26
C TRP B 435 5.40 0.42 -18.25
N ALA B 436 5.44 -0.08 -17.02
CA ALA B 436 6.27 0.54 -15.96
C ALA B 436 7.76 0.54 -16.30
N GLY B 437 8.25 -0.61 -16.73
CA GLY B 437 9.68 -0.83 -17.03
C GLY B 437 10.33 0.25 -17.86
N ALA B 438 9.58 0.79 -18.83
CA ALA B 438 10.12 1.73 -19.81
C ALA B 438 9.83 3.19 -19.51
N LEU B 439 9.14 3.45 -18.41
CA LEU B 439 8.94 4.82 -17.95
C LEU B 439 10.25 5.46 -17.46
N PRO B 440 10.46 6.75 -17.77
CA PRO B 440 11.58 7.50 -17.22
C PRO B 440 11.81 7.15 -15.74
N PHE B 441 13.07 7.03 -15.35
CA PHE B 441 13.39 6.55 -14.01
C PHE B 441 14.62 7.25 -13.43
N PRO B 442 14.41 8.13 -12.42
CA PRO B 442 15.57 8.76 -11.78
C PRO B 442 16.35 7.72 -10.97
N MET C 1 -65.78 -43.12 -38.00
CA MET C 1 -64.95 -43.65 -39.13
C MET C 1 -63.48 -43.30 -38.93
N PHE C 2 -62.87 -43.92 -37.92
CA PHE C 2 -61.49 -43.61 -37.56
C PHE C 2 -60.82 -44.80 -36.88
N ASN C 3 -59.49 -44.72 -36.77
CA ASN C 3 -58.67 -45.75 -36.12
C ASN C 3 -58.16 -45.30 -34.75
N ASN C 4 -58.61 -46.00 -33.71
CA ASN C 4 -58.27 -45.61 -32.34
C ASN C 4 -57.22 -46.53 -31.72
N GLU C 5 -56.65 -47.42 -32.55
CA GLU C 5 -55.54 -48.31 -32.16
C GLU C 5 -54.41 -47.49 -31.53
N PRO C 6 -54.02 -47.84 -30.29
CA PRO C 6 -52.90 -47.20 -29.57
C PRO C 6 -51.66 -47.11 -30.44
N LEU C 7 -50.90 -46.02 -30.29
CA LEU C 7 -49.70 -45.75 -31.11
C LEU C 7 -48.80 -46.97 -31.39
N GLU C 8 -48.59 -47.80 -30.36
CA GLU C 8 -47.76 -48.99 -30.51
C GLU C 8 -48.30 -49.89 -31.64
N GLN C 9 -49.56 -50.26 -31.51
CA GLN C 9 -50.21 -51.11 -32.50
C GLN C 9 -50.33 -50.42 -33.86
N ILE C 10 -50.72 -49.15 -33.87
CA ILE C 10 -51.01 -48.39 -35.12
C ILE C 10 -49.80 -48.06 -35.99
N ASP C 11 -48.69 -47.66 -35.36
CA ASP C 11 -47.52 -47.22 -36.11
C ASP C 11 -46.26 -47.62 -35.36
N LYS C 12 -46.03 -48.92 -35.27
CA LYS C 12 -44.93 -49.49 -34.50
C LYS C 12 -43.58 -48.88 -34.85
N GLU C 13 -43.35 -48.60 -36.13
CA GLU C 13 -42.09 -48.01 -36.59
C GLU C 13 -41.70 -46.69 -35.90
N LEU C 14 -42.69 -45.82 -35.70
CA LEU C 14 -42.53 -44.54 -35.02
C LEU C 14 -42.37 -44.76 -33.52
N HIS C 15 -43.14 -45.68 -32.97
CA HIS C 15 -43.13 -45.94 -31.54
C HIS C 15 -41.81 -46.46 -31.06
N ASP C 16 -41.04 -47.03 -31.99
CA ASP C 16 -39.73 -47.61 -31.67
C ASP C 16 -38.70 -46.49 -31.53
N ILE C 17 -38.76 -45.55 -32.46
CA ILE C 17 -37.82 -44.45 -32.50
C ILE C 17 -38.04 -43.58 -31.28
N LEU C 18 -39.31 -43.38 -30.96
CA LEU C 18 -39.71 -42.59 -29.81
C LEU C 18 -39.32 -43.24 -28.48
N ALA C 19 -39.36 -44.56 -28.41
CA ALA C 19 -38.97 -45.21 -27.15
C ALA C 19 -37.44 -45.19 -27.03
N ASP C 20 -36.78 -45.03 -28.18
CA ASP C 20 -35.33 -44.93 -28.25
C ASP C 20 -34.91 -43.52 -27.84
N GLU C 21 -35.65 -42.53 -28.34
CA GLU C 21 -35.43 -41.13 -27.97
C GLU C 21 -35.47 -41.05 -26.46
N GLU C 22 -36.53 -41.59 -25.87
CA GLU C 22 -36.74 -41.60 -24.44
C GLU C 22 -35.60 -42.19 -23.62
N LYS C 23 -35.03 -43.31 -24.08
CA LYS C 23 -33.92 -43.94 -23.37
C LYS C 23 -32.70 -43.06 -23.47
N ARG C 24 -32.36 -42.60 -24.68
CA ARG C 24 -31.27 -41.66 -24.84
C ARG C 24 -31.41 -40.52 -23.81
N GLN C 25 -32.59 -39.89 -23.75
CA GLN C 25 -32.87 -38.85 -22.76
C GLN C 25 -32.61 -39.30 -21.32
N ARG C 26 -33.07 -40.51 -20.97
CA ARG C 26 -32.91 -41.06 -19.63
C ARG C 26 -31.45 -41.29 -19.26
N GLU C 27 -30.63 -41.60 -20.26
CA GLU C 27 -29.27 -42.06 -20.07
C GLU C 27 -28.24 -41.00 -20.47
N THR C 28 -28.68 -39.73 -20.53
CA THR C 28 -27.79 -38.64 -20.92
C THR C 28 -27.57 -37.73 -19.73
N ILE C 29 -26.35 -37.19 -19.61
CA ILE C 29 -26.15 -36.01 -18.76
C ILE C 29 -26.38 -34.80 -19.66
N ASN C 30 -27.52 -34.15 -19.42
CA ASN C 30 -28.01 -33.08 -20.29
C ASN C 30 -27.67 -31.70 -19.76
N LEU C 31 -26.67 -31.09 -20.38
CA LEU C 31 -26.20 -29.77 -19.98
C LEU C 31 -26.54 -28.72 -21.02
N ILE C 32 -27.48 -29.00 -21.91
CA ILE C 32 -27.94 -27.98 -22.85
C ILE C 32 -28.67 -26.92 -22.02
N ALA C 33 -28.20 -25.68 -22.07
CA ALA C 33 -28.67 -24.65 -21.11
C ALA C 33 -30.14 -24.29 -21.35
N SER C 34 -30.62 -24.48 -22.58
CA SER C 34 -32.00 -24.18 -22.96
C SER C 34 -32.95 -25.36 -22.89
N GLU C 35 -32.51 -26.49 -22.35
CA GLU C 35 -33.40 -27.65 -22.30
C GLU C 35 -33.87 -27.95 -20.92
N ASN C 36 -34.98 -28.67 -20.85
CA ASN C 36 -35.54 -29.10 -19.58
C ASN C 36 -36.37 -30.36 -19.80
N LEU C 37 -37.12 -30.78 -18.79
CA LEU C 37 -37.98 -31.96 -18.89
C LEU C 37 -39.36 -31.62 -18.36
N THR C 38 -40.36 -31.69 -19.25
CA THR C 38 -41.76 -31.40 -18.90
C THR C 38 -42.30 -32.53 -18.02
N ASN C 39 -43.11 -32.18 -17.02
CA ASN C 39 -43.79 -33.22 -16.22
C ASN C 39 -44.94 -33.84 -17.02
N GLY C 40 -45.52 -34.91 -16.48
CA GLY C 40 -46.51 -35.69 -17.18
C GLY C 40 -47.80 -34.92 -17.39
N ALA C 41 -48.10 -33.98 -16.49
CA ALA C 41 -49.35 -33.24 -16.56
C ALA C 41 -49.30 -32.22 -17.69
N VAL C 42 -48.14 -31.60 -17.88
CA VAL C 42 -47.90 -30.72 -19.04
C VAL C 42 -48.08 -31.50 -20.35
N ARG C 43 -47.66 -32.76 -20.36
CA ARG C 43 -47.79 -33.59 -21.56
C ARG C 43 -49.22 -34.11 -21.83
N GLU C 44 -50.01 -34.35 -20.79
CA GLU C 44 -51.45 -34.65 -20.96
C GLU C 44 -52.18 -33.48 -21.64
N CYS C 45 -51.85 -32.26 -21.23
CA CYS C 45 -52.37 -31.03 -21.85
C CYS C 45 -51.94 -30.87 -23.30
N LEU C 46 -50.66 -31.09 -23.60
CA LEU C 46 -50.22 -31.08 -25.00
C LEU C 46 -51.00 -32.08 -25.85
N GLY C 47 -51.31 -33.25 -25.30
CA GLY C 47 -52.09 -34.26 -26.02
C GLY C 47 -53.60 -34.20 -25.80
N ASN C 48 -54.11 -33.06 -25.32
CA ASN C 48 -55.55 -32.88 -25.10
C ASN C 48 -56.33 -32.47 -26.36
N ARG C 49 -57.56 -33.00 -26.50
CA ARG C 49 -58.48 -32.66 -27.62
C ARG C 49 -58.85 -31.16 -27.74
N VAL C 50 -58.40 -30.36 -26.79
CA VAL C 50 -58.63 -28.91 -26.88
C VAL C 50 -58.04 -28.30 -28.18
N SER C 51 -57.04 -28.97 -28.78
CA SER C 51 -56.45 -28.52 -30.04
C SER C 51 -57.31 -28.82 -31.29
N ASN C 52 -58.36 -29.61 -31.13
CA ASN C 52 -59.38 -29.74 -32.18
C ASN C 52 -60.04 -28.38 -32.52
N LYS C 53 -59.86 -27.38 -31.66
CA LYS C 53 -60.70 -26.18 -31.70
C LYS C 53 -60.08 -24.98 -32.39
N TYR C 54 -60.81 -24.41 -33.36
CA TYR C 54 -60.43 -23.12 -33.95
C TYR C 54 -60.90 -21.93 -33.14
N SER C 55 -59.97 -21.03 -32.82
CA SER C 55 -60.18 -19.99 -31.84
C SER C 55 -59.56 -18.67 -32.22
N GLU C 56 -59.54 -18.36 -33.51
CA GLU C 56 -58.97 -17.08 -33.98
C GLU C 56 -59.58 -15.88 -33.25
N GLY C 57 -58.72 -14.95 -32.87
CA GLY C 57 -59.14 -13.79 -32.09
C GLY C 57 -58.58 -13.85 -30.69
N TYR C 58 -59.33 -13.26 -29.77
CA TYR C 58 -58.96 -13.15 -28.36
C TYR C 58 -60.18 -13.46 -27.53
N PRO C 59 -59.99 -13.71 -26.21
CA PRO C 59 -61.16 -14.18 -25.44
C PRO C 59 -62.30 -13.16 -25.50
N LYS C 60 -63.54 -13.65 -25.60
CA LYS C 60 -64.74 -12.80 -25.72
C LYS C 60 -64.74 -11.93 -26.98
N LYS C 61 -63.75 -12.14 -27.84
CA LYS C 61 -63.68 -11.48 -29.15
C LYS C 61 -63.22 -12.48 -30.21
N ARG C 62 -63.82 -13.67 -30.18
CA ARG C 62 -63.53 -14.74 -31.12
C ARG C 62 -64.22 -14.48 -32.45
N TYR C 63 -63.72 -15.09 -33.52
CA TYR C 63 -64.42 -15.04 -34.80
C TYR C 63 -65.45 -16.15 -34.87
N TYR C 64 -65.17 -17.27 -34.23
CA TYR C 64 -66.13 -18.35 -34.14
C TYR C 64 -66.69 -18.44 -32.72
N GLY C 65 -67.83 -19.11 -32.59
CA GLY C 65 -68.40 -19.44 -31.30
C GLY C 65 -68.02 -20.84 -30.83
N GLY C 66 -68.74 -21.33 -29.83
CA GLY C 66 -68.36 -22.55 -29.12
C GLY C 66 -67.01 -22.44 -28.37
N ASN C 67 -66.54 -21.22 -28.16
CA ASN C 67 -65.24 -20.91 -27.56
C ASN C 67 -65.24 -20.49 -26.08
N ASP C 68 -66.33 -20.80 -25.36
CA ASP C 68 -66.46 -20.41 -23.95
C ASP C 68 -65.41 -21.10 -23.08
N PHE C 69 -65.31 -22.42 -23.20
CA PHE C 69 -64.35 -23.18 -22.43
C PHE C 69 -62.89 -22.83 -22.80
N ILE C 70 -62.63 -22.66 -24.09
CA ILE C 70 -61.34 -22.12 -24.60
C ILE C 70 -61.02 -20.74 -24.02
N ASP C 71 -62.05 -19.89 -23.92
CA ASP C 71 -61.89 -18.55 -23.35
C ASP C 71 -61.49 -18.61 -21.89
N LYS C 72 -62.06 -19.57 -21.16
CA LYS C 72 -61.69 -19.74 -19.76
C LYS C 72 -60.19 -20.07 -19.71
N ILE C 73 -59.78 -21.02 -20.54
CA ILE C 73 -58.39 -21.45 -20.62
C ILE C 73 -57.42 -20.34 -20.99
N GLU C 74 -57.74 -19.54 -22.01
CA GLU C 74 -56.81 -18.46 -22.39
C GLU C 74 -56.71 -17.39 -21.30
N GLU C 75 -57.84 -17.15 -20.62
CA GLU C 75 -57.91 -16.11 -19.56
C GLU C 75 -57.16 -16.55 -18.32
N LEU C 76 -57.39 -17.79 -17.92
CA LEU C 76 -56.63 -18.45 -16.86
C LEU C 76 -55.11 -18.40 -17.12
N CYS C 77 -54.71 -18.68 -18.36
CA CYS C 77 -53.28 -18.67 -18.71
C CYS C 77 -52.68 -17.29 -18.58
N GLN C 78 -53.43 -16.26 -18.99
CA GLN C 78 -52.96 -14.88 -18.91
C GLN C 78 -52.83 -14.45 -17.43
N LYS C 79 -53.73 -14.96 -16.58
CA LYS C 79 -53.74 -14.57 -15.15
C LYS C 79 -52.60 -15.22 -14.39
N ARG C 80 -52.55 -16.55 -14.45
CA ARG C 80 -51.43 -17.30 -13.91
C ARG C 80 -50.10 -16.69 -14.38
N ALA C 81 -50.06 -16.16 -15.61
CA ALA C 81 -48.85 -15.55 -16.22
C ALA C 81 -48.37 -14.27 -15.56
N LEU C 82 -49.30 -13.30 -15.49
CA LEU C 82 -49.09 -12.03 -14.78
C LEU C 82 -48.72 -12.21 -13.30
N GLU C 83 -49.42 -13.10 -12.61
CA GLU C 83 -49.12 -13.47 -11.22
C GLU C 83 -47.70 -14.06 -11.03
N ALA C 84 -47.34 -15.01 -11.88
CA ALA C 84 -46.04 -15.66 -11.84
C ALA C 84 -44.92 -14.62 -11.87
N PHE C 85 -45.05 -13.65 -12.76
CA PHE C 85 -44.06 -12.61 -12.89
C PHE C 85 -44.37 -11.39 -12.04
N ASN C 86 -45.15 -11.61 -10.97
CA ASN C 86 -45.48 -10.58 -9.97
C ASN C 86 -45.74 -9.20 -10.60
N VAL C 87 -46.69 -9.13 -11.53
CA VAL C 87 -47.09 -7.85 -12.13
C VAL C 87 -48.61 -7.73 -12.11
N SER C 88 -49.09 -6.50 -12.19
CA SER C 88 -50.52 -6.22 -11.97
C SER C 88 -51.25 -6.17 -13.29
N ASP C 89 -52.44 -6.79 -13.36
CA ASP C 89 -53.33 -6.71 -14.56
C ASP C 89 -53.49 -5.27 -15.01
N GLU C 90 -53.31 -4.36 -14.05
CA GLU C 90 -53.60 -2.95 -14.27
C GLU C 90 -52.45 -2.24 -14.99
N GLU C 91 -51.24 -2.75 -14.84
CA GLU C 91 -50.08 -2.09 -15.44
C GLU C 91 -49.49 -2.85 -16.64
N TRP C 92 -49.58 -4.18 -16.56
CA TRP C 92 -49.01 -5.08 -17.58
C TRP C 92 -50.07 -5.93 -18.20
N GLY C 93 -49.90 -6.21 -19.49
CA GLY C 93 -50.66 -7.27 -20.12
C GLY C 93 -49.75 -8.30 -20.76
N VAL C 94 -50.34 -9.41 -21.14
CA VAL C 94 -49.60 -10.51 -21.72
C VAL C 94 -50.45 -11.06 -22.85
N ASN C 95 -49.77 -11.51 -23.91
CA ASN C 95 -50.37 -12.29 -24.99
C ASN C 95 -49.76 -13.73 -24.91
N VAL C 96 -50.62 -14.73 -24.85
CA VAL C 96 -50.19 -16.11 -24.64
C VAL C 96 -50.28 -16.98 -25.92
N GLN C 97 -50.50 -16.34 -27.07
CA GLN C 97 -50.68 -17.10 -28.32
C GLN C 97 -49.42 -17.42 -29.15
N PRO C 98 -48.34 -16.63 -29.04
CA PRO C 98 -47.14 -16.88 -29.88
C PRO C 98 -46.67 -18.36 -29.85
N LEU C 99 -46.48 -18.96 -31.01
CA LEU C 99 -46.19 -20.39 -31.05
C LEU C 99 -44.81 -20.73 -30.55
N SER C 100 -43.90 -19.77 -30.60
CA SER C 100 -42.53 -20.00 -30.15
C SER C 100 -41.76 -18.69 -29.94
N GLY C 101 -40.57 -18.80 -29.34
CA GLY C 101 -39.83 -17.63 -28.93
C GLY C 101 -39.51 -16.75 -30.11
N SER C 102 -39.09 -17.39 -31.20
CA SER C 102 -38.77 -16.71 -32.44
C SER C 102 -40.01 -15.98 -32.97
N ALA C 103 -41.15 -16.66 -33.03
CA ALA C 103 -42.42 -16.00 -33.38
C ALA C 103 -42.75 -14.75 -32.48
N ALA C 104 -42.69 -14.93 -31.16
CA ALA C 104 -42.97 -13.86 -30.19
C ALA C 104 -42.11 -12.64 -30.42
N ASN C 105 -40.79 -12.83 -30.61
CA ASN C 105 -39.86 -11.72 -30.85
C ASN C 105 -40.08 -10.96 -32.16
N VAL C 106 -40.35 -11.68 -33.23
CA VAL C 106 -40.63 -11.07 -34.53
C VAL C 106 -41.96 -10.29 -34.45
N GLN C 107 -42.95 -10.93 -33.85
CA GLN C 107 -44.26 -10.34 -33.62
C GLN C 107 -44.13 -9.05 -32.82
N ALA C 108 -43.53 -9.16 -31.63
CA ALA C 108 -43.33 -8.01 -30.74
C ALA C 108 -42.51 -6.89 -31.35
N LEU C 109 -41.44 -7.20 -32.09
CA LEU C 109 -40.64 -6.12 -32.71
C LEU C 109 -41.42 -5.45 -33.83
N TYR C 110 -42.21 -6.22 -34.55
CA TYR C 110 -43.05 -5.65 -35.58
C TYR C 110 -44.07 -4.63 -35.00
N ALA C 111 -44.74 -5.03 -33.93
CA ALA C 111 -45.72 -4.19 -33.26
C ALA C 111 -45.11 -2.84 -32.91
N LEU C 112 -43.92 -2.88 -32.30
CA LEU C 112 -43.27 -1.68 -31.80
C LEU C 112 -42.72 -0.81 -32.90
N VAL C 113 -42.18 -1.41 -33.97
CA VAL C 113 -41.43 -0.58 -34.92
C VAL C 113 -41.84 -0.68 -36.38
N GLY C 114 -42.74 -1.60 -36.69
CA GLY C 114 -43.18 -1.81 -38.09
C GLY C 114 -42.09 -2.26 -39.06
N VAL C 115 -42.47 -2.57 -40.30
CA VAL C 115 -41.53 -3.02 -41.33
C VAL C 115 -40.51 -1.91 -41.64
N LYS C 116 -39.26 -2.32 -41.88
CA LYS C 116 -38.12 -1.41 -42.06
C LYS C 116 -37.81 -0.52 -40.83
N GLY C 117 -38.31 -0.89 -39.66
CA GLY C 117 -37.97 -0.20 -38.41
C GLY C 117 -36.57 -0.53 -37.92
N LYS C 118 -36.03 0.34 -37.06
CA LYS C 118 -34.66 0.18 -36.56
C LYS C 118 -34.60 -0.49 -35.17
N ILE C 119 -33.79 -1.55 -35.08
CA ILE C 119 -33.62 -2.30 -33.82
C ILE C 119 -32.14 -2.54 -33.50
N MET C 120 -31.83 -2.65 -32.21
CA MET C 120 -30.48 -2.92 -31.72
C MET C 120 -30.50 -4.18 -30.89
N GLY C 121 -29.56 -5.08 -31.18
CA GLY C 121 -29.38 -6.29 -30.38
C GLY C 121 -27.95 -6.77 -30.27
N MET C 122 -27.72 -7.65 -29.28
CA MET C 122 -26.44 -8.36 -29.13
C MET C 122 -26.19 -9.28 -30.32
N HIS C 123 -24.99 -9.19 -30.88
CA HIS C 123 -24.51 -10.10 -31.90
C HIS C 123 -24.62 -11.53 -31.44
N LEU C 124 -24.99 -12.42 -32.36
CA LEU C 124 -25.12 -13.86 -32.09
C LEU C 124 -23.84 -14.48 -31.53
N CYS C 125 -22.72 -14.26 -32.21
CA CYS C 125 -21.40 -14.77 -31.82
C CYS C 125 -20.99 -14.20 -30.49
N SER C 126 -21.79 -13.31 -29.96
CA SER C 126 -21.49 -12.65 -28.71
C SER C 126 -22.47 -13.10 -27.64
N GLY C 127 -23.50 -13.86 -28.02
CA GLY C 127 -24.49 -14.33 -27.05
C GLY C 127 -25.94 -13.91 -27.30
N GLY C 128 -26.15 -13.11 -28.34
CA GLY C 128 -27.50 -12.69 -28.69
C GLY C 128 -28.24 -13.81 -29.41
N HIS C 129 -29.57 -13.70 -29.45
CA HIS C 129 -30.36 -14.62 -30.24
C HIS C 129 -30.47 -14.21 -31.67
N LEU C 130 -30.80 -15.17 -32.53
CA LEU C 130 -31.02 -14.95 -33.95
C LEU C 130 -32.02 -13.84 -34.27
N THR C 131 -33.12 -13.80 -33.54
CA THR C 131 -34.18 -12.81 -33.72
C THR C 131 -33.89 -11.46 -33.06
N HIS C 132 -32.63 -11.23 -32.68
CA HIS C 132 -32.23 -9.94 -32.12
C HIS C 132 -31.58 -9.11 -33.18
N GLY C 133 -31.85 -9.42 -34.45
CA GLY C 133 -31.34 -8.66 -35.57
C GLY C 133 -30.16 -9.31 -36.27
N PHE C 134 -29.99 -10.62 -36.12
CA PHE C 134 -28.79 -11.24 -36.66
C PHE C 134 -28.61 -11.16 -38.18
N PHE C 135 -27.46 -10.63 -38.60
CA PHE C 135 -27.02 -10.73 -39.99
C PHE C 135 -25.52 -11.05 -40.14
N ASP C 136 -25.07 -11.10 -41.38
CA ASP C 136 -23.77 -11.61 -41.75
C ASP C 136 -23.15 -10.69 -42.78
N GLU C 137 -21.91 -10.96 -43.15
CA GLU C 137 -21.30 -10.33 -44.33
C GLU C 137 -22.05 -10.83 -45.57
N LYS C 138 -22.20 -12.14 -45.65
CA LYS C 138 -22.88 -12.82 -46.75
C LYS C 138 -24.40 -12.55 -46.83
N LYS C 139 -25.10 -12.56 -45.70
CA LYS C 139 -26.56 -12.61 -45.71
C LYS C 139 -27.25 -11.91 -44.54
N LYS C 140 -28.44 -11.37 -44.81
CA LYS C 140 -29.40 -11.02 -43.74
C LYS C 140 -30.05 -12.32 -43.24
N VAL C 141 -29.39 -12.97 -42.27
CA VAL C 141 -29.69 -14.35 -41.87
C VAL C 141 -31.06 -14.52 -41.19
N SER C 142 -31.41 -13.58 -40.31
CA SER C 142 -32.69 -13.62 -39.63
C SER C 142 -33.61 -12.61 -40.29
N ILE C 143 -34.92 -12.89 -40.31
CA ILE C 143 -35.88 -11.93 -40.86
C ILE C 143 -35.75 -10.61 -40.08
N THR C 144 -35.19 -10.68 -38.87
CA THR C 144 -35.04 -9.50 -38.02
C THR C 144 -33.98 -8.52 -38.51
N SER C 145 -33.10 -8.98 -39.39
CA SER C 145 -32.18 -8.04 -40.02
C SER C 145 -32.60 -7.68 -41.44
N ASP C 146 -33.79 -8.13 -41.85
CA ASP C 146 -34.28 -7.95 -43.22
C ASP C 146 -35.59 -7.14 -43.24
N MET C 147 -36.57 -7.57 -42.43
CA MET C 147 -37.82 -6.85 -42.36
C MET C 147 -37.65 -5.63 -41.46
N PHE C 148 -36.53 -5.60 -40.73
CA PHE C 148 -36.13 -4.47 -39.91
C PHE C 148 -34.72 -4.06 -40.33
N GLU C 149 -34.28 -2.88 -39.89
CA GLU C 149 -32.89 -2.52 -40.05
C GLU C 149 -32.25 -2.64 -38.69
N SER C 150 -31.24 -3.49 -38.59
CA SER C 150 -30.66 -3.77 -37.29
C SER C 150 -29.19 -3.42 -37.21
N LYS C 151 -28.78 -2.96 -36.03
CA LYS C 151 -27.37 -2.81 -35.70
C LYS C 151 -27.06 -3.66 -34.48
N LEU C 152 -25.86 -4.23 -34.45
CA LEU C 152 -25.53 -5.29 -33.51
C LEU C 152 -24.39 -4.92 -32.56
N TYR C 153 -24.66 -4.93 -31.25
CA TYR C 153 -23.58 -4.63 -30.27
C TYR C 153 -22.83 -5.89 -29.83
N LYS C 154 -21.74 -5.69 -29.07
CA LYS C 154 -20.90 -6.81 -28.62
C LYS C 154 -20.58 -6.79 -27.14
N CYS C 155 -20.00 -7.89 -26.66
CA CYS C 155 -19.46 -7.95 -25.31
CA CYS C 155 -19.45 -7.95 -25.30
C CYS C 155 -18.04 -7.39 -25.33
N ASN C 156 -17.54 -6.94 -24.19
CA ASN C 156 -16.13 -6.52 -24.13
C ASN C 156 -15.18 -7.71 -24.01
N SER C 157 -13.91 -7.40 -23.81
CA SER C 157 -12.84 -8.41 -23.75
C SER C 157 -12.97 -9.39 -22.58
N GLN C 158 -13.72 -9.01 -21.55
CA GLN C 158 -13.92 -9.84 -20.35
C GLN C 158 -15.22 -10.65 -20.38
N GLY C 159 -16.00 -10.47 -21.45
CA GLY C 159 -17.27 -11.19 -21.66
C GLY C 159 -18.53 -10.54 -21.09
N TYR C 160 -18.47 -9.23 -20.82
CA TYR C 160 -19.59 -8.49 -20.24
C TYR C 160 -20.17 -7.54 -21.28
N VAL C 161 -21.45 -7.19 -21.12
CA VAL C 161 -22.07 -6.21 -22.01
C VAL C 161 -21.28 -4.91 -21.89
N ASP C 162 -20.88 -4.39 -23.05
CA ASP C 162 -20.13 -3.15 -23.12
C ASP C 162 -21.12 -1.99 -23.18
N LEU C 163 -21.70 -1.62 -22.04
CA LEU C 163 -22.75 -0.57 -22.01
C LEU C 163 -22.35 0.71 -22.73
N ASP C 164 -21.08 1.08 -22.63
CA ASP C 164 -20.56 2.29 -23.26
C ASP C 164 -20.54 2.19 -24.80
N ALA C 165 -20.42 0.97 -25.32
CA ALA C 165 -20.55 0.76 -26.75
C ALA C 165 -22.02 0.74 -27.18
N VAL C 166 -22.90 0.27 -26.28
CA VAL C 166 -24.34 0.31 -26.53
C VAL C 166 -24.76 1.78 -26.75
N ARG C 167 -24.33 2.66 -25.84
CA ARG C 167 -24.59 4.11 -25.93
C ARG C 167 -24.04 4.74 -27.20
N GLU C 168 -22.76 4.50 -27.47
CA GLU C 168 -22.11 5.02 -28.67
C GLU C 168 -22.95 4.69 -29.90
N MET C 169 -23.31 3.41 -30.03
CA MET C 169 -24.06 2.91 -31.18
C MET C 169 -25.50 3.43 -31.23
N ALA C 170 -26.20 3.42 -30.11
CA ALA C 170 -27.57 3.92 -30.04
C ALA C 170 -27.74 5.39 -30.46
N LEU C 171 -26.79 6.24 -30.07
CA LEU C 171 -26.85 7.66 -30.40
C LEU C 171 -26.46 7.88 -31.86
N SER C 172 -25.53 7.07 -32.36
CA SER C 172 -25.11 7.17 -33.76
C SER C 172 -26.14 6.56 -34.72
N PHE C 173 -26.91 5.58 -34.24
CA PHE C 173 -27.79 4.81 -35.09
C PHE C 173 -29.30 5.05 -34.84
N LYS C 174 -29.65 5.55 -33.65
CA LYS C 174 -31.02 6.05 -33.34
C LYS C 174 -32.15 5.01 -33.46
N PRO C 175 -32.01 3.86 -32.77
CA PRO C 175 -32.99 2.77 -32.89
C PRO C 175 -34.28 3.09 -32.15
N LYS C 176 -35.36 2.36 -32.46
CA LYS C 176 -36.62 2.54 -31.74
C LYS C 176 -36.85 1.38 -30.80
N VAL C 177 -36.00 0.36 -30.92
CA VAL C 177 -36.00 -0.79 -30.00
C VAL C 177 -34.57 -1.21 -29.72
N ILE C 178 -34.24 -1.37 -28.44
CA ILE C 178 -32.94 -1.92 -28.06
C ILE C 178 -33.21 -3.19 -27.32
N ILE C 179 -32.67 -4.31 -27.81
CA ILE C 179 -32.94 -5.62 -27.18
C ILE C 179 -31.79 -6.06 -26.26
N CYS C 180 -32.16 -6.46 -25.04
CA CYS C 180 -31.24 -7.08 -24.09
C CYS C 180 -31.92 -8.35 -23.57
N GLY C 181 -31.15 -9.21 -22.89
CA GLY C 181 -31.63 -10.57 -22.57
C GLY C 181 -31.12 -11.51 -23.66
N TYR C 182 -30.43 -12.58 -23.27
CA TYR C 182 -29.56 -13.25 -24.22
C TYR C 182 -29.67 -14.77 -24.27
N THR C 183 -29.02 -15.33 -25.27
CA THR C 183 -29.02 -16.76 -25.50
C THR C 183 -27.88 -17.37 -24.73
N SER C 184 -26.73 -16.72 -24.81
CA SER C 184 -25.60 -17.20 -24.05
C SER C 184 -24.95 -16.07 -23.27
N TYR C 185 -25.34 -15.91 -22.00
CA TYR C 185 -24.79 -14.86 -21.14
C TYR C 185 -24.83 -15.35 -19.72
N PRO C 186 -23.64 -15.53 -19.08
CA PRO C 186 -23.52 -16.11 -17.75
C PRO C 186 -23.82 -15.18 -16.56
N ARG C 187 -24.01 -13.89 -16.81
CA ARG C 187 -24.18 -12.91 -15.72
C ARG C 187 -25.50 -12.18 -15.81
N ASP C 188 -25.88 -11.53 -14.71
CA ASP C 188 -27.11 -10.76 -14.68
C ASP C 188 -26.98 -9.52 -15.60
N ILE C 189 -28.13 -8.91 -15.88
CA ILE C 189 -28.23 -7.77 -16.76
C ILE C 189 -28.62 -6.52 -15.98
N ASP C 190 -28.04 -5.40 -16.37
CA ASP C 190 -28.35 -4.10 -15.77
C ASP C 190 -29.43 -3.40 -16.59
N TYR C 191 -30.69 -3.70 -16.26
CA TYR C 191 -31.82 -3.21 -17.02
C TYR C 191 -32.01 -1.72 -16.81
N GLN C 192 -31.70 -1.25 -15.60
CA GLN C 192 -31.75 0.18 -15.29
C GLN C 192 -30.90 1.00 -16.26
N GLN C 193 -29.70 0.51 -16.56
CA GLN C 193 -28.81 1.19 -17.49
C GLN C 193 -29.28 1.08 -18.94
N PHE C 194 -29.90 -0.04 -19.30
CA PHE C 194 -30.50 -0.12 -20.64
C PHE C 194 -31.65 0.88 -20.74
N ARG C 195 -32.53 0.88 -19.75
CA ARG C 195 -33.66 1.82 -19.65
C ARG C 195 -33.22 3.29 -19.76
N GLN C 196 -31.97 3.56 -19.36
CA GLN C 196 -31.37 4.89 -19.39
C GLN C 196 -30.80 5.27 -20.77
N ILE C 197 -30.24 4.28 -21.48
CA ILE C 197 -29.77 4.53 -22.85
C ILE C 197 -30.94 4.69 -23.81
N CYS C 198 -32.01 3.94 -23.59
CA CYS C 198 -33.17 4.00 -24.46
C CYS C 198 -33.74 5.43 -24.42
N ASP C 199 -34.11 5.88 -23.22
CA ASP C 199 -34.62 7.22 -22.96
C ASP C 199 -33.87 8.35 -23.68
N GLU C 200 -32.55 8.29 -23.67
CA GLU C 200 -31.72 9.29 -24.36
C GLU C 200 -31.89 9.33 -25.88
N VAL C 201 -32.36 8.24 -26.47
CA VAL C 201 -32.70 8.22 -27.90
C VAL C 201 -34.22 8.05 -28.12
N ASN C 202 -34.95 7.88 -27.02
CA ASN C 202 -36.40 7.56 -27.04
C ASN C 202 -36.71 6.22 -27.74
N ALA C 203 -35.95 5.18 -27.37
CA ALA C 203 -36.21 3.82 -27.84
C ALA C 203 -37.03 3.03 -26.81
N TYR C 204 -37.73 2.00 -27.26
CA TYR C 204 -38.33 1.04 -26.36
C TYR C 204 -37.27 0.09 -25.79
N LEU C 205 -37.51 -0.42 -24.58
CA LEU C 205 -36.64 -1.43 -23.99
C LEU C 205 -37.33 -2.78 -23.95
N PHE C 206 -36.71 -3.72 -24.64
CA PHE C 206 -37.22 -5.06 -24.88
C PHE C 206 -36.33 -6.04 -24.09
N ALA C 207 -36.94 -6.81 -23.20
CA ALA C 207 -36.19 -7.80 -22.45
C ALA C 207 -36.59 -9.23 -22.83
N ASP C 208 -35.73 -9.92 -23.57
CA ASP C 208 -35.93 -11.36 -23.88
C ASP C 208 -35.29 -12.17 -22.78
N ILE C 209 -36.12 -12.68 -21.87
CA ILE C 209 -35.65 -13.39 -20.67
C ILE C 209 -35.89 -14.92 -20.67
N SER C 210 -36.03 -15.51 -21.86
CA SER C 210 -36.29 -16.95 -22.04
C SER C 210 -35.33 -17.88 -21.27
N HIS C 211 -34.08 -17.46 -21.13
CA HIS C 211 -33.06 -18.26 -20.45
C HIS C 211 -33.09 -18.09 -18.96
N ILE C 212 -33.58 -16.94 -18.50
CA ILE C 212 -33.53 -16.67 -17.07
C ILE C 212 -34.90 -16.47 -16.42
N SER C 213 -35.94 -16.81 -17.18
CA SER C 213 -37.30 -16.46 -16.83
C SER C 213 -37.66 -16.84 -15.40
N SER C 214 -37.29 -18.04 -14.94
CA SER C 214 -37.55 -18.45 -13.55
C SER C 214 -36.85 -17.53 -12.54
N PHE C 215 -35.57 -17.24 -12.76
CA PHE C 215 -34.83 -16.33 -11.86
C PHE C 215 -35.56 -14.99 -11.74
N VAL C 216 -36.15 -14.54 -12.85
CA VAL C 216 -36.89 -13.29 -12.82
C VAL C 216 -38.17 -13.44 -12.00
N ALA C 217 -39.02 -14.41 -12.33
CA ALA C 217 -40.27 -14.65 -11.60
C ALA C 217 -40.09 -14.93 -10.13
N CYS C 218 -38.90 -15.39 -9.76
CA CYS C 218 -38.63 -15.87 -8.40
C CYS C 218 -37.91 -14.85 -7.56
N ASN C 219 -37.76 -13.66 -8.13
CA ASN C 219 -37.09 -12.54 -7.47
C ASN C 219 -35.68 -12.94 -6.98
N ILE C 220 -34.99 -13.73 -7.82
CA ILE C 220 -33.62 -14.19 -7.56
C ILE C 220 -32.60 -13.35 -8.34
N LEU C 221 -32.99 -12.88 -9.52
CA LEU C 221 -32.14 -12.05 -10.38
C LEU C 221 -32.79 -10.67 -10.58
N ASN C 222 -32.10 -9.77 -11.27
CA ASN C 222 -32.67 -8.44 -11.58
C ASN C 222 -34.03 -8.49 -12.29
N ASN C 223 -34.87 -7.49 -12.00
CA ASN C 223 -36.25 -7.47 -12.53
C ASN C 223 -36.41 -6.57 -13.74
N PRO C 224 -36.57 -7.19 -14.95
CA PRO C 224 -36.67 -6.35 -16.13
C PRO C 224 -38.02 -5.60 -16.15
N PHE C 225 -39.03 -6.14 -15.48
CA PHE C 225 -40.37 -5.57 -15.52
C PHE C 225 -40.42 -4.15 -14.97
N LEU C 226 -39.52 -3.84 -14.04
CA LEU C 226 -39.44 -2.51 -13.46
C LEU C 226 -39.03 -1.47 -14.50
N HIS C 227 -38.38 -1.90 -15.58
CA HIS C 227 -37.75 -0.97 -16.54
C HIS C 227 -38.15 -1.16 -17.98
N ALA C 228 -38.77 -2.28 -18.32
CA ALA C 228 -38.99 -2.58 -19.72
C ALA C 228 -40.38 -2.22 -20.24
N ASP C 229 -40.41 -1.84 -21.51
CA ASP C 229 -41.63 -1.69 -22.31
C ASP C 229 -42.24 -3.02 -22.75
N VAL C 230 -41.38 -3.94 -23.23
CA VAL C 230 -41.79 -5.28 -23.66
C VAL C 230 -40.89 -6.32 -22.97
N VAL C 231 -41.47 -7.44 -22.52
CA VAL C 231 -40.68 -8.58 -22.07
C VAL C 231 -41.19 -9.86 -22.75
N THR C 232 -40.31 -10.60 -23.44
CA THR C 232 -40.68 -11.94 -23.95
C THR C 232 -39.99 -13.05 -23.18
N THR C 233 -40.60 -14.22 -23.21
CA THR C 233 -39.95 -15.42 -22.70
C THR C 233 -40.58 -16.65 -23.33
N THR C 234 -39.72 -17.61 -23.65
CA THR C 234 -40.20 -18.92 -24.00
C THR C 234 -40.73 -19.52 -22.71
N THR C 235 -41.58 -20.53 -22.84
CA THR C 235 -42.12 -21.23 -21.67
C THR C 235 -41.45 -22.60 -21.41
N HIS C 236 -40.46 -22.97 -22.25
CA HIS C 236 -39.85 -24.34 -22.27
C HIS C 236 -38.44 -24.54 -21.75
N LYS C 237 -37.73 -23.47 -21.50
CA LYS C 237 -36.39 -23.61 -20.99
C LYS C 237 -36.45 -23.72 -19.45
N ILE C 238 -35.75 -22.83 -18.74
CA ILE C 238 -35.72 -22.91 -17.26
C ILE C 238 -37.12 -22.94 -16.64
N LEU C 239 -38.10 -22.34 -17.33
CA LEU C 239 -39.49 -22.31 -16.86
C LEU C 239 -40.18 -23.68 -16.84
N ARG C 240 -39.66 -24.60 -17.63
CA ARG C 240 -40.03 -26.00 -17.62
C ARG C 240 -41.46 -26.26 -18.11
N GLY C 241 -41.94 -25.40 -19.00
CA GLY C 241 -43.26 -25.56 -19.61
C GLY C 241 -43.18 -26.15 -21.02
N PRO C 242 -44.28 -26.06 -21.77
CA PRO C 242 -44.25 -26.60 -23.10
C PRO C 242 -43.49 -25.67 -23.99
N ARG C 243 -43.29 -26.11 -25.23
CA ARG C 243 -42.73 -25.25 -26.22
C ARG C 243 -43.76 -24.17 -26.63
N SER C 244 -43.51 -22.94 -26.21
CA SER C 244 -44.44 -21.85 -26.47
C SER C 244 -43.74 -20.58 -26.05
N ALA C 245 -44.43 -19.43 -26.17
CA ALA C 245 -43.87 -18.16 -25.71
C ALA C 245 -44.89 -17.14 -25.21
N LEU C 246 -44.39 -16.20 -24.39
CA LEU C 246 -45.17 -15.10 -23.82
C LEU C 246 -44.64 -13.75 -24.27
N ILE C 247 -45.54 -12.85 -24.63
CA ILE C 247 -45.18 -11.46 -24.79
C ILE C 247 -45.84 -10.68 -23.64
N PHE C 248 -45.03 -9.96 -22.83
CA PHE C 248 -45.54 -9.01 -21.81
C PHE C 248 -45.33 -7.58 -22.29
N PHE C 249 -46.31 -6.71 -22.02
CA PHE C 249 -46.23 -5.33 -22.51
C PHE C 249 -46.67 -4.33 -21.42
N ASN C 250 -45.93 -3.25 -21.29
CA ASN C 250 -46.20 -2.28 -20.23
C ASN C 250 -47.27 -1.27 -20.69
N LYS C 251 -48.53 -1.50 -20.33
CA LYS C 251 -49.61 -0.55 -20.65
C LYS C 251 -49.29 0.82 -20.04
N LYS C 252 -49.11 0.83 -18.71
CA LYS C 252 -48.94 2.08 -17.93
C LYS C 252 -47.91 3.03 -18.53
N ARG C 253 -46.84 2.48 -19.09
CA ARG C 253 -45.82 3.28 -19.78
C ARG C 253 -46.24 3.55 -21.22
N ASN C 254 -47.02 2.64 -21.79
CA ASN C 254 -47.42 2.75 -23.20
C ASN C 254 -48.90 2.35 -23.36
N PRO C 255 -49.84 3.28 -23.10
CA PRO C 255 -51.21 3.01 -23.53
C PRO C 255 -51.25 2.92 -25.07
N GLY C 256 -52.13 2.07 -25.59
CA GLY C 256 -52.11 1.73 -27.02
C GLY C 256 -51.09 0.68 -27.44
N ILE C 257 -50.31 0.16 -26.48
CA ILE C 257 -49.41 -0.94 -26.76
C ILE C 257 -50.17 -2.27 -26.79
N GLU C 258 -51.17 -2.39 -25.93
CA GLU C 258 -51.95 -3.61 -25.87
C GLU C 258 -52.53 -3.99 -27.24
N GLN C 259 -53.22 -3.04 -27.87
CA GLN C 259 -53.75 -3.25 -29.21
C GLN C 259 -52.63 -3.68 -30.17
N LYS C 260 -51.53 -2.94 -30.18
CA LYS C 260 -50.40 -3.16 -31.08
C LYS C 260 -49.79 -4.56 -31.01
N ILE C 261 -49.45 -5.02 -29.79
CA ILE C 261 -48.94 -6.38 -29.58
C ILE C 261 -49.96 -7.40 -30.02
N ASN C 262 -51.18 -7.32 -29.50
CA ASN C 262 -52.21 -8.32 -29.78
C ASN C 262 -52.53 -8.46 -31.26
N SER C 263 -52.51 -7.35 -31.98
CA SER C 263 -52.89 -7.39 -33.38
C SER C 263 -51.71 -7.88 -34.22
N ALA C 264 -50.49 -7.66 -33.75
CA ALA C 264 -49.29 -8.21 -34.37
C ALA C 264 -49.35 -9.73 -34.37
N VAL C 265 -49.70 -10.31 -33.23
CA VAL C 265 -49.79 -11.75 -33.07
C VAL C 265 -50.89 -12.32 -33.96
N PHE C 266 -52.09 -11.77 -33.83
CA PHE C 266 -53.19 -12.02 -34.75
C PHE C 266 -53.98 -10.73 -35.04
N PRO C 267 -54.23 -10.41 -36.31
CA PRO C 267 -54.05 -11.30 -37.44
C PRO C 267 -52.86 -11.01 -38.33
N SER C 268 -51.90 -10.18 -37.90
CA SER C 268 -50.73 -9.94 -38.76
C SER C 268 -49.92 -11.24 -39.09
N PHE C 269 -49.60 -12.04 -38.05
CA PHE C 269 -48.66 -13.17 -38.16
C PHE C 269 -49.27 -14.56 -38.04
N GLN C 270 -50.07 -14.78 -37.02
CA GLN C 270 -50.63 -16.08 -36.74
C GLN C 270 -52.08 -16.17 -37.18
N GLY C 271 -52.59 -17.40 -37.26
CA GLY C 271 -54.01 -17.69 -37.39
C GLY C 271 -54.52 -18.28 -36.08
N GLY C 272 -55.09 -19.48 -36.15
CA GLY C 272 -55.65 -20.16 -35.00
C GLY C 272 -54.62 -20.50 -33.96
N PRO C 273 -54.86 -20.09 -32.71
CA PRO C 273 -53.93 -20.44 -31.61
C PRO C 273 -53.86 -21.93 -31.42
N HIS C 274 -52.81 -22.42 -30.79
CA HIS C 274 -52.78 -23.82 -30.41
C HIS C 274 -53.13 -23.87 -28.95
N ASN C 275 -54.40 -24.21 -28.70
CA ASN C 275 -54.96 -24.23 -27.34
C ASN C 275 -54.40 -25.33 -26.45
N ASN C 276 -53.90 -26.43 -27.05
CA ASN C 276 -53.20 -27.45 -26.22
C ASN C 276 -51.94 -26.85 -25.61
N LYS C 277 -51.24 -26.05 -26.40
CA LYS C 277 -50.10 -25.27 -25.90
C LYS C 277 -50.48 -24.29 -24.79
N ILE C 278 -51.59 -23.58 -24.95
CA ILE C 278 -52.09 -22.61 -23.98
C ILE C 278 -52.50 -23.31 -22.66
N ALA C 279 -53.20 -24.43 -22.77
CA ALA C 279 -53.52 -25.24 -21.61
C ALA C 279 -52.23 -25.68 -20.86
N ALA C 280 -51.22 -26.14 -21.62
CA ALA C 280 -50.01 -26.68 -20.99
C ALA C 280 -49.24 -25.57 -20.29
N VAL C 281 -49.25 -24.40 -20.88
CA VAL C 281 -48.65 -23.26 -20.24
C VAL C 281 -49.40 -22.99 -18.93
N ALA C 282 -50.73 -22.94 -18.99
CA ALA C 282 -51.55 -22.72 -17.79
C ALA C 282 -51.12 -23.68 -16.70
N CYS C 283 -51.04 -24.95 -17.05
CA CYS C 283 -50.65 -25.98 -16.12
C CYS C 283 -49.33 -25.62 -15.44
N GLN C 284 -48.33 -25.27 -16.23
CA GLN C 284 -47.00 -25.04 -15.69
C GLN C 284 -46.89 -23.75 -14.88
N LEU C 285 -47.58 -22.71 -15.34
CA LEU C 285 -47.51 -21.39 -14.71
C LEU C 285 -48.08 -21.45 -13.29
N LYS C 286 -48.95 -22.43 -13.05
CA LYS C 286 -49.45 -22.70 -11.72
C LYS C 286 -48.33 -23.26 -10.88
N GLU C 287 -47.62 -24.26 -11.41
CA GLU C 287 -46.48 -24.84 -10.72
C GLU C 287 -45.42 -23.79 -10.42
N VAL C 288 -45.21 -22.86 -11.34
CA VAL C 288 -44.19 -21.82 -11.19
C VAL C 288 -44.44 -21.00 -9.92
N HIS C 289 -45.69 -20.72 -9.63
CA HIS C 289 -46.04 -19.85 -8.52
C HIS C 289 -46.04 -20.51 -7.16
N SER C 290 -45.64 -21.78 -7.10
CA SER C 290 -45.57 -22.53 -5.85
C SER C 290 -44.15 -22.47 -5.24
N PRO C 291 -44.06 -22.46 -3.89
CA PRO C 291 -42.76 -22.28 -3.22
C PRO C 291 -41.77 -23.39 -3.59
N ALA C 292 -42.30 -24.58 -3.84
CA ALA C 292 -41.54 -25.70 -4.40
C ALA C 292 -40.76 -25.35 -5.69
N PHE C 293 -41.38 -24.58 -6.58
CA PHE C 293 -40.68 -24.09 -7.78
C PHE C 293 -39.61 -23.08 -7.43
N LYS C 294 -39.84 -22.29 -6.38
CA LYS C 294 -38.79 -21.38 -5.93
C LYS C 294 -37.61 -22.22 -5.46
N GLU C 295 -37.89 -23.22 -4.63
CA GLU C 295 -36.86 -24.16 -4.19
C GLU C 295 -36.07 -24.73 -5.40
N TYR C 296 -36.80 -25.11 -6.45
CA TYR C 296 -36.18 -25.70 -7.65
C TYR C 296 -35.28 -24.72 -8.37
N THR C 297 -35.79 -23.52 -8.62
CA THR C 297 -35.01 -22.45 -9.23
C THR C 297 -33.75 -22.11 -8.43
N GLN C 298 -33.86 -22.17 -7.09
CA GLN C 298 -32.72 -21.91 -6.20
C GLN C 298 -31.69 -23.01 -6.37
N GLN C 299 -32.18 -24.24 -6.44
CA GLN C 299 -31.32 -25.38 -6.59
C GLN C 299 -30.57 -25.28 -7.93
N VAL C 300 -31.25 -24.81 -8.98
CA VAL C 300 -30.63 -24.53 -10.28
C VAL C 300 -29.41 -23.62 -10.12
N LEU C 301 -29.56 -22.52 -9.40
CA LEU C 301 -28.44 -21.61 -9.25
C LEU C 301 -27.31 -22.20 -8.42
N LEU C 302 -27.67 -22.95 -7.37
CA LEU C 302 -26.72 -23.59 -6.48
C LEU C 302 -25.87 -24.58 -7.28
N ASN C 303 -26.51 -25.42 -8.09
CA ASN C 303 -25.77 -26.37 -8.95
C ASN C 303 -24.87 -25.65 -9.91
N SER C 304 -25.36 -24.52 -10.43
CA SER C 304 -24.59 -23.73 -11.37
C SER C 304 -23.31 -23.15 -10.73
N LYS C 305 -23.45 -22.61 -9.52
CA LYS C 305 -22.34 -22.12 -8.72
C LYS C 305 -21.38 -23.25 -8.37
N ALA C 306 -21.91 -24.37 -7.88
CA ALA C 306 -21.08 -25.50 -7.52
C ALA C 306 -20.33 -26.05 -8.75
N LEU C 307 -20.96 -26.00 -9.91
CA LEU C 307 -20.35 -26.53 -11.12
C LEU C 307 -19.20 -25.64 -11.61
N ALA C 308 -19.46 -24.33 -11.63
CA ALA C 308 -18.42 -23.32 -11.93
C ALA C 308 -17.20 -23.52 -11.03
N LYS C 309 -17.46 -23.63 -9.74
CA LYS C 309 -16.45 -23.77 -8.69
C LYS C 309 -15.59 -25.02 -8.88
N ALA C 310 -16.23 -26.15 -9.18
CA ALA C 310 -15.52 -27.41 -9.41
C ALA C 310 -14.69 -27.29 -10.68
N LEU C 311 -15.25 -26.69 -11.71
CA LEU C 311 -14.53 -26.54 -12.95
C LEU C 311 -13.26 -25.70 -12.78
N ILE C 312 -13.39 -24.60 -12.03
CA ILE C 312 -12.26 -23.75 -11.67
C ILE C 312 -11.30 -24.55 -10.81
N SER C 313 -11.83 -25.28 -9.84
CA SER C 313 -10.98 -26.10 -8.96
C SER C 313 -10.07 -27.05 -9.75
N LYS C 314 -10.53 -27.47 -10.94
CA LYS C 314 -9.77 -28.32 -11.87
C LYS C 314 -9.06 -27.54 -12.96
N GLN C 315 -8.79 -26.25 -12.71
CA GLN C 315 -8.07 -25.39 -13.65
C GLN C 315 -8.67 -25.35 -15.04
N ILE C 316 -10.00 -25.27 -15.10
CA ILE C 316 -10.70 -24.97 -16.34
C ILE C 316 -11.20 -23.51 -16.25
N ASP C 317 -10.98 -22.75 -17.33
CA ASP C 317 -11.39 -21.34 -17.46
C ASP C 317 -12.83 -21.11 -17.91
N LEU C 318 -13.50 -20.13 -17.27
CA LEU C 318 -14.87 -19.76 -17.61
C LEU C 318 -14.96 -18.29 -18.02
N VAL C 319 -15.71 -18.00 -19.08
CA VAL C 319 -16.00 -16.61 -19.48
C VAL C 319 -16.67 -15.86 -18.31
N THR C 320 -16.03 -14.76 -17.93
CA THR C 320 -16.40 -13.91 -16.79
C THR C 320 -16.04 -14.56 -15.45
N ASN C 321 -15.26 -15.64 -15.50
CA ASN C 321 -14.77 -16.39 -14.33
C ASN C 321 -15.82 -16.90 -13.37
N GLY C 322 -17.04 -17.06 -13.86
CA GLY C 322 -18.12 -17.58 -13.04
C GLY C 322 -19.48 -17.35 -13.69
N THR C 323 -20.52 -17.51 -12.89
CA THR C 323 -21.90 -17.34 -13.37
C THR C 323 -22.77 -16.67 -12.31
N ASP C 324 -23.78 -15.90 -12.73
CA ASP C 324 -24.82 -15.38 -11.82
C ASP C 324 -26.12 -16.13 -12.02
N ASN C 325 -26.15 -16.98 -13.03
CA ASN C 325 -27.39 -17.65 -13.41
C ASN C 325 -27.16 -19.16 -13.61
N HIS C 326 -27.95 -19.76 -14.52
CA HIS C 326 -28.03 -21.21 -14.74
C HIS C 326 -26.98 -21.72 -15.70
N LEU C 327 -26.26 -20.83 -16.36
CA LEU C 327 -25.35 -21.26 -17.42
C LEU C 327 -23.92 -20.79 -17.25
N ILE C 328 -23.01 -21.55 -17.88
CA ILE C 328 -21.57 -21.33 -17.81
C ILE C 328 -21.04 -21.44 -19.22
N VAL C 329 -20.10 -20.59 -19.59
CA VAL C 329 -19.42 -20.73 -20.85
C VAL C 329 -17.97 -21.07 -20.50
N VAL C 330 -17.58 -22.30 -20.81
CA VAL C 330 -16.21 -22.75 -20.58
C VAL C 330 -15.31 -22.24 -21.70
N ASP C 331 -14.18 -21.63 -21.32
CA ASP C 331 -13.17 -21.15 -22.27
C ASP C 331 -12.05 -22.20 -22.45
N LEU C 332 -11.95 -22.72 -23.67
CA LEU C 332 -11.06 -23.84 -23.94
C LEU C 332 -9.63 -23.49 -24.37
N ARG C 333 -9.34 -22.20 -24.53
CA ARG C 333 -8.03 -21.74 -25.03
C ARG C 333 -6.80 -22.38 -24.43
N LYS C 334 -6.74 -22.59 -23.12
CA LYS C 334 -5.53 -23.14 -22.51
C LYS C 334 -5.23 -24.60 -22.91
N PHE C 335 -6.13 -25.21 -23.68
CA PHE C 335 -6.01 -26.61 -24.08
C PHE C 335 -5.87 -26.75 -25.59
N SER C 336 -5.93 -25.61 -26.29
CA SER C 336 -5.87 -25.56 -27.74
C SER C 336 -6.91 -26.42 -28.45
N ILE C 337 -8.06 -26.65 -27.84
CA ILE C 337 -9.12 -27.43 -28.49
C ILE C 337 -10.35 -26.58 -28.75
N THR C 338 -11.02 -26.85 -29.87
CA THR C 338 -12.22 -26.09 -30.23
C THR C 338 -13.41 -26.63 -29.46
N GLY C 339 -14.46 -25.80 -29.39
CA GLY C 339 -15.71 -26.20 -28.76
C GLY C 339 -16.36 -27.31 -29.54
N SER C 340 -16.26 -27.26 -30.87
CA SER C 340 -16.87 -28.29 -31.70
C SER C 340 -16.21 -29.65 -31.52
N LYS C 341 -14.88 -29.70 -31.36
CA LYS C 341 -14.23 -30.98 -30.98
C LYS C 341 -14.81 -31.48 -29.65
N LEU C 342 -14.76 -30.65 -28.60
CA LEU C 342 -15.29 -31.07 -27.31
C LEU C 342 -16.76 -31.50 -27.38
N GLN C 343 -17.54 -30.83 -28.21
CA GLN C 343 -18.96 -31.22 -28.41
C GLN C 343 -19.06 -32.65 -28.95
N GLU C 344 -18.21 -32.97 -29.92
CA GLU C 344 -18.12 -34.33 -30.49
C GLU C 344 -17.74 -35.36 -29.46
N THR C 345 -16.79 -35.03 -28.59
CA THR C 345 -16.36 -35.93 -27.52
C THR C 345 -17.45 -36.18 -26.48
N CYS C 346 -18.17 -35.12 -26.10
CA CYS C 346 -19.21 -35.26 -25.08
C CYS C 346 -20.40 -36.04 -25.67
N ASN C 347 -20.67 -35.80 -26.94
CA ASN C 347 -21.64 -36.62 -27.69
C ASN C 347 -21.36 -38.11 -27.49
N ALA C 348 -20.12 -38.54 -27.73
CA ALA C 348 -19.74 -39.96 -27.62
C ALA C 348 -19.88 -40.58 -26.21
N ILE C 349 -20.04 -39.73 -25.19
CA ILE C 349 -20.21 -40.27 -23.84
C ILE C 349 -21.56 -39.98 -23.21
N ASN C 350 -22.55 -39.61 -24.04
CA ASN C 350 -23.88 -39.26 -23.54
C ASN C 350 -23.86 -37.99 -22.65
N VAL C 351 -22.98 -37.05 -23.01
CA VAL C 351 -23.01 -35.73 -22.38
C VAL C 351 -23.43 -34.68 -23.42
N SER C 352 -24.61 -34.13 -23.20
CA SER C 352 -25.18 -33.10 -24.08
C SER C 352 -24.77 -31.67 -23.71
N LEU C 353 -24.08 -30.99 -24.62
CA LEU C 353 -23.69 -29.59 -24.44
C LEU C 353 -23.48 -29.01 -25.83
N ASN C 354 -23.23 -27.71 -25.95
CA ASN C 354 -23.00 -27.18 -27.29
C ASN C 354 -21.84 -26.24 -27.36
N LYS C 355 -21.22 -26.16 -28.53
CA LYS C 355 -20.11 -25.22 -28.78
C LYS C 355 -20.63 -23.80 -28.67
N ASN C 356 -19.72 -22.87 -28.36
CA ASN C 356 -20.08 -21.50 -28.10
C ASN C 356 -18.88 -20.60 -28.24
N THR C 357 -19.09 -19.41 -28.79
CA THR C 357 -18.03 -18.40 -28.89
C THR C 357 -17.54 -17.86 -27.55
N ILE C 358 -16.30 -17.37 -27.54
CA ILE C 358 -15.75 -16.60 -26.44
C ILE C 358 -15.32 -15.22 -26.98
N PRO C 359 -15.21 -14.19 -26.11
CA PRO C 359 -14.90 -12.85 -26.60
C PRO C 359 -13.74 -12.78 -27.60
N SER C 360 -12.75 -13.67 -27.45
CA SER C 360 -11.52 -13.68 -28.25
C SER C 360 -11.69 -14.26 -29.66
N ASP C 361 -12.85 -14.85 -29.94
CA ASP C 361 -13.12 -15.38 -31.27
C ASP C 361 -13.50 -14.22 -32.16
N VAL C 362 -12.72 -13.98 -33.21
CA VAL C 362 -12.98 -12.86 -34.11
C VAL C 362 -14.29 -13.13 -34.85
N ASP C 363 -14.43 -14.35 -35.38
CA ASP C 363 -15.62 -14.76 -36.10
C ASP C 363 -16.42 -15.83 -35.33
N CYS C 364 -17.53 -16.27 -35.92
CA CYS C 364 -18.35 -17.34 -35.36
C CYS C 364 -17.78 -18.73 -35.59
N VAL C 365 -17.07 -18.93 -36.70
CA VAL C 365 -16.55 -20.26 -37.05
C VAL C 365 -15.43 -20.73 -36.10
N SER C 366 -15.40 -22.05 -35.89
CA SER C 366 -14.43 -22.68 -34.99
C SER C 366 -14.37 -22.10 -33.55
N PRO C 367 -15.53 -21.98 -32.88
CA PRO C 367 -15.62 -21.40 -31.52
C PRO C 367 -14.69 -22.02 -30.49
N SER C 368 -14.29 -21.22 -29.50
CA SER C 368 -13.34 -21.65 -28.50
C SER C 368 -13.94 -22.06 -27.15
N GLY C 369 -15.27 -22.18 -27.07
CA GLY C 369 -15.89 -22.57 -25.80
C GLY C 369 -17.06 -23.51 -25.92
N VAL C 370 -17.64 -23.86 -24.79
CA VAL C 370 -18.87 -24.62 -24.77
C VAL C 370 -19.80 -24.01 -23.74
N ARG C 371 -21.09 -24.07 -24.03
CA ARG C 371 -22.09 -23.64 -23.11
C ARG C 371 -22.68 -24.84 -22.40
N ILE C 372 -22.69 -24.78 -21.08
CA ILE C 372 -23.38 -25.77 -20.29
C ILE C 372 -24.36 -25.06 -19.36
N GLY C 373 -25.41 -25.76 -18.96
CA GLY C 373 -26.40 -25.21 -18.04
C GLY C 373 -26.97 -26.29 -17.18
N THR C 374 -27.57 -25.89 -16.06
CA THR C 374 -28.04 -26.80 -15.02
C THR C 374 -29.54 -27.10 -14.87
N PRO C 375 -30.46 -26.36 -15.54
CA PRO C 375 -31.91 -26.66 -15.30
C PRO C 375 -32.32 -28.13 -15.48
N ALA C 376 -31.88 -28.75 -16.58
CA ALA C 376 -32.28 -30.13 -16.90
C ALA C 376 -31.84 -31.15 -15.84
N MET C 377 -30.55 -31.15 -15.49
CA MET C 377 -30.05 -32.01 -14.41
C MET C 377 -30.65 -31.68 -13.05
N THR C 378 -30.93 -30.41 -12.80
CA THR C 378 -31.60 -30.08 -11.54
C THR C 378 -32.97 -30.74 -11.48
N THR C 379 -33.71 -30.69 -12.58
CA THR C 379 -35.03 -31.31 -12.65
C THR C 379 -34.89 -32.81 -12.38
N ARG C 380 -33.75 -33.38 -12.80
CA ARG C 380 -33.52 -34.81 -12.60
C ARG C 380 -33.00 -35.19 -11.20
N GLY C 381 -32.81 -34.20 -10.33
CA GLY C 381 -32.51 -34.47 -8.92
C GLY C 381 -31.09 -34.20 -8.43
N ALA C 382 -30.17 -33.94 -9.34
CA ALA C 382 -28.78 -33.70 -8.96
C ALA C 382 -28.68 -32.54 -7.97
N LYS C 383 -27.81 -32.68 -6.98
CA LYS C 383 -27.57 -31.65 -5.97
C LYS C 383 -26.17 -31.05 -6.13
N GLU C 384 -25.75 -30.18 -5.23
CA GLU C 384 -24.43 -29.55 -5.39
C GLU C 384 -23.29 -30.54 -5.44
N LYS C 385 -23.33 -31.53 -4.55
CA LYS C 385 -22.31 -32.59 -4.49
C LYS C 385 -22.17 -33.33 -5.81
N ASP C 386 -23.23 -33.38 -6.61
CA ASP C 386 -23.23 -34.11 -7.88
C ASP C 386 -22.48 -33.34 -8.94
N MET C 387 -22.30 -32.04 -8.69
CA MET C 387 -21.63 -31.22 -9.65
C MET C 387 -20.17 -31.62 -9.78
N GLU C 388 -19.54 -32.05 -8.69
CA GLU C 388 -18.15 -32.53 -8.75
C GLU C 388 -17.98 -33.62 -9.82
N PHE C 389 -18.88 -34.60 -9.83
CA PHE C 389 -18.89 -35.67 -10.83
C PHE C 389 -19.01 -35.14 -12.27
N ILE C 390 -20.00 -34.26 -12.50
CA ILE C 390 -20.18 -33.65 -13.81
C ILE C 390 -18.95 -32.86 -14.18
N ALA C 391 -18.42 -32.09 -13.23
CA ALA C 391 -17.13 -31.42 -13.46
C ALA C 391 -16.03 -32.43 -13.81
N ASP C 392 -15.92 -33.50 -13.02
CA ASP C 392 -14.93 -34.55 -13.31
C ASP C 392 -15.09 -35.15 -14.73
N VAL C 393 -16.33 -35.54 -15.07
CA VAL C 393 -16.65 -36.04 -16.40
C VAL C 393 -16.22 -35.07 -17.50
N LEU C 394 -16.47 -33.77 -17.31
CA LEU C 394 -16.10 -32.80 -18.35
C LEU C 394 -14.59 -32.61 -18.48
N ALA C 395 -13.90 -32.52 -17.34
CA ALA C 395 -12.42 -32.46 -17.30
C ALA C 395 -11.79 -33.69 -18.02
N ARG C 396 -12.35 -34.86 -17.81
CA ARG C 396 -11.88 -36.09 -18.45
C ARG C 396 -12.14 -36.08 -19.96
N ALA C 397 -13.26 -35.49 -20.39
CA ALA C 397 -13.58 -35.34 -21.82
C ALA C 397 -12.68 -34.34 -22.52
N ILE C 398 -12.27 -33.31 -21.78
CA ILE C 398 -11.34 -32.37 -22.36
C ILE C 398 -9.96 -33.00 -22.52
N LYS C 399 -9.54 -33.78 -21.52
CA LYS C 399 -8.28 -34.52 -21.58
C LYS C 399 -8.25 -35.51 -22.78
N ILE C 400 -9.29 -36.32 -22.90
CA ILE C 400 -9.38 -37.25 -24.04
C ILE C 400 -9.44 -36.52 -25.36
N THR C 401 -10.07 -35.34 -25.37
CA THR C 401 -10.17 -34.52 -26.59
C THR C 401 -8.80 -33.99 -26.99
N VAL C 402 -7.98 -33.63 -25.99
CA VAL C 402 -6.64 -33.09 -26.25
C VAL C 402 -5.75 -34.21 -26.82
N ASP C 403 -5.83 -35.41 -26.23
CA ASP C 403 -5.06 -36.59 -26.67
C ASP C 403 -5.46 -37.11 -28.06
N LEU C 404 -6.76 -37.26 -28.29
CA LEU C 404 -7.29 -37.66 -29.60
C LEU C 404 -7.03 -36.65 -30.71
N GLN C 405 -6.54 -35.47 -30.35
CA GLN C 405 -6.21 -34.45 -31.34
C GLN C 405 -4.73 -34.50 -31.70
N GLU C 406 -3.89 -34.84 -30.72
CA GLU C 406 -2.48 -34.96 -31.00
C GLU C 406 -2.20 -36.28 -31.70
N GLN C 407 -3.12 -37.24 -31.56
CA GLN C 407 -3.02 -38.52 -32.23
C GLN C 407 -3.55 -38.46 -33.67
N TYR C 408 -4.60 -37.67 -33.88
CA TYR C 408 -5.24 -37.61 -35.20
C TYR C 408 -5.13 -36.27 -35.93
N GLY C 409 -4.69 -35.21 -35.26
CA GLY C 409 -4.48 -33.92 -35.92
C GLY C 409 -5.53 -32.83 -35.68
N LYS C 410 -5.27 -31.65 -36.27
CA LYS C 410 -6.05 -30.43 -36.01
C LYS C 410 -7.27 -30.20 -36.94
N LYS C 411 -7.54 -31.15 -37.82
CA LYS C 411 -8.69 -31.05 -38.71
C LYS C 411 -9.85 -31.87 -38.19
N LEU C 412 -11.04 -31.27 -38.20
CA LEU C 412 -12.21 -31.86 -37.57
C LEU C 412 -12.58 -33.27 -38.05
N VAL C 413 -12.51 -33.51 -39.37
CA VAL C 413 -12.92 -34.81 -39.93
C VAL C 413 -11.92 -35.92 -39.55
N ASP C 414 -10.64 -35.55 -39.49
CA ASP C 414 -9.59 -36.43 -38.97
C ASP C 414 -9.86 -36.75 -37.50
N PHE C 415 -9.92 -35.69 -36.66
CA PHE C 415 -10.13 -35.83 -35.22
C PHE C 415 -11.26 -36.80 -34.94
N LYS C 416 -12.37 -36.64 -35.66
CA LYS C 416 -13.58 -37.43 -35.43
C LYS C 416 -13.35 -38.94 -35.50
N LYS C 417 -12.37 -39.36 -36.29
CA LYS C 417 -12.08 -40.79 -36.48
C LYS C 417 -11.57 -41.51 -35.23
N GLY C 418 -11.01 -40.75 -34.29
CA GLY C 418 -10.48 -41.33 -33.04
C GLY C 418 -11.52 -41.80 -32.03
N LEU C 419 -12.74 -41.29 -32.18
CA LEU C 419 -13.82 -41.46 -31.21
C LEU C 419 -14.44 -42.84 -31.19
N PRO C 420 -14.71 -43.42 -32.38
CA PRO C 420 -15.31 -44.75 -32.36
C PRO C 420 -14.37 -45.79 -31.74
N GLY C 421 -14.90 -46.56 -30.80
CA GLY C 421 -14.17 -47.69 -30.20
C GLY C 421 -13.17 -47.32 -29.12
N ASN C 422 -12.90 -46.02 -28.96
CA ASN C 422 -11.98 -45.53 -27.94
C ASN C 422 -12.34 -46.09 -26.57
N ALA C 423 -11.41 -46.87 -26.02
CA ALA C 423 -11.59 -47.60 -24.79
C ALA C 423 -11.99 -46.67 -23.64
N GLN C 424 -11.34 -45.51 -23.58
CA GLN C 424 -11.60 -44.54 -22.52
C GLN C 424 -12.99 -43.91 -22.62
N LEU C 425 -13.39 -43.52 -23.83
CA LEU C 425 -14.75 -43.01 -24.00
C LEU C 425 -15.81 -44.04 -23.65
N GLN C 426 -15.57 -45.30 -24.03
CA GLN C 426 -16.51 -46.39 -23.69
C GLN C 426 -16.59 -46.56 -22.19
N GLN C 427 -15.46 -46.38 -21.52
CA GLN C 427 -15.44 -46.45 -20.06
C GLN C 427 -16.22 -45.24 -19.50
N LEU C 428 -15.96 -44.05 -20.03
CA LEU C 428 -16.55 -42.82 -19.52
C LEU C 428 -18.08 -42.81 -19.74
N LYS C 429 -18.50 -43.21 -20.94
CA LYS C 429 -19.91 -43.43 -21.23
C LYS C 429 -20.64 -44.31 -20.21
N GLN C 430 -20.02 -45.41 -19.79
CA GLN C 430 -20.64 -46.35 -18.85
C GLN C 430 -20.97 -45.70 -17.53
N GLU C 431 -19.99 -45.01 -16.95
CA GLU C 431 -20.17 -44.26 -15.72
C GLU C 431 -21.33 -43.27 -15.86
N VAL C 432 -21.34 -42.53 -16.96
CA VAL C 432 -22.38 -41.54 -17.27
C VAL C 432 -23.75 -42.20 -17.34
N VAL C 433 -23.86 -43.25 -18.17
CA VAL C 433 -25.09 -44.01 -18.37
C VAL C 433 -25.63 -44.57 -17.06
N THR C 434 -24.73 -45.06 -16.20
CA THR C 434 -25.11 -45.71 -14.97
C THR C 434 -25.64 -44.71 -13.99
N TRP C 435 -24.98 -43.55 -13.92
CA TRP C 435 -25.46 -42.52 -13.02
C TRP C 435 -26.69 -41.83 -13.54
N ALA C 436 -26.69 -41.46 -14.82
CA ALA C 436 -27.85 -40.77 -15.45
C ALA C 436 -29.10 -41.64 -15.58
N GLY C 437 -28.90 -42.89 -16.02
CA GLY C 437 -29.99 -43.84 -16.18
C GLY C 437 -30.87 -43.99 -14.95
N ALA C 438 -30.28 -43.81 -13.78
CA ALA C 438 -30.94 -44.16 -12.53
C ALA C 438 -31.55 -42.94 -11.84
N LEU C 439 -31.26 -41.77 -12.38
CA LEU C 439 -31.79 -40.51 -11.86
C LEU C 439 -33.28 -40.34 -12.16
N PRO C 440 -34.01 -39.68 -11.24
CA PRO C 440 -35.39 -39.29 -11.50
C PRO C 440 -35.62 -38.74 -12.92
N PHE C 441 -36.68 -39.21 -13.56
CA PHE C 441 -36.98 -38.90 -14.96
C PHE C 441 -38.47 -38.65 -15.05
N PRO C 442 -38.90 -37.40 -15.32
CA PRO C 442 -40.33 -37.16 -15.45
C PRO C 442 -40.87 -37.65 -16.79
N1 PLG D . 25.37 8.19 23.34
C2 PLG D . 26.52 8.72 23.83
C2A PLG D . 27.07 8.26 25.15
C3 PLG D . 27.19 9.70 23.11
O3 PLG D . 28.35 10.26 23.59
C4 PLG D . 26.69 10.15 21.89
C4A PLG D . 27.36 11.21 21.07
C5 PLG D . 25.51 9.60 21.42
C6 PLG D . 24.85 8.60 22.16
C5A PLG D . 25.08 10.12 20.06
OP4 PLG D . 23.76 10.50 19.73
P PLG D . 23.53 11.17 18.27
OP1 PLG D . 24.48 12.32 18.18
OP2 PLG D . 22.07 11.52 18.42
OP3 PLG D . 23.90 10.12 17.24
C PLG D . 30.16 13.25 21.13
O PLG D . 30.57 12.55 22.09
OXT PLG D . 30.91 14.00 20.45
CA PLG D . 28.68 13.15 20.76
N PLG D . 28.04 12.14 21.59
C1 BME E . 34.39 -8.74 15.31
C2 BME E . 35.70 -8.55 16.06
O1 BME E . 33.34 -9.17 16.20
S2 BME E . 36.55 -7.03 15.53
F32 33G F . 24.01 22.49 28.58
C30 33G F . 24.56 21.84 27.54
C29 33G F . 23.78 21.56 26.43
C28 33G F . 24.35 20.89 25.34
C27 33G F . 25.71 20.52 25.39
C31 33G F . 25.90 21.47 27.60
C26 33G F . 26.48 20.81 26.51
C22 33G F . 27.91 20.40 26.54
C21 33G F . 28.93 21.27 26.91
C20 33G F . 30.24 20.81 26.90
C24 33G F . 31.23 21.55 27.25
N25 33G F . 32.12 22.19 27.57
C19 33G F . 30.53 19.48 26.56
C23 33G F . 28.21 19.08 26.19
C18 33G F . 29.52 18.59 26.17
C4 33G F . 29.80 17.14 25.79
C3 33G F . 30.00 16.34 27.10
C8 33G F . 30.77 16.78 28.05
N9 33G F . 31.46 17.16 28.93
C2 33G F . 29.39 15.15 27.30
N7 33G F . 29.83 14.33 28.25
C14 33G F . 30.94 16.90 24.80
C17 33G F . 31.69 18.12 24.29
C16 33G F . 32.98 17.57 24.90
C15 33G F . 32.24 16.32 25.37
C5 33G F . 28.60 16.61 25.04
C10 33G F . 27.85 17.04 23.80
C13 33G F . 28.13 18.25 22.95
N11 33G F . 26.85 16.15 23.59
N12 33G F . 26.82 15.11 24.57
C6 33G F . 27.86 15.40 25.39
O1 33G F . 28.26 14.69 26.49
CL CL G . 20.61 9.46 5.82
N1 PLG H . 2.90 13.45 9.13
C2 PLG H . 2.04 12.92 8.24
C2A PLG H . 0.77 13.67 7.93
C3 PLG H . 2.33 11.69 7.64
O3 PLG H . 1.45 11.14 6.73
C4 PLG H . 3.52 11.00 7.96
C4A PLG H . 3.81 9.67 7.31
C5 PLG H . 4.40 11.59 8.87
C6 PLG H . 4.04 12.81 9.45
C5A PLG H . 5.69 10.95 9.38
OP4 PLG H . 6.82 10.90 8.52
P PLG H . 8.04 9.85 8.83
OP1 PLG H . 8.28 9.78 10.30
OP2 PLG H . 7.53 8.53 8.33
OP3 PLG H . 9.10 10.50 7.95
C PLG H . 2.21 7.56 4.78
O PLG H . 2.35 6.62 3.97
OXT PLG H . 1.28 8.37 4.61
CA PLG H . 3.19 7.75 5.96
N PLG H . 2.94 9.05 6.63
C1 BME I . 6.74 28.04 -5.80
C2 BME I . 6.89 26.53 -5.65
O1 BME I . 7.30 28.65 -4.62
S2 BME I . 6.32 25.62 -7.11
F32 33G J . -2.41 0.28 15.41
C30 33G J . -1.61 0.70 14.42
C29 33G J . -0.23 0.89 14.64
C28 33G J . 0.57 1.32 13.60
C27 33G J . 0.03 1.58 12.34
C31 33G J . -2.15 0.95 13.17
C26 33G J . -1.34 1.39 12.13
C22 33G J . -1.95 1.64 10.81
C21 33G J . -2.79 0.67 10.29
C20 33G J . -3.37 0.86 9.05
C24 33G J . -4.14 -0.05 8.60
N25 33G J . -4.84 -0.86 8.17
C19 33G J . -3.14 2.01 8.32
C23 33G J . -1.71 2.81 10.08
C18 33G J . -2.29 3.02 8.82
C4 33G J . -2.01 4.30 8.04
C3 33G J . -3.11 5.34 8.35
C8 33G J . -4.33 4.98 8.30
N9 33G J . -5.48 4.67 8.24
C2 33G J . -2.81 6.63 8.64
N7 33G J . -3.75 7.58 8.55
C14 33G J . -1.86 4.01 6.53
C17 33G J . -3.10 3.74 5.69
C16 33G J . -2.82 4.97 4.84
C15 33G J . -1.58 5.25 5.68
C5 33G J . -0.67 4.84 8.47
C10 33G J . 0.71 4.26 8.52
C13 33G J . 1.11 2.85 8.14
N11 33G J . 1.54 5.22 8.98
N12 33G J . 0.87 6.44 9.28
C6 33G J . -0.42 6.20 8.96
O1 33G J . -1.47 7.06 9.06
N1 PLG K . -34.88 -16.04 -27.30
C2 PLG K . -33.77 -16.51 -26.72
C2A PLG K . -33.00 -15.61 -25.79
C3 PLG K . -33.34 -17.82 -26.99
O3 PLG K . -32.19 -18.27 -26.40
C4 PLG K . -34.07 -18.63 -27.86
C4A PLG K . -33.60 -20.02 -28.16
C5 PLG K . -35.24 -18.10 -28.43
C6 PLG K . -35.61 -16.79 -28.13
C5A PLG K . -36.11 -18.82 -29.45
OP4 PLG K . -37.04 -19.78 -29.00
P PLG K . -37.67 -20.86 -30.06
OP1 PLG K . -36.60 -21.90 -30.25
OP2 PLG K . -37.93 -20.11 -31.34
OP3 PLG K . -38.80 -21.36 -29.21
C PLG K . -30.85 -22.15 -27.14
O PLG K . -30.40 -21.27 -26.37
OXT PLG K . -30.45 -23.34 -27.05
CA PLG K . -31.90 -21.74 -28.18
N PLG K . -32.41 -20.39 -27.91
C1 BME L . -42.86 -17.59 -8.55
C2 BME L . -41.59 -17.56 -7.73
O1 BME L . -43.60 -16.38 -8.36
S2 BME L . -40.65 -19.09 -7.97
F32 33G M . -25.20 -18.36 -38.93
C30 33G M . -25.85 -19.11 -38.04
C29 33G M . -27.14 -19.59 -38.32
C28 33G M . -27.80 -20.36 -37.37
C27 33G M . -27.19 -20.66 -36.15
C31 33G M . -25.24 -19.41 -36.83
C26 33G M . -25.91 -20.18 -35.88
C22 33G M . -25.23 -20.46 -34.60
C21 33G M . -23.90 -20.86 -34.59
C20 33G M . -23.27 -21.11 -33.39
C24 33G M . -22.04 -21.47 -33.39
N25 33G M . -20.93 -21.74 -33.40
C19 33G M . -23.96 -20.95 -32.18
C23 33G M . -25.92 -20.30 -33.39
C18 33G M . -25.31 -20.55 -32.16
C4 33G M . -26.09 -20.38 -30.84
C3 33G M . -25.60 -19.12 -30.08
C8 33G M . -24.38 -18.95 -29.78
N9 33G M . -23.25 -18.76 -29.50
C2 33G M . -26.45 -18.13 -29.71
N7 33G M . -25.99 -17.07 -29.04
C14 33G M . -25.98 -21.63 -29.93
C17 33G M . -26.23 -22.94 -30.66
C16 33G M . -24.83 -23.43 -30.35
C15 33G M . -24.59 -22.11 -29.60
C5 33G M . -27.58 -20.23 -31.16
C10 33G M . -28.60 -21.06 -31.90
C13 33G M . -28.37 -22.39 -32.62
N11 33G M . -29.79 -20.41 -31.86
N12 33G M . -29.71 -19.20 -31.15
C6 33G M . -28.43 -19.12 -30.75
O1 33G M . -27.88 -18.11 -30.02
CL CL N . -47.75 -28.65 -29.69
#